data_9G77
#
_entry.id   9G77
#
_cell.length_a   1.00
_cell.length_b   1.00
_cell.length_c   1.00
_cell.angle_alpha   90.00
_cell.angle_beta   90.00
_cell.angle_gamma   90.00
#
_symmetry.space_group_name_H-M   'P 1'
#
loop_
_entity.id
_entity.type
_entity.pdbx_description
1 polymer 'DNA polymerase subunit gamma-1'
2 polymer 'DNA polymerase subunit gamma-2'
3 polymer 'DNA (primer strand)'
4 polymer 'DNA (template strand)'
5 non-polymer 'CALCIUM ION'
6 non-polymer "2'-DEOXYCYTIDINE-5'-TRIPHOSPHATE"
#
loop_
_entity_poly.entity_id
_entity_poly.type
_entity_poly.pdbx_seq_one_letter_code
_entity_poly.pdbx_strand_id
1 'polypeptide(L)'
;MHHHHHHVSSSVLDPVPSDGRPPSQMPSSENGQLRLNPLLIQMLSRGLHEQIFGCGGEMPDEAAVQRSVEHLQKHGLWGQ
PATPLPDVELRLPRLFGGNLDQHFRLLAQKQSLPYLEAAASLLEAQLPPEPKSWAWAEGWTRYGPEGEAEPVAIPEERAL
VFDVEVCLAEGTCPTLAVAISPSAWYSWCSRRLVEERYSWTSQLSPADLIPLGGSTSASSSTKQDGQEQLVVGHNVSFDR
AHIREQYLIQDSRMRFLDTMSMHMAISGLSSFQRSLWMGAKQGKHKTQQSTKRGQKSPRKANGPAISSWDWMDISSANNL
ADVHNLYVGGPPLEKEPRELFVKGSMRDIRENFQDLMQYCARDVWATFEVFQQQLPLFLERCPHPVTLAGMLEMGVSYLP
VNQNWERYLTEAQNTYEELQREMKKSLMDLANDACQLLSGERYKEDPWLWDLEWDLQEFKQKKAKKVKKPASASKLPIEG
AGPFGDPMDQEDPGPPSEEEELQRSVTAHNRLQQLRSTTDLLPKRPQHLPGHPGWYRKLCPRLDDPAWAPGPSLLSLQMR
VTPKLMALTWDGFPLHYSDSHGWGYLVPGRRDNLTEPPVSPTVESAAVTCPYRAIESLYRKHCLEQGKQQLEPQEVDLAE
EFLLTDSSAMWQTVEELGCLDVEAEAKMENSGLSQPLVLPAACAPKSSQPTYHHGNGPYNDVNIPGCWFFKLPHKDGNNY
NVGSPFAKDFLPKMEDGTLQAGPGGASGPRALEINKMISFWRNAHKRISSQMVVWLPRSALPRVVTRHPSFDEEGHYGAI
LPQVVTAGTITRRAVEPTWLTASNARPDRVGSELKAMVQAPPGYVLVGADVDSQELWIAAVLGDAHFAGMHGCTAFGWMT
LQGRKSRGTDLHSKTAATVGISREHAKIFNYGRIYGAGQSFAERLLMQFNHRLTRQEAAEKAQQMYAVTKGLRRYRLSAD
GEWLVKQLNLPVDRTEDGWVSLQDLRMIRREASRKSRWKKWEVASERAWTGGTESEMFNKLESIAMSDTPRTPVLGCCIS
RALEPSVVQGEFITSRVNWVVQSSAVDYLHLMLVAMKWLFEEFAIDGRFCISIHDEVRYLVREEDRYRAALALQITNLLT
RCMFAYKLGLNDLPQSVAFFSAVDIDQCLRKEVTMDCKTPSNPTGMERRYGIPQGEALDIYQIIELTKGSLEKRSQPGP
;
A
2 'polypeptide(L)'
;MWLSGYAGPADGTQQPDAPEHAVAREALVDLCRRRHFFSGTPQQLSTAALLSGCHARFGPLGVELRKNLASQWWSSMVVF
REQVFAVDSLHQEPGSSQPRDSAFRLVSPESIREILQDREPSKEQLVAFLENLLKTSGKLRATLLHGALEHYVNCLDLVN
RKLPFGLAQIGVCFHPVSNSNQTPSSVTRVGEKTEASLVWFTPTRTSSQWLDFWLRHRLLWWRKFAMSPSNFSSADCQDE
LGRKGSKLYYSFPWGKEPIETLWNLGDQELLHTYPGNVSTIQGRDGRKNVVPCVLSVSGDVDLGTLAYLYDSFQLAENSF
ARKKSLQRKVLKLHPCLAPIKVALDVGKGPTVELRQVCQGLLNELLENGISVWPGYSETVHSSLEQLHSKYDEMSVLFSV
LVTETTLENGLIQLRSRDTTMKEMMHISKLRDFLVKYLASASNVHHHHHH
;
B,C
3 'polydeoxyribonucleotide'
;(DG)(DC)(DA)(DT)(DG)(DC)(DG)(DG)(DT)(DC)(DG)(DA)(DG)(DT)(DC)(DT)(DA)(DG)(DA)(DG)
(DG)(DA)(DG)(DC)(DT)
;
P
4 'polydeoxyribonucleotide'
;(DT)(DT)(DT)(DT)(DT)(DT)(DT)(DT)(DT)(DT)(DA)(DT)(DC)(DC)(DG)(DG)(DG)(DC)(DT)(DC)
(DC)(DT)(DC)(DT)(DA)(DG)(DA)(DC)(DT)(DC)(DG)(DA)(DC)(DC)(DG)(DC)(DA)(DT)(DG)(DC)
;
T
#
loop_
_chem_comp.id
_chem_comp.type
_chem_comp.name
_chem_comp.formula
CA non-polymer 'CALCIUM ION' 'Ca 2'
DA DNA linking 2'-DEOXYADENOSINE-5'-MONOPHOSPHATE 'C10 H14 N5 O6 P'
DC DNA linking 2'-DEOXYCYTIDINE-5'-MONOPHOSPHATE 'C9 H14 N3 O7 P'
DCP non-polymer 2'-DEOXYCYTIDINE-5'-TRIPHOSPHATE 'C9 H16 N3 O13 P3'
DG DNA linking 2'-DEOXYGUANOSINE-5'-MONOPHOSPHATE 'C10 H14 N5 O7 P'
DT DNA linking THYMIDINE-5'-MONOPHOSPHATE 'C10 H15 N2 O8 P'
#
# COMPACT_ATOMS: atom_id res chain seq x y z
N GLY A 32 -57.23 28.06 1.80
CA GLY A 32 -56.11 27.13 1.79
C GLY A 32 -54.76 27.81 1.88
N GLN A 33 -53.71 27.00 1.98
CA GLN A 33 -52.34 27.49 2.07
C GLN A 33 -51.61 27.46 0.73
N LEU A 34 -52.32 27.21 -0.36
CA LEU A 34 -51.71 27.10 -1.68
C LEU A 34 -51.88 28.40 -2.44
N ARG A 35 -50.78 28.96 -2.92
CA ARG A 35 -50.78 30.14 -3.77
C ARG A 35 -50.17 29.78 -5.12
N LEU A 36 -50.71 30.39 -6.18
CA LEU A 36 -50.28 30.10 -7.54
C LEU A 36 -49.82 31.37 -8.23
N ASN A 37 -49.45 31.22 -9.50
CA ASN A 37 -48.90 32.27 -10.33
C ASN A 37 -49.66 32.31 -11.66
N PRO A 38 -49.76 33.48 -12.30
CA PRO A 38 -50.39 33.55 -13.62
C PRO A 38 -49.73 32.65 -14.67
N LEU A 39 -48.60 32.05 -14.34
CA LEU A 39 -47.95 31.13 -15.26
C LEU A 39 -48.12 29.73 -14.71
N LEU A 40 -48.94 29.60 -13.66
CA LEU A 40 -49.22 28.29 -13.07
C LEU A 40 -48.01 27.72 -12.34
N ILE A 41 -47.21 28.58 -11.73
CA ILE A 41 -46.07 28.11 -10.95
C ILE A 41 -46.42 28.28 -9.49
N GLN A 42 -46.32 27.22 -8.72
CA GLN A 42 -46.67 27.27 -7.30
C GLN A 42 -45.78 28.28 -6.59
N MET A 43 -46.40 29.20 -5.86
CA MET A 43 -45.68 30.26 -5.15
C MET A 43 -45.61 29.91 -3.66
N LEU A 44 -45.07 30.81 -2.88
CA LEU A 44 -44.91 30.51 -1.47
C LEU A 44 -46.26 30.45 -0.77
N SER A 45 -46.34 29.72 0.32
CA SER A 45 -47.56 29.51 1.07
C SER A 45 -47.98 30.81 1.77
N ARG A 46 -49.26 30.92 2.04
CA ARG A 46 -49.73 32.14 2.64
C ARG A 46 -49.06 32.39 3.98
N GLY A 47 -49.01 31.39 4.83
CA GLY A 47 -48.46 31.61 6.16
C GLY A 47 -47.08 32.25 6.13
N LEU A 48 -46.20 31.73 5.26
CA LEU A 48 -44.86 32.30 5.14
C LEU A 48 -44.88 33.61 4.36
N HIS A 49 -45.74 33.71 3.36
CA HIS A 49 -45.79 34.93 2.54
C HIS A 49 -46.23 36.13 3.36
N GLU A 50 -47.23 35.96 4.22
CA GLU A 50 -47.69 37.07 5.06
C GLU A 50 -46.62 37.49 6.06
N GLN A 51 -45.80 36.54 6.53
CA GLN A 51 -44.73 36.86 7.47
C GLN A 51 -43.58 37.57 6.78
N ILE A 52 -43.24 37.17 5.56
CA ILE A 52 -42.06 37.70 4.88
C ILE A 52 -42.42 38.93 4.05
N PHE A 53 -43.28 38.74 3.05
CA PHE A 53 -43.60 39.82 2.11
C PHE A 53 -44.80 40.65 2.54
N GLY A 54 -45.42 40.33 3.67
CA GLY A 54 -46.59 41.07 4.11
C GLY A 54 -47.84 40.72 3.32
N CYS A 55 -48.86 41.55 3.51
CA CYS A 55 -50.14 41.36 2.85
C CYS A 55 -50.34 42.39 1.74
N GLY A 56 -51.45 42.27 1.02
CA GLY A 56 -51.78 43.19 -0.04
C GLY A 56 -51.21 42.79 -1.39
N GLY A 57 -49.91 42.97 -1.57
CA GLY A 57 -49.29 42.64 -2.84
C GLY A 57 -49.71 43.60 -3.94
N GLU A 58 -49.67 43.12 -5.17
CA GLU A 58 -50.06 43.91 -6.32
C GLU A 58 -50.54 42.97 -7.42
N MET A 59 -51.63 43.35 -8.08
CA MET A 59 -52.17 42.54 -9.17
C MET A 59 -51.21 42.54 -10.35
N PRO A 60 -50.92 41.38 -10.95
CA PRO A 60 -50.01 41.35 -12.10
C PRO A 60 -50.61 42.07 -13.30
N ASP A 61 -49.72 42.68 -14.09
CA ASP A 61 -50.15 43.39 -15.28
C ASP A 61 -50.58 42.43 -16.37
N GLU A 62 -51.67 42.76 -17.06
CA GLU A 62 -52.19 41.89 -18.10
C GLU A 62 -51.21 41.77 -19.26
N ALA A 63 -50.58 42.89 -19.66
CA ALA A 63 -49.69 42.88 -20.80
C ALA A 63 -48.47 41.99 -20.55
N ALA A 64 -47.88 42.10 -19.36
CA ALA A 64 -46.71 41.29 -19.04
C ALA A 64 -47.05 39.80 -19.03
N VAL A 65 -48.20 39.45 -18.45
CA VAL A 65 -48.61 38.05 -18.42
C VAL A 65 -48.89 37.54 -19.83
N GLN A 66 -49.51 38.36 -20.68
CA GLN A 66 -49.77 37.96 -22.05
C GLN A 66 -48.47 37.75 -22.81
N ARG A 67 -47.50 38.65 -22.64
CA ARG A 67 -46.22 38.49 -23.31
C ARG A 67 -45.49 37.24 -22.84
N SER A 68 -45.52 36.97 -21.52
CA SER A 68 -44.89 35.77 -21.01
C SER A 68 -45.56 34.51 -21.54
N VAL A 69 -46.90 34.52 -21.61
CA VAL A 69 -47.62 33.37 -22.16
C VAL A 69 -47.26 33.15 -23.62
N GLU A 70 -47.19 34.22 -24.40
CA GLU A 70 -46.81 34.09 -25.81
C GLU A 70 -45.40 33.55 -25.94
N HIS A 71 -44.46 34.05 -25.13
CA HIS A 71 -43.09 33.59 -25.19
C HIS A 71 -42.98 32.11 -24.83
N LEU A 72 -43.71 31.68 -23.80
CA LEU A 72 -43.66 30.27 -23.42
C LEU A 72 -44.35 29.39 -24.46
N GLN A 73 -45.42 29.88 -25.07
CA GLN A 73 -46.11 29.11 -26.10
C GLN A 73 -45.24 28.95 -27.35
N LYS A 74 -44.49 29.99 -27.71
CA LYS A 74 -43.61 29.89 -28.88
C LYS A 74 -42.54 28.82 -28.69
N HIS A 75 -42.08 28.62 -27.46
CA HIS A 75 -41.11 27.58 -27.15
C HIS A 75 -41.74 26.28 -26.68
N GLY A 76 -43.07 26.20 -26.66
CA GLY A 76 -43.75 25.00 -26.21
C GLY A 76 -43.57 24.69 -24.73
N LEU A 77 -43.54 25.73 -23.88
CA LEU A 77 -43.35 25.56 -22.45
C LEU A 77 -44.54 26.09 -21.66
N TRP A 78 -45.73 26.08 -22.26
CA TRP A 78 -46.93 26.59 -21.61
C TRP A 78 -48.00 25.50 -21.56
N GLY A 79 -48.69 25.42 -20.43
CA GLY A 79 -49.73 24.44 -20.24
C GLY A 79 -49.25 23.08 -19.78
N GLN A 80 -47.95 22.90 -19.56
CA GLN A 80 -47.43 21.62 -19.11
C GLN A 80 -47.89 21.33 -17.68
N PRO A 81 -48.14 20.06 -17.36
CA PRO A 81 -48.56 19.72 -16.01
C PRO A 81 -47.45 19.94 -14.99
N ALA A 82 -47.86 20.21 -13.75
CA ALA A 82 -46.92 20.45 -12.66
C ALA A 82 -47.59 20.02 -11.37
N THR A 83 -47.07 18.98 -10.75
CA THR A 83 -47.64 18.47 -9.50
C THR A 83 -47.36 19.43 -8.36
N PRO A 84 -48.38 19.95 -7.67
CA PRO A 84 -48.13 20.88 -6.58
C PRO A 84 -47.42 20.21 -5.41
N LEU A 85 -46.62 21.00 -4.69
CA LEU A 85 -45.91 20.51 -3.52
C LEU A 85 -46.73 20.74 -2.25
N PRO A 86 -46.55 19.91 -1.23
CA PRO A 86 -47.29 20.10 0.02
C PRO A 86 -47.01 21.47 0.64
N ASP A 87 -48.05 22.08 1.18
CA ASP A 87 -47.93 23.40 1.78
C ASP A 87 -47.13 23.33 3.07
N VAL A 88 -46.39 24.41 3.33
CA VAL A 88 -45.54 24.50 4.52
C VAL A 88 -46.00 25.70 5.35
N GLU A 89 -46.23 25.47 6.63
CA GLU A 89 -46.62 26.51 7.56
C GLU A 89 -45.63 26.53 8.71
N LEU A 90 -45.11 27.71 9.03
CA LEU A 90 -44.09 27.83 10.06
C LEU A 90 -44.14 29.24 10.63
N ARG A 91 -43.94 29.35 11.94
CA ARG A 91 -43.91 30.65 12.62
C ARG A 91 -42.46 31.15 12.61
N LEU A 92 -42.15 32.03 11.66
CA LEU A 92 -40.81 32.57 11.56
C LEU A 92 -40.52 33.52 12.72
N PRO A 93 -39.26 33.70 13.08
CA PRO A 93 -38.92 34.67 14.13
C PRO A 93 -39.22 36.10 13.68
N ARG A 94 -39.35 36.98 14.67
CA ARG A 94 -39.73 38.37 14.42
C ARG A 94 -38.73 39.04 13.48
N LEU A 95 -39.21 39.45 12.31
CA LEU A 95 -38.39 40.15 11.33
C LEU A 95 -38.38 41.64 11.66
N PHE A 96 -37.24 42.14 12.14
CA PHE A 96 -37.14 43.53 12.53
C PHE A 96 -37.25 44.44 11.32
N GLY A 97 -37.75 45.65 11.55
CA GLY A 97 -37.93 46.62 10.49
C GLY A 97 -39.20 46.40 9.69
N GLY A 98 -39.35 47.18 8.63
CA GLY A 98 -40.49 46.98 7.76
C GLY A 98 -40.30 45.83 6.79
N ASN A 99 -39.36 45.95 5.87
CA ASN A 99 -39.13 44.90 4.88
C ASN A 99 -38.08 43.88 5.31
N LEU A 100 -37.79 42.93 4.44
CA LEU A 100 -36.78 41.90 4.76
C LEU A 100 -35.41 42.53 4.69
N ASP A 101 -35.28 43.57 3.88
CA ASP A 101 -33.98 44.20 3.72
C ASP A 101 -33.53 44.88 5.00
N GLN A 102 -34.45 45.59 5.67
CA GLN A 102 -34.09 46.25 6.92
C GLN A 102 -33.73 45.25 8.01
N HIS A 103 -34.38 44.08 8.01
CA HIS A 103 -34.04 43.05 8.97
C HIS A 103 -32.59 42.60 8.80
N PHE A 104 -32.19 42.30 7.55
CA PHE A 104 -30.81 41.90 7.29
C PHE A 104 -29.84 43.02 7.60
N ARG A 105 -30.20 44.26 7.28
CA ARG A 105 -29.33 45.39 7.59
C ARG A 105 -29.09 45.51 9.10
N LEU A 106 -30.17 45.40 9.88
CA LEU A 106 -30.02 45.46 11.34
C LEU A 106 -29.18 44.31 11.86
N LEU A 107 -29.40 43.10 11.33
CA LEU A 107 -28.61 41.96 11.79
C LEU A 107 -27.13 42.16 11.49
N ALA A 108 -26.81 42.60 10.27
CA ALA A 108 -25.41 42.81 9.91
C ALA A 108 -24.78 43.93 10.73
N GLN A 109 -25.53 45.02 10.95
CA GLN A 109 -24.98 46.12 11.75
C GLN A 109 -24.75 45.70 13.20
N LYS A 110 -25.63 44.85 13.74
CA LYS A 110 -25.41 44.34 15.09
C LYS A 110 -24.21 43.41 15.14
N GLN A 111 -24.02 42.60 14.09
CA GLN A 111 -22.88 41.68 14.06
C GLN A 111 -21.56 42.39 13.78
N SER A 112 -21.58 43.47 13.00
CA SER A 112 -20.36 44.14 12.58
C SER A 112 -20.08 45.42 13.36
N LEU A 113 -20.79 45.67 14.45
CA LEU A 113 -20.58 46.89 15.23
C LEU A 113 -19.28 46.83 16.04
N PRO A 114 -19.07 45.79 16.88
CA PRO A 114 -17.85 45.79 17.72
C PRO A 114 -16.55 45.67 16.93
N TYR A 115 -16.61 45.20 15.69
CA TYR A 115 -15.40 45.11 14.87
C TYR A 115 -15.17 46.39 14.07
N LEU A 116 -16.24 47.00 13.57
CA LEU A 116 -16.10 48.30 12.91
C LEU A 116 -15.66 49.37 13.90
N GLU A 117 -16.06 49.27 15.16
CA GLU A 117 -15.56 50.21 16.17
C GLU A 117 -14.06 50.11 16.31
N ALA A 118 -13.53 48.88 16.39
CA ALA A 118 -12.09 48.70 16.49
C ALA A 118 -11.38 49.13 15.22
N ALA A 119 -12.00 48.89 14.06
CA ALA A 119 -11.41 49.34 12.80
C ALA A 119 -11.32 50.86 12.74
N ALA A 120 -12.38 51.55 13.17
CA ALA A 120 -12.35 53.01 13.22
C ALA A 120 -11.33 53.51 14.23
N SER A 121 -11.18 52.82 15.36
CA SER A 121 -10.14 53.19 16.33
C SER A 121 -8.75 53.06 15.72
N LEU A 122 -8.53 51.98 14.95
CA LEU A 122 -7.26 51.83 14.25
C LEU A 122 -7.05 52.95 13.23
N LEU A 123 -8.12 53.31 12.50
CA LEU A 123 -8.00 54.39 11.52
C LEU A 123 -7.62 55.71 12.19
N GLU A 124 -8.20 55.98 13.35
CA GLU A 124 -7.95 57.24 14.03
C GLU A 124 -6.81 57.14 15.03
N ALA A 125 -6.17 55.99 15.08
CA ALA A 125 -5.08 55.81 16.04
C ALA A 125 -3.83 56.59 15.62
N GLN A 126 -3.16 57.17 16.61
CA GLN A 126 -1.85 57.77 16.43
C GLN A 126 -0.81 56.89 17.10
N LEU A 127 0.27 56.58 16.37
CA LEU A 127 1.23 55.58 16.83
C LEU A 127 2.63 56.17 16.80
N PRO A 128 3.39 56.05 17.89
CA PRO A 128 4.78 56.51 17.90
C PRO A 128 5.63 55.71 16.94
N PRO A 129 6.80 56.21 16.56
CA PRO A 129 7.66 55.49 15.60
C PRO A 129 8.12 54.14 16.13
N GLU A 130 8.78 53.39 15.24
CA GLU A 130 9.21 52.05 15.56
C GLU A 130 10.27 52.07 16.67
N PRO A 131 10.25 51.08 17.56
CA PRO A 131 11.26 51.02 18.62
C PRO A 131 12.65 50.81 18.05
N LYS A 132 13.64 51.37 18.76
CA LYS A 132 15.02 51.28 18.31
C LYS A 132 15.56 49.85 18.42
N SER A 133 15.36 49.21 19.56
CA SER A 133 15.89 47.88 19.81
C SER A 133 14.79 46.99 20.36
N TRP A 134 14.50 45.89 19.65
CA TRP A 134 13.50 44.94 20.09
C TRP A 134 14.07 44.04 21.19
N ALA A 135 13.17 43.51 22.01
CA ALA A 135 13.57 42.66 23.12
C ALA A 135 13.85 41.23 22.63
N TRP A 136 14.19 40.36 23.57
CA TRP A 136 14.54 38.97 23.26
C TRP A 136 13.86 37.95 24.15
N ALA A 137 13.28 38.35 25.28
CA ALA A 137 12.66 37.40 26.19
C ALA A 137 11.39 36.80 25.58
N GLU A 138 11.01 35.65 26.11
CA GLU A 138 9.83 34.94 25.62
C GLU A 138 8.55 35.72 25.95
N GLY A 139 7.53 35.52 25.13
CA GLY A 139 6.24 36.15 25.34
C GLY A 139 6.15 37.52 24.67
N TRP A 140 4.93 38.06 24.71
CA TRP A 140 4.69 39.37 24.12
C TRP A 140 5.41 40.45 24.91
N THR A 141 5.93 41.44 24.18
CA THR A 141 6.62 42.58 24.78
C THR A 141 5.95 43.86 24.31
N ARG A 142 5.67 44.76 25.26
CA ARG A 142 5.00 46.02 24.96
C ARG A 142 6.03 47.14 24.89
N TYR A 143 6.02 47.88 23.79
CA TYR A 143 6.98 48.95 23.55
C TYR A 143 6.22 50.28 23.54
N GLY A 144 6.26 50.99 24.65
CA GLY A 144 5.60 52.27 24.76
C GLY A 144 6.42 53.39 24.18
N PRO A 145 6.36 54.57 24.79
CA PRO A 145 7.14 55.71 24.31
C PRO A 145 8.63 55.47 24.48
N GLU A 146 9.40 56.06 23.56
CA GLU A 146 10.86 56.00 23.55
C GLU A 146 11.39 54.57 23.45
N GLY A 147 10.57 53.65 22.95
CA GLY A 147 11.00 52.28 22.75
C GLY A 147 11.38 51.54 24.02
N GLU A 148 10.57 51.68 25.07
CA GLU A 148 10.84 51.02 26.34
C GLU A 148 10.18 49.64 26.34
N ALA A 149 10.99 48.61 26.55
CA ALA A 149 10.50 47.24 26.53
C ALA A 149 9.74 46.91 27.82
N GLU A 150 8.68 46.13 27.69
CA GLU A 150 7.89 45.69 28.83
C GLU A 150 7.14 44.41 28.48
N PRO A 151 7.40 43.31 29.18
CA PRO A 151 6.75 42.03 28.84
C PRO A 151 5.29 42.00 29.27
N VAL A 152 4.46 41.40 28.41
CA VAL A 152 3.04 41.22 28.67
C VAL A 152 2.64 39.83 28.23
N ALA A 153 1.74 39.19 28.99
CA ALA A 153 1.25 37.88 28.61
C ALA A 153 0.44 37.94 27.32
N ILE A 154 -0.42 38.96 27.20
CA ILE A 154 -1.23 39.15 26.00
C ILE A 154 -1.29 40.64 25.68
N PRO A 155 -1.54 40.99 24.41
CA PRO A 155 -1.61 42.41 24.05
C PRO A 155 -2.67 43.18 24.81
N GLU A 156 -3.76 42.56 25.21
CA GLU A 156 -4.76 43.27 25.98
C GLU A 156 -5.29 44.47 25.19
N GLU A 157 -5.60 44.25 23.93
CA GLU A 157 -6.10 45.34 23.10
C GLU A 157 -7.22 44.83 22.19
N ARG A 158 -8.11 45.76 21.82
CA ARG A 158 -9.27 45.39 21.00
C ARG A 158 -8.89 45.13 19.55
N ALA A 159 -8.00 45.95 18.99
CA ALA A 159 -7.65 45.86 17.58
C ALA A 159 -6.15 45.76 17.42
N LEU A 160 -5.71 44.99 16.42
CA LEU A 160 -4.30 44.80 16.16
C LEU A 160 -4.09 44.60 14.67
N VAL A 161 -2.85 44.84 14.23
CA VAL A 161 -2.39 44.51 12.88
C VAL A 161 -1.30 43.47 13.02
N PHE A 162 -1.47 42.34 12.33
CA PHE A 162 -0.69 41.15 12.61
C PHE A 162 0.20 40.77 11.44
N ASP A 163 1.33 40.15 11.76
CA ASP A 163 2.26 39.63 10.76
C ASP A 163 3.11 38.57 11.44
N VAL A 164 3.06 37.34 10.93
CA VAL A 164 3.67 36.19 11.60
C VAL A 164 4.81 35.66 10.73
N GLU A 165 5.96 35.44 11.36
CA GLU A 165 7.13 34.85 10.71
C GLU A 165 7.40 33.48 11.31
N VAL A 166 7.48 32.49 10.43
CA VAL A 166 7.73 31.12 10.86
C VAL A 166 8.94 30.56 10.15
N CYS A 167 9.82 29.90 10.90
CA CYS A 167 11.00 29.26 10.33
C CYS A 167 10.58 28.01 9.59
N LEU A 168 10.62 28.06 8.25
CA LEU A 168 10.15 26.94 7.44
C LEU A 168 10.97 25.68 7.69
N ALA A 169 12.30 25.83 7.83
CA ALA A 169 13.14 24.67 8.06
C ALA A 169 12.82 24.01 9.39
N GLU A 170 12.60 24.81 10.44
CA GLU A 170 12.32 24.24 11.75
C GLU A 170 10.95 23.55 11.80
N GLY A 171 9.95 24.11 11.14
CA GLY A 171 8.63 23.54 11.16
C GLY A 171 7.57 24.58 10.88
N THR A 172 6.33 24.22 11.19
CA THR A 172 5.20 25.12 10.99
C THR A 172 4.92 26.01 12.21
N CYS A 173 5.63 25.79 13.32
CA CYS A 173 5.42 26.62 14.49
C CYS A 173 5.94 28.04 14.23
N PRO A 174 5.16 29.06 14.59
CA PRO A 174 5.64 30.44 14.39
C PRO A 174 6.88 30.73 15.21
N THR A 175 7.75 31.58 14.65
CA THR A 175 9.01 31.93 15.29
C THR A 175 8.92 33.29 16.00
N LEU A 176 8.56 34.34 15.28
CA LEU A 176 8.42 35.66 15.86
C LEU A 176 7.22 36.36 15.22
N ALA A 177 6.67 37.33 15.95
CA ALA A 177 5.52 38.08 15.49
C ALA A 177 5.57 39.49 16.04
N VAL A 178 5.27 40.47 15.18
CA VAL A 178 5.24 41.87 15.55
C VAL A 178 3.85 42.41 15.24
N ALA A 179 3.22 43.03 16.24
CA ALA A 179 1.88 43.59 16.09
C ALA A 179 1.86 45.01 16.65
N ILE A 180 1.01 45.84 16.04
CA ILE A 180 0.86 47.23 16.46
C ILE A 180 -0.52 47.42 17.06
N SER A 181 -0.60 48.33 18.02
CA SER A 181 -1.82 48.69 18.72
C SER A 181 -1.95 50.20 18.76
N PRO A 182 -3.17 50.71 18.88
CA PRO A 182 -3.33 52.17 19.05
C PRO A 182 -2.59 52.72 20.26
N SER A 183 -2.41 51.91 21.30
CA SER A 183 -1.69 52.37 22.49
C SER A 183 -0.18 52.33 22.27
N ALA A 184 0.37 51.16 21.98
CA ALA A 184 1.81 51.01 21.85
C ALA A 184 2.13 49.82 20.96
N TRP A 185 3.39 49.75 20.53
CA TRP A 185 3.85 48.64 19.71
C TRP A 185 3.95 47.36 20.55
N TYR A 186 3.89 46.23 19.86
CA TYR A 186 4.02 44.93 20.49
C TYR A 186 4.91 44.03 19.65
N SER A 187 5.53 43.06 20.29
CA SER A 187 6.35 42.07 19.60
C SER A 187 6.28 40.76 20.39
N TRP A 188 6.50 39.65 19.69
CA TRP A 188 6.42 38.33 20.32
C TRP A 188 7.41 37.40 19.63
N CYS A 189 8.04 36.55 20.43
CA CYS A 189 8.98 35.54 19.93
C CYS A 189 8.68 34.21 20.60
N SER A 190 8.77 33.14 19.83
CA SER A 190 8.48 31.80 20.34
C SER A 190 9.59 31.32 21.26
N ARG A 191 9.27 30.27 22.03
CA ARG A 191 10.25 29.69 22.94
C ARG A 191 11.35 28.96 22.16
N ARG A 192 11.02 28.42 20.98
CA ARG A 192 12.04 27.75 20.17
C ARG A 192 13.13 28.72 19.74
N LEU A 193 12.76 29.94 19.38
CA LEU A 193 13.75 30.93 18.96
C LEU A 193 14.60 31.39 20.15
N VAL A 194 14.00 31.51 21.33
CA VAL A 194 14.69 32.06 22.49
C VAL A 194 15.45 30.96 23.22
N GLU A 195 14.73 29.93 23.68
CA GLU A 195 15.35 28.88 24.48
C GLU A 195 16.31 28.05 23.63
N GLU A 196 17.43 27.66 24.24
CA GLU A 196 18.45 26.85 23.58
C GLU A 196 18.21 25.36 23.73
N ARG A 197 16.95 24.95 23.95
CA ARG A 197 16.62 23.55 24.12
C ARG A 197 16.80 22.80 22.80
N TYR A 198 16.88 21.48 22.90
CA TYR A 198 17.07 20.62 21.74
C TYR A 198 15.78 20.55 20.92
N SER A 199 15.76 19.66 19.93
CA SER A 199 14.61 19.53 19.05
C SER A 199 13.36 19.17 19.84
N TRP A 200 12.24 19.80 19.48
CA TRP A 200 10.98 19.61 20.17
C TRP A 200 10.16 18.50 19.51
N THR A 201 8.97 18.26 20.04
CA THR A 201 8.10 17.25 19.49
C THR A 201 7.52 17.70 18.16
N SER A 202 7.15 16.72 17.33
CA SER A 202 6.62 17.02 16.01
C SER A 202 5.19 17.55 16.08
N GLN A 203 4.36 16.97 16.94
CA GLN A 203 2.97 17.39 17.05
C GLN A 203 2.87 18.72 17.79
N LEU A 204 2.08 19.64 17.24
CA LEU A 204 1.92 20.96 17.82
C LEU A 204 0.81 20.98 18.85
N SER A 205 0.82 22.00 19.69
CA SER A 205 -0.15 22.19 20.76
C SER A 205 -0.58 23.64 20.77
N PRO A 206 -1.78 23.94 21.28
CA PRO A 206 -2.19 25.34 21.42
C PRO A 206 -1.24 26.16 22.28
N ALA A 207 -0.59 25.53 23.26
CA ALA A 207 0.41 26.23 24.06
C ALA A 207 1.64 26.62 23.27
N ASP A 208 1.81 26.10 22.06
CA ASP A 208 2.93 26.44 21.19
C ASP A 208 2.54 27.42 20.09
N LEU A 209 1.56 28.29 20.37
CA LEU A 209 1.07 29.26 19.40
C LEU A 209 1.01 30.63 20.04
N ILE A 210 0.73 31.63 19.20
CA ILE A 210 0.72 33.02 19.66
C ILE A 210 -0.54 33.27 20.48
N PRO A 211 -0.42 33.74 21.72
CA PRO A 211 -1.62 34.07 22.50
C PRO A 211 -2.23 35.39 22.08
N LEU A 212 -3.56 35.45 22.08
CA LEU A 212 -4.30 36.66 21.76
C LEU A 212 -5.60 36.74 22.53
N GLU A 228 -15.05 42.13 22.02
CA GLU A 228 -14.62 41.50 20.78
C GLU A 228 -13.21 41.94 20.38
N GLN A 229 -12.61 41.23 19.44
CA GLN A 229 -11.27 41.53 18.96
C GLN A 229 -11.26 41.51 17.44
N LEU A 230 -10.36 42.31 16.88
CA LEU A 230 -10.16 42.38 15.43
C LEU A 230 -8.67 42.27 15.14
N VAL A 231 -8.30 41.39 14.22
CA VAL A 231 -6.91 41.15 13.87
C VAL A 231 -6.77 41.38 12.36
N VAL A 232 -6.02 42.41 11.99
CA VAL A 232 -5.88 42.82 10.59
C VAL A 232 -4.50 42.41 10.09
N GLY A 233 -4.40 42.18 8.79
CA GLY A 233 -3.13 41.84 8.19
C GLY A 233 -3.30 41.56 6.72
N HIS A 234 -2.17 41.32 6.05
CA HIS A 234 -2.15 40.96 4.64
C HIS A 234 -1.99 39.45 4.53
N ASN A 235 -2.90 38.82 3.80
CA ASN A 235 -3.02 37.37 3.78
C ASN A 235 -3.15 36.83 5.20
N VAL A 236 -4.11 37.42 5.94
CA VAL A 236 -4.26 37.14 7.36
C VAL A 236 -4.73 35.72 7.64
N SER A 237 -5.18 34.98 6.62
CA SER A 237 -5.55 33.60 6.82
C SER A 237 -4.37 32.77 7.30
N PHE A 238 -3.18 33.09 6.78
CA PHE A 238 -1.97 32.41 7.21
C PHE A 238 -1.66 32.77 8.63
N ASP A 239 -1.73 34.05 8.95
CA ASP A 239 -1.45 34.53 10.29
C ASP A 239 -2.50 34.07 11.30
N ARG A 240 -3.71 33.77 10.85
CA ARG A 240 -4.75 33.29 11.76
C ARG A 240 -4.41 31.90 12.29
N ALA A 241 -3.80 31.06 11.46
CA ALA A 241 -3.49 29.68 11.84
C ALA A 241 -2.44 29.57 12.93
N HIS A 242 -1.77 30.67 13.27
CA HIS A 242 -0.76 30.66 14.32
C HIS A 242 -1.26 31.28 15.62
N ILE A 243 -2.57 31.20 15.88
CA ILE A 243 -3.19 31.79 17.05
C ILE A 243 -3.73 30.68 17.93
N ARG A 244 -3.48 30.78 19.23
CA ARG A 244 -3.85 29.72 20.17
C ARG A 244 -5.37 29.59 20.28
N GLU A 245 -6.07 30.70 20.48
CA GLU A 245 -7.51 30.66 20.71
C GLU A 245 -8.30 30.30 19.45
N GLN A 246 -7.67 30.29 18.28
CA GLN A 246 -8.38 29.98 17.04
C GLN A 246 -8.59 28.49 16.83
N TYR A 247 -8.03 27.63 17.68
CA TYR A 247 -8.17 26.19 17.53
C TYR A 247 -9.11 25.56 18.55
N LEU A 248 -9.57 26.32 19.54
CA LEU A 248 -10.52 25.77 20.50
C LEU A 248 -11.84 25.46 19.82
N ILE A 249 -12.50 24.39 20.31
CA ILE A 249 -13.79 24.00 19.74
C ILE A 249 -14.82 25.10 19.95
N GLN A 250 -14.88 25.65 21.15
CA GLN A 250 -15.72 26.81 21.40
C GLN A 250 -15.18 28.02 20.66
N ASP A 251 -16.09 28.85 20.16
CA ASP A 251 -15.71 30.00 19.34
C ASP A 251 -15.45 31.21 20.23
N SER A 252 -14.37 31.92 19.96
CA SER A 252 -14.05 33.18 20.60
C SER A 252 -14.38 34.34 19.68
N ARG A 253 -14.74 35.48 20.27
CA ARG A 253 -15.16 36.63 19.49
C ARG A 253 -13.98 37.30 18.82
N MET A 254 -13.42 36.65 17.80
CA MET A 254 -12.30 37.18 17.04
C MET A 254 -12.59 37.06 15.56
N ARG A 255 -12.42 38.15 14.82
CA ARG A 255 -12.63 38.18 13.39
C ARG A 255 -11.44 38.83 12.72
N PHE A 256 -11.25 38.51 11.44
CA PHE A 256 -10.07 38.90 10.69
C PHE A 256 -10.47 39.65 9.43
N LEU A 257 -9.81 40.78 9.19
CA LEU A 257 -9.95 41.52 7.95
C LEU A 257 -8.66 41.37 7.16
N ASP A 258 -8.77 40.82 5.95
CA ASP A 258 -7.62 40.58 5.09
C ASP A 258 -7.52 41.70 4.06
N THR A 259 -6.38 42.41 4.06
CA THR A 259 -6.19 43.49 3.10
C THR A 259 -6.12 42.98 1.67
N MET A 260 -5.71 41.73 1.46
CA MET A 260 -5.71 41.17 0.12
C MET A 260 -7.13 40.98 -0.40
N SER A 261 -8.02 40.47 0.44
CA SER A 261 -9.42 40.31 0.04
C SER A 261 -10.07 41.65 -0.25
N MET A 262 -9.82 42.65 0.60
CA MET A 262 -10.36 43.98 0.35
C MET A 262 -9.78 44.60 -0.92
N HIS A 263 -8.50 44.35 -1.18
CA HIS A 263 -7.89 44.82 -2.42
C HIS A 263 -8.54 44.18 -3.63
N MET A 264 -8.80 42.87 -3.56
CA MET A 264 -9.48 42.19 -4.66
C MET A 264 -10.91 42.68 -4.83
N ALA A 265 -11.57 43.06 -3.73
CA ALA A 265 -12.92 43.62 -3.82
C ALA A 265 -12.92 45.04 -4.35
N ILE A 266 -11.82 45.78 -4.15
CA ILE A 266 -11.74 47.18 -4.55
C ILE A 266 -11.08 47.30 -5.91
N SER A 267 -9.86 46.79 -6.03
CA SER A 267 -9.05 46.93 -7.23
C SER A 267 -8.42 45.60 -7.62
N GLY A 268 -9.23 44.56 -7.66
CA GLY A 268 -8.73 43.24 -8.00
C GLY A 268 -8.40 43.11 -9.48
N LEU A 269 -7.65 42.06 -9.80
CA LEU A 269 -7.21 41.80 -11.16
C LEU A 269 -7.64 40.40 -11.58
N SER A 270 -8.11 40.27 -12.82
CA SER A 270 -8.48 38.98 -13.37
C SER A 270 -7.21 38.23 -13.81
N SER A 271 -7.41 36.98 -14.25
CA SER A 271 -6.26 36.18 -14.67
C SER A 271 -5.57 36.80 -15.87
N PHE A 272 -6.34 37.23 -16.88
CA PHE A 272 -5.74 37.91 -18.02
C PHE A 272 -5.18 39.26 -17.62
N GLN A 273 -5.89 40.00 -16.77
CA GLN A 273 -5.37 41.26 -16.25
C GLN A 273 -4.09 41.03 -15.45
N ARG A 274 -4.06 39.99 -14.64
CA ARG A 274 -2.85 39.66 -13.88
C ARG A 274 -1.69 39.33 -14.81
N SER A 275 -1.97 38.56 -15.87
CA SER A 275 -0.92 38.23 -16.83
C SER A 275 -0.37 39.47 -17.50
N LEU A 276 -1.26 40.37 -17.94
CA LEU A 276 -0.80 41.60 -18.58
C LEU A 276 -0.02 42.49 -17.62
N TRP A 277 -0.48 42.59 -16.37
CA TRP A 277 0.22 43.41 -15.39
C TRP A 277 1.60 42.85 -15.08
N MET A 278 1.72 41.54 -14.95
CA MET A 278 3.03 40.93 -14.71
C MET A 278 3.95 41.09 -15.92
N GLY A 279 3.41 40.95 -17.13
CA GLY A 279 4.24 41.10 -18.31
C GLY A 279 4.73 42.53 -18.50
N ALA A 280 3.85 43.51 -18.32
CA ALA A 280 4.25 44.90 -18.49
C ALA A 280 5.18 45.38 -17.39
N LYS A 281 5.03 44.84 -16.18
CA LYS A 281 5.87 45.24 -15.05
C LYS A 281 6.71 44.07 -14.55
N SER A 308 -5.56 51.78 -23.83
CA SER A 308 -6.15 50.50 -23.45
C SER A 308 -5.59 49.99 -22.13
N TRP A 309 -4.41 50.48 -21.77
CA TRP A 309 -3.74 50.07 -20.54
C TRP A 309 -3.91 51.10 -19.42
N ASP A 310 -5.03 51.83 -19.42
CA ASP A 310 -5.25 52.84 -18.39
C ASP A 310 -5.62 52.24 -17.04
N TRP A 311 -6.01 50.96 -17.01
CA TRP A 311 -6.42 50.32 -15.77
C TRP A 311 -5.24 49.87 -14.91
N MET A 312 -4.03 49.84 -15.48
CA MET A 312 -2.86 49.39 -14.74
C MET A 312 -2.48 50.36 -13.61
N ASP A 313 -2.85 51.63 -13.73
CA ASP A 313 -2.50 52.62 -12.71
C ASP A 313 -3.36 52.52 -11.46
N ILE A 314 -4.52 51.85 -11.55
CA ILE A 314 -5.46 51.76 -10.43
C ILE A 314 -5.51 50.36 -9.85
N SER A 315 -4.74 49.41 -10.37
CA SER A 315 -4.76 48.04 -9.92
C SER A 315 -3.36 47.57 -9.59
N SER A 316 -3.27 46.54 -8.74
CA SER A 316 -1.99 45.97 -8.34
C SER A 316 -2.20 44.51 -7.98
N ALA A 317 -1.09 43.78 -7.90
CA ALA A 317 -1.12 42.38 -7.54
C ALA A 317 -1.39 42.22 -6.04
N ASN A 318 -1.49 40.97 -5.59
CA ASN A 318 -1.77 40.68 -4.18
C ASN A 318 -0.54 40.82 -3.30
N ASN A 319 0.64 41.03 -3.87
CA ASN A 319 1.81 41.25 -3.05
C ASN A 319 1.61 42.46 -2.18
N LEU A 320 2.26 42.50 -1.04
CA LEU A 320 2.16 43.66 -0.17
C LEU A 320 2.87 44.88 -0.75
N ALA A 321 3.96 44.67 -1.49
CA ALA A 321 4.67 45.79 -2.10
C ALA A 321 3.81 46.47 -3.16
N ASP A 322 3.17 45.68 -4.03
CA ASP A 322 2.32 46.25 -5.07
C ASP A 322 1.11 46.97 -4.47
N VAL A 323 0.50 46.39 -3.44
CA VAL A 323 -0.64 47.02 -2.79
C VAL A 323 -0.21 48.33 -2.14
N HIS A 324 0.94 48.32 -1.46
CA HIS A 324 1.45 49.53 -0.82
C HIS A 324 1.75 50.62 -1.85
N ASN A 325 2.33 50.24 -2.99
CA ASN A 325 2.59 51.20 -4.05
C ASN A 325 1.30 51.76 -4.62
N LEU A 326 0.27 50.91 -4.76
CA LEU A 326 -0.97 51.35 -5.38
C LEU A 326 -1.75 52.28 -4.45
N TYR A 327 -1.87 51.92 -3.17
CA TYR A 327 -2.76 52.64 -2.27
C TYR A 327 -2.07 53.76 -1.52
N VAL A 328 -0.79 53.61 -1.18
CA VAL A 328 -0.09 54.64 -0.40
C VAL A 328 1.10 55.17 -1.18
N GLY A 329 1.68 54.34 -2.04
CA GLY A 329 2.83 54.76 -2.80
C GLY A 329 4.03 55.01 -1.91
N GLY A 330 4.82 56.02 -2.29
CA GLY A 330 6.01 56.37 -1.55
C GLY A 330 7.16 55.45 -1.86
N PRO A 331 8.11 55.33 -0.93
CA PRO A 331 9.23 54.41 -1.13
C PRO A 331 8.76 52.97 -1.16
N PRO A 332 8.93 52.28 -2.29
CA PRO A 332 8.45 50.90 -2.39
C PRO A 332 9.19 49.96 -1.45
N LEU A 333 8.48 48.97 -0.94
CA LEU A 333 9.08 47.96 -0.09
C LEU A 333 10.02 47.07 -0.90
N GLU A 334 11.10 46.64 -0.25
CA GLU A 334 12.06 45.73 -0.84
C GLU A 334 12.09 44.44 -0.04
N LYS A 335 11.86 43.32 -0.70
CA LYS A 335 11.92 42.02 -0.03
C LYS A 335 13.37 41.72 0.36
N GLU A 336 13.54 41.20 1.57
CA GLU A 336 14.88 40.92 2.08
C GLU A 336 15.53 39.80 1.28
N PRO A 337 16.68 40.02 0.64
CA PRO A 337 17.33 38.94 -0.11
C PRO A 337 17.86 37.82 0.77
N ARG A 338 18.00 38.06 2.08
CA ARG A 338 18.51 37.02 2.97
C ARG A 338 17.56 35.82 3.00
N GLU A 339 16.26 36.08 3.11
CA GLU A 339 15.22 35.04 3.11
C GLU A 339 15.51 33.97 4.16
N LEU A 340 15.76 34.43 5.39
CA LEU A 340 16.12 33.50 6.47
C LEU A 340 14.96 32.57 6.81
N PHE A 341 13.73 33.09 6.83
CA PHE A 341 12.59 32.23 7.12
C PHE A 341 12.28 31.31 5.94
N VAL A 342 12.34 31.84 4.72
CA VAL A 342 12.00 31.03 3.55
C VAL A 342 13.07 29.98 3.27
N LYS A 343 14.33 30.37 3.31
CA LYS A 343 15.43 29.50 2.90
C LYS A 343 16.41 29.19 4.02
N GLY A 344 16.71 30.14 4.89
CA GLY A 344 17.69 29.93 5.94
C GLY A 344 17.22 28.97 7.01
N SER A 345 17.97 28.96 8.11
CA SER A 345 17.73 28.06 9.23
C SER A 345 17.56 28.88 10.51
N MET A 346 17.45 28.17 11.64
CA MET A 346 17.24 28.84 12.92
C MET A 346 18.44 29.69 13.30
N ARG A 347 19.66 29.20 13.05
CA ARG A 347 20.85 29.94 13.44
C ARG A 347 20.94 31.27 12.70
N ASP A 348 20.65 31.28 11.40
CA ASP A 348 20.68 32.52 10.64
C ASP A 348 19.63 33.50 11.14
N ILE A 349 18.44 32.99 11.48
CA ILE A 349 17.39 33.84 12.03
C ILE A 349 17.84 34.46 13.35
N ARG A 350 18.49 33.67 14.20
CA ARG A 350 19.01 34.20 15.46
C ARG A 350 20.07 35.27 15.22
N GLU A 351 20.93 35.06 14.22
CA GLU A 351 22.03 35.99 13.97
C GLU A 351 21.51 37.36 13.52
N ASN A 352 20.53 37.39 12.63
CA ASN A 352 20.01 38.62 12.06
C ASN A 352 18.64 38.99 12.64
N PHE A 353 18.46 38.80 13.94
CA PHE A 353 17.16 39.02 14.56
C PHE A 353 16.69 40.46 14.37
N GLN A 354 17.59 41.43 14.57
CA GLN A 354 17.19 42.83 14.51
C GLN A 354 16.71 43.21 13.11
N ASP A 355 17.43 42.77 12.07
CA ASP A 355 17.04 43.11 10.70
C ASP A 355 15.71 42.46 10.33
N LEU A 356 15.50 41.21 10.74
CA LEU A 356 14.22 40.54 10.49
C LEU A 356 13.08 41.25 11.20
N MET A 357 13.31 41.69 12.43
CA MET A 357 12.28 42.44 13.15
C MET A 357 11.99 43.78 12.46
N GLN A 358 13.02 44.43 11.94
CA GLN A 358 12.80 45.69 11.22
C GLN A 358 12.00 45.46 9.95
N TYR A 359 12.30 44.39 9.21
CA TYR A 359 11.52 44.07 8.02
C TYR A 359 10.07 43.74 8.37
N CYS A 360 9.87 42.99 9.46
CA CYS A 360 8.51 42.69 9.90
C CYS A 360 7.76 43.95 10.29
N ALA A 361 8.43 44.88 10.97
CA ALA A 361 7.80 46.14 11.34
C ALA A 361 7.45 46.97 10.10
N ARG A 362 8.33 46.95 9.10
CA ARG A 362 8.02 47.63 7.83
C ARG A 362 6.79 47.03 7.19
N ASP A 363 6.70 45.69 7.17
CA ASP A 363 5.52 45.04 6.59
C ASP A 363 4.26 45.39 7.38
N VAL A 364 4.35 45.41 8.71
CA VAL A 364 3.18 45.75 9.53
C VAL A 364 2.73 47.18 9.27
N TRP A 365 3.69 48.12 9.18
CA TRP A 365 3.32 49.51 8.94
C TRP A 365 2.73 49.69 7.55
N ALA A 366 3.26 48.98 6.55
CA ALA A 366 2.68 49.02 5.22
C ALA A 366 1.26 48.47 5.23
N THR A 367 1.03 47.38 5.95
CA THR A 367 -0.31 46.81 6.06
C THR A 367 -1.25 47.80 6.76
N PHE A 368 -0.76 48.50 7.78
CA PHE A 368 -1.57 49.48 8.48
C PHE A 368 -1.98 50.62 7.55
N GLU A 369 -1.01 51.12 6.77
CA GLU A 369 -1.32 52.18 5.80
C GLU A 369 -2.31 51.68 4.75
N VAL A 370 -2.14 50.45 4.29
CA VAL A 370 -3.05 49.87 3.30
C VAL A 370 -4.46 49.77 3.88
N PHE A 371 -4.57 49.32 5.14
CA PHE A 371 -5.88 49.22 5.78
C PHE A 371 -6.51 50.60 5.93
N GLN A 372 -5.72 51.60 6.33
CA GLN A 372 -6.25 52.96 6.45
C GLN A 372 -6.76 53.48 5.11
N GLN A 373 -6.04 53.21 4.02
CA GLN A 373 -6.47 53.70 2.71
C GLN A 373 -7.54 52.82 2.08
N GLN A 374 -7.79 51.63 2.60
CA GLN A 374 -8.76 50.70 2.02
C GLN A 374 -10.11 50.71 2.73
N LEU A 375 -10.13 50.77 4.06
CA LEU A 375 -11.39 50.60 4.79
C LEU A 375 -12.47 51.60 4.39
N PRO A 376 -12.22 52.92 4.37
CA PRO A 376 -13.27 53.82 3.88
C PRO A 376 -13.67 53.55 2.44
N LEU A 377 -12.69 53.23 1.58
CA LEU A 377 -13.01 52.93 0.19
C LEU A 377 -13.79 51.64 0.06
N PHE A 378 -13.42 50.62 0.85
CA PHE A 378 -14.18 49.37 0.82
C PHE A 378 -15.61 49.56 1.31
N LEU A 379 -15.79 50.35 2.37
CA LEU A 379 -17.14 50.60 2.87
C LEU A 379 -17.93 51.47 1.89
N GLU A 380 -17.27 52.23 1.05
CA GLU A 380 -17.98 53.06 0.09
C GLU A 380 -18.36 52.26 -1.14
N ARG A 381 -17.51 51.34 -1.53
CA ARG A 381 -17.85 50.48 -2.67
C ARG A 381 -18.76 49.33 -2.26
N CYS A 382 -18.75 48.94 -0.98
CA CYS A 382 -19.61 47.89 -0.46
C CYS A 382 -20.34 48.45 0.76
N PRO A 383 -21.40 49.24 0.54
CA PRO A 383 -22.08 49.87 1.67
C PRO A 383 -22.94 48.92 2.50
N HIS A 384 -23.41 47.82 1.93
CA HIS A 384 -24.26 46.90 2.67
C HIS A 384 -23.43 46.18 3.72
N PRO A 385 -23.80 46.24 5.00
CA PRO A 385 -23.01 45.56 6.04
C PRO A 385 -23.05 44.05 5.96
N VAL A 386 -23.99 43.47 5.21
CA VAL A 386 -24.06 42.03 5.09
C VAL A 386 -22.80 41.49 4.42
N THR A 387 -22.27 42.21 3.43
CA THR A 387 -21.04 41.80 2.77
C THR A 387 -19.88 41.74 3.76
N LEU A 388 -19.75 42.78 4.59
CA LEU A 388 -18.68 42.81 5.58
C LEU A 388 -18.85 41.70 6.62
N ALA A 389 -20.08 41.48 7.09
CA ALA A 389 -20.30 40.42 8.07
C ALA A 389 -20.01 39.04 7.49
N GLY A 390 -20.38 38.83 6.22
CA GLY A 390 -20.06 37.56 5.58
C GLY A 390 -18.57 37.37 5.38
N MET A 391 -17.86 38.43 4.99
CA MET A 391 -16.41 38.34 4.85
C MET A 391 -15.75 38.05 6.19
N LEU A 392 -16.31 38.61 7.27
CA LEU A 392 -15.79 38.27 8.60
C LEU A 392 -16.14 36.84 9.00
N GLU A 393 -17.25 36.30 8.48
CA GLU A 393 -17.66 34.94 8.83
C GLU A 393 -17.07 33.89 7.91
N MET A 394 -16.55 34.28 6.74
CA MET A 394 -15.85 33.34 5.88
C MET A 394 -14.43 33.06 6.34
N GLY A 395 -13.87 33.92 7.20
CA GLY A 395 -12.53 33.79 7.70
C GLY A 395 -12.37 33.04 9.00
N VAL A 396 -13.43 32.38 9.48
CA VAL A 396 -13.38 31.65 10.74
C VAL A 396 -13.60 30.16 10.49
N SER A 397 -13.19 29.70 9.31
CA SER A 397 -13.36 28.30 8.96
C SER A 397 -12.65 27.39 9.96
N TYR A 398 -13.30 26.28 10.30
CA TYR A 398 -12.82 25.38 11.34
C TYR A 398 -13.11 23.94 10.91
N LEU A 399 -12.08 23.25 10.42
CA LEU A 399 -12.22 21.86 10.01
C LEU A 399 -11.72 20.96 11.14
N PRO A 400 -12.59 20.25 11.83
CA PRO A 400 -12.12 19.35 12.90
C PRO A 400 -11.62 18.04 12.34
N VAL A 401 -10.49 17.58 12.88
CA VAL A 401 -9.88 16.32 12.47
C VAL A 401 -9.51 15.52 13.72
N ASN A 402 -9.32 14.22 13.51
CA ASN A 402 -8.94 13.32 14.59
C ASN A 402 -7.69 12.53 14.18
N GLN A 403 -7.35 11.49 14.97
CA GLN A 403 -6.18 10.69 14.67
C GLN A 403 -6.30 9.92 13.35
N ASN A 404 -7.50 9.85 12.77
CA ASN A 404 -7.68 9.18 11.49
C ASN A 404 -6.98 9.90 10.36
N TRP A 405 -6.68 11.20 10.51
CA TRP A 405 -6.01 11.95 9.46
C TRP A 405 -4.60 11.41 9.21
N GLU A 406 -3.86 11.10 10.29
CA GLU A 406 -2.53 10.52 10.12
C GLU A 406 -2.61 9.16 9.43
N ARG A 407 -3.62 8.38 9.77
CA ARG A 407 -3.79 7.12 9.11
C ARG A 407 -3.96 7.40 7.65
N TYR A 408 -4.93 8.22 7.31
CA TYR A 408 -5.22 8.49 5.90
C TYR A 408 -3.95 8.89 5.15
N LEU A 409 -3.15 9.78 5.74
CA LEU A 409 -1.92 10.22 5.08
C LEU A 409 -0.98 9.04 4.87
N THR A 410 -0.78 8.22 5.91
CA THR A 410 0.14 7.10 5.79
C THR A 410 -0.34 6.08 4.77
N GLU A 411 -1.64 5.76 4.79
CA GLU A 411 -2.18 4.79 3.83
C GLU A 411 -2.05 5.32 2.40
N ALA A 412 -2.36 6.60 2.19
CA ALA A 412 -2.25 7.17 0.85
C ALA A 412 -0.82 7.14 0.35
N GLN A 413 0.14 7.53 1.20
CA GLN A 413 1.54 7.52 0.78
C GLN A 413 2.02 6.11 0.49
N ASN A 414 1.66 5.15 1.35
CA ASN A 414 2.07 3.76 1.13
C ASN A 414 1.47 3.21 -0.16
N THR A 415 0.19 3.49 -0.42
CA THR A 415 -0.43 3.02 -1.64
C THR A 415 0.21 3.65 -2.86
N TYR A 416 0.54 4.95 -2.78
CA TYR A 416 1.21 5.62 -3.89
C TYR A 416 2.57 4.98 -4.17
N GLU A 417 3.35 4.71 -3.12
CA GLU A 417 4.65 4.10 -3.32
C GLU A 417 4.52 2.69 -3.90
N GLU A 418 3.56 1.91 -3.40
CA GLU A 418 3.36 0.55 -3.90
C GLU A 418 2.96 0.57 -5.38
N LEU A 419 2.05 1.47 -5.76
CA LEU A 419 1.63 1.53 -7.15
C LEU A 419 2.73 2.05 -8.06
N GLN A 420 3.56 2.98 -7.57
CA GLN A 420 4.71 3.40 -8.36
C GLN A 420 5.67 2.25 -8.58
N ARG A 421 5.92 1.46 -7.54
CA ARG A 421 6.80 0.29 -7.68
C ARG A 421 6.22 -0.71 -8.67
N GLU A 422 4.90 -0.96 -8.59
CA GLU A 422 4.28 -1.89 -9.52
C GLU A 422 4.36 -1.40 -10.96
N MET A 423 4.13 -0.10 -11.18
CA MET A 423 4.23 0.47 -12.51
C MET A 423 5.66 0.36 -13.05
N LYS A 424 6.65 0.64 -12.19
CA LYS A 424 8.04 0.51 -12.61
C LYS A 424 8.38 -0.93 -12.98
N LYS A 425 7.89 -1.89 -12.19
CA LYS A 425 8.10 -3.30 -12.51
C LYS A 425 7.46 -3.66 -13.84
N SER A 426 6.25 -3.16 -14.10
CA SER A 426 5.59 -3.42 -15.38
C SER A 426 6.37 -2.84 -16.54
N LEU A 427 6.89 -1.62 -16.38
CA LEU A 427 7.70 -1.02 -17.43
C LEU A 427 8.97 -1.80 -17.67
N MET A 428 9.61 -2.28 -16.60
CA MET A 428 10.81 -3.10 -16.75
C MET A 428 10.50 -4.41 -17.46
N ASP A 429 9.35 -5.01 -17.14
CA ASP A 429 8.95 -6.24 -17.82
C ASP A 429 8.70 -5.98 -19.31
N LEU A 430 8.06 -4.86 -19.64
CA LEU A 430 7.85 -4.51 -21.05
C LEU A 430 9.19 -4.32 -21.77
N ALA A 431 10.13 -3.64 -21.11
CA ALA A 431 11.45 -3.43 -21.72
C ALA A 431 12.17 -4.76 -21.93
N ASN A 432 12.09 -5.66 -20.95
CA ASN A 432 12.74 -6.96 -21.08
C ASN A 432 12.12 -7.77 -22.22
N ASP A 433 10.78 -7.76 -22.32
CA ASP A 433 10.13 -8.50 -23.39
C ASP A 433 10.32 -7.85 -24.75
N ALA A 434 10.67 -6.57 -24.79
CA ALA A 434 10.88 -5.89 -26.06
C ALA A 434 12.17 -6.32 -26.74
N CYS A 435 13.15 -6.79 -25.96
CA CYS A 435 14.45 -7.16 -26.51
C CYS A 435 14.38 -8.37 -27.43
N GLN A 436 13.36 -9.22 -27.25
CA GLN A 436 13.26 -10.45 -28.03
C GLN A 436 13.00 -10.21 -29.51
N LEU A 437 12.62 -8.99 -29.89
CA LEU A 437 12.39 -8.68 -31.29
C LEU A 437 13.67 -8.59 -32.10
N LEU A 438 14.84 -8.57 -31.45
CA LEU A 438 16.10 -8.50 -32.18
C LEU A 438 16.30 -9.73 -33.04
N SER A 439 15.95 -10.91 -32.53
CA SER A 439 16.11 -12.15 -33.30
C SER A 439 15.29 -12.09 -34.58
N GLY A 440 15.93 -12.43 -35.69
CA GLY A 440 15.26 -12.37 -36.98
C GLY A 440 14.95 -10.98 -37.48
N GLU A 441 15.47 -9.94 -36.83
CA GLU A 441 15.19 -8.55 -37.18
C GLU A 441 13.69 -8.29 -37.24
N ARG A 442 12.98 -8.78 -36.23
CA ARG A 442 11.53 -8.59 -36.16
C ARG A 442 11.14 -7.21 -35.65
N TYR A 443 12.08 -6.45 -35.09
CA TYR A 443 11.78 -5.10 -34.61
C TYR A 443 11.44 -4.16 -35.76
N LYS A 444 11.86 -4.47 -36.97
CA LYS A 444 11.57 -3.63 -38.11
C LYS A 444 10.09 -3.65 -38.48
N GLU A 445 9.37 -4.66 -38.01
CA GLU A 445 7.93 -4.76 -38.25
C GLU A 445 7.11 -4.29 -37.05
N ASP A 446 7.75 -3.92 -35.96
CA ASP A 446 7.03 -3.40 -34.81
C ASP A 446 6.62 -1.96 -35.06
N PRO A 447 5.33 -1.63 -34.91
CA PRO A 447 4.89 -0.25 -35.18
C PRO A 447 5.52 0.79 -34.27
N TRP A 448 6.01 0.39 -33.10
CA TRP A 448 6.52 1.34 -32.11
C TRP A 448 8.04 1.33 -31.98
N LEU A 449 8.67 0.16 -31.99
CA LEU A 449 10.10 0.04 -31.74
C LEU A 449 10.92 -0.10 -33.01
N TRP A 450 10.40 0.38 -34.14
CA TRP A 450 11.13 0.26 -35.39
C TRP A 450 12.28 1.25 -35.49
N ASP A 451 12.14 2.43 -34.89
CA ASP A 451 13.09 3.52 -35.05
C ASP A 451 14.17 3.56 -33.97
N LEU A 452 14.12 2.67 -32.99
CA LEU A 452 15.08 2.71 -31.90
C LEU A 452 16.43 2.15 -32.37
N GLU A 453 17.43 2.23 -31.49
CA GLU A 453 18.79 1.78 -31.79
C GLU A 453 18.93 0.32 -31.39
N TRP A 454 18.99 -0.57 -32.38
CA TRP A 454 19.15 -1.99 -32.15
C TRP A 454 20.55 -2.49 -32.52
N ASP A 455 21.54 -1.63 -32.40
CA ASP A 455 22.88 -2.04 -32.69
C ASP A 455 23.43 -2.84 -31.54
N LEU A 456 24.39 -3.70 -31.81
CA LEU A 456 25.02 -4.44 -30.75
C LEU A 456 26.52 -4.27 -30.84
N GLN A 457 27.13 -3.71 -29.80
CA GLN A 457 28.57 -3.53 -29.78
C GLN A 457 29.28 -4.86 -29.63
N GLU A 458 30.37 -5.06 -30.37
CA GLU A 458 31.13 -6.30 -30.25
C GLU A 458 32.01 -6.25 -29.03
N PHE A 459 32.41 -7.40 -28.53
CA PHE A 459 33.18 -7.40 -27.29
C PHE A 459 34.60 -7.02 -27.65
N LYS A 460 35.32 -6.44 -26.70
CA LYS A 460 36.66 -5.97 -27.01
C LYS A 460 37.73 -6.70 -26.25
N GLN A 461 38.73 -7.19 -26.97
CA GLN A 461 39.81 -7.91 -26.32
C GLN A 461 41.16 -7.28 -26.64
N LYS A 462 41.95 -7.02 -25.61
CA LYS A 462 43.25 -6.37 -25.76
C LYS A 462 44.33 -7.39 -26.13
N GLN A 490 28.70 -44.71 -21.46
CA GLN A 490 29.58 -45.65 -20.78
C GLN A 490 28.91 -46.30 -19.58
N GLU A 491 29.42 -47.46 -19.17
CA GLU A 491 28.88 -48.10 -17.98
C GLU A 491 29.22 -47.24 -16.79
N ASP A 492 28.44 -47.38 -15.73
CA ASP A 492 28.65 -46.54 -14.58
C ASP A 492 29.95 -46.91 -13.90
N PRO A 493 30.86 -45.94 -13.81
CA PRO A 493 32.07 -46.21 -13.05
C PRO A 493 31.65 -46.28 -11.60
N GLY A 494 32.48 -46.86 -10.76
CA GLY A 494 32.17 -46.91 -9.36
C GLY A 494 32.46 -45.60 -8.66
N PRO A 495 32.32 -45.58 -7.34
CA PRO A 495 32.54 -44.35 -6.58
C PRO A 495 34.02 -44.00 -6.51
N PRO A 496 34.37 -42.73 -6.71
CA PRO A 496 35.77 -42.33 -6.56
C PRO A 496 36.26 -42.50 -5.14
N SER A 497 37.54 -42.83 -5.01
CA SER A 497 38.16 -42.98 -3.70
C SER A 497 38.42 -41.61 -3.10
N GLU A 498 38.85 -41.61 -1.83
CA GLU A 498 39.12 -40.34 -1.14
C GLU A 498 40.25 -39.58 -1.82
N GLU A 499 41.33 -40.27 -2.17
CA GLU A 499 42.42 -39.61 -2.90
C GLU A 499 41.96 -39.13 -4.26
N GLU A 500 41.13 -39.93 -4.95
CA GLU A 500 40.66 -39.54 -6.28
C GLU A 500 39.79 -38.29 -6.21
N GLU A 501 38.83 -38.26 -5.28
CA GLU A 501 37.97 -37.09 -5.18
C GLU A 501 38.75 -35.87 -4.71
N LEU A 502 39.70 -36.05 -3.78
CA LEU A 502 40.50 -34.93 -3.33
C LEU A 502 41.35 -34.36 -4.45
N GLN A 503 42.00 -35.22 -5.24
CA GLN A 503 42.83 -34.74 -6.33
C GLN A 503 41.98 -34.10 -7.43
N ARG A 504 40.79 -34.65 -7.69
CA ARG A 504 39.90 -34.03 -8.66
C ARG A 504 39.48 -32.64 -8.22
N SER A 505 39.12 -32.49 -6.94
CA SER A 505 38.72 -31.19 -6.43
C SER A 505 39.86 -30.19 -6.51
N VAL A 506 41.07 -30.60 -6.09
CA VAL A 506 42.18 -29.65 -6.10
C VAL A 506 42.61 -29.31 -7.51
N THR A 507 42.56 -30.26 -8.45
CA THR A 507 42.94 -29.92 -9.82
C THR A 507 41.87 -29.05 -10.49
N ALA A 508 40.59 -29.25 -10.15
CA ALA A 508 39.57 -28.34 -10.66
C ALA A 508 39.76 -26.93 -10.12
N HIS A 509 40.09 -26.82 -8.83
CA HIS A 509 40.35 -25.50 -8.24
C HIS A 509 41.55 -24.84 -8.90
N ASN A 510 42.63 -25.61 -9.12
CA ASN A 510 43.82 -25.05 -9.74
C ASN A 510 43.56 -24.63 -11.19
N ARG A 511 42.79 -25.44 -11.93
CA ARG A 511 42.46 -25.07 -13.31
C ARG A 511 41.60 -23.82 -13.35
N LEU A 512 40.65 -23.69 -12.42
CA LEU A 512 39.85 -22.48 -12.35
C LEU A 512 40.70 -21.27 -11.99
N GLN A 513 41.66 -21.46 -11.10
CA GLN A 513 42.53 -20.36 -10.69
C GLN A 513 43.56 -19.97 -11.74
N GLN A 514 43.85 -20.87 -12.67
CA GLN A 514 44.79 -20.55 -13.75
C GLN A 514 44.22 -19.50 -14.69
N LEU A 515 42.91 -19.59 -14.98
CA LEU A 515 42.28 -18.64 -15.88
C LEU A 515 42.17 -17.24 -15.27
N ARG A 516 42.37 -17.11 -13.95
CA ARG A 516 42.28 -15.80 -13.31
C ARG A 516 43.40 -14.87 -13.76
N SER A 517 44.52 -15.41 -14.26
CA SER A 517 45.62 -14.58 -14.72
C SER A 517 45.29 -13.79 -15.98
N THR A 518 44.20 -14.11 -16.66
CA THR A 518 43.80 -13.43 -17.89
C THR A 518 43.13 -12.08 -17.64
N THR A 519 43.12 -11.60 -16.39
CA THR A 519 42.53 -10.30 -16.12
C THR A 519 43.29 -9.18 -16.82
N ASP A 520 44.62 -9.31 -16.94
CA ASP A 520 45.40 -8.31 -17.62
C ASP A 520 45.03 -8.21 -19.10
N LEU A 521 44.63 -9.32 -19.72
CA LEU A 521 44.24 -9.31 -21.12
C LEU A 521 42.93 -8.58 -21.36
N LEU A 522 42.16 -8.29 -20.31
CA LEU A 522 40.90 -7.59 -20.47
C LEU A 522 41.11 -6.07 -20.36
N PRO A 523 40.36 -5.28 -21.13
CA PRO A 523 40.51 -3.83 -21.05
C PRO A 523 40.19 -3.32 -19.64
N LYS A 524 40.91 -2.27 -19.23
CA LYS A 524 40.70 -1.72 -17.89
C LYS A 524 39.36 -1.03 -17.76
N ARG A 525 38.79 -0.56 -18.88
CA ARG A 525 37.48 0.08 -18.88
C ARG A 525 36.47 -0.90 -19.48
N PRO A 526 35.71 -1.63 -18.66
CA PRO A 526 34.79 -2.64 -19.22
C PRO A 526 33.67 -2.00 -20.02
N GLN A 527 33.21 -2.73 -21.04
CA GLN A 527 32.07 -2.30 -21.82
C GLN A 527 30.78 -2.40 -21.02
N HIS A 528 29.77 -1.65 -21.45
CA HIS A 528 28.47 -1.59 -20.78
C HIS A 528 27.46 -2.36 -21.61
N LEU A 529 27.27 -3.63 -21.29
CA LEU A 529 26.28 -4.48 -21.92
C LEU A 529 26.34 -4.47 -23.45
N PRO A 530 27.48 -4.89 -24.04
CA PRO A 530 27.58 -4.87 -25.50
C PRO A 530 26.59 -5.78 -26.20
N GLY A 531 26.23 -6.92 -25.60
CA GLY A 531 25.32 -7.83 -26.25
C GLY A 531 23.92 -7.25 -26.41
N HIS A 532 23.47 -6.47 -25.42
CA HIS A 532 22.15 -5.89 -25.46
C HIS A 532 22.06 -4.81 -26.55
N PRO A 533 20.86 -4.53 -27.05
CA PRO A 533 20.71 -3.47 -28.06
C PRO A 533 21.02 -2.10 -27.50
N GLY A 534 21.09 -1.13 -28.42
CA GLY A 534 21.52 0.21 -28.03
C GLY A 534 20.56 0.88 -27.06
N TRP A 535 19.26 0.81 -27.35
CA TRP A 535 18.28 1.49 -26.50
C TRP A 535 18.20 0.85 -25.12
N TYR A 536 18.44 -0.46 -25.03
CA TYR A 536 18.38 -1.14 -23.74
C TYR A 536 19.59 -0.83 -22.86
N ARG A 537 20.72 -0.45 -23.48
CA ARG A 537 21.90 -0.09 -22.70
C ARG A 537 21.66 1.17 -21.87
N LYS A 538 20.94 2.14 -22.43
CA LYS A 538 20.67 3.39 -21.71
C LYS A 538 19.81 3.14 -20.48
N LEU A 539 18.83 2.24 -20.59
CA LEU A 539 17.89 2.00 -19.49
C LEU A 539 18.52 1.23 -18.33
N CYS A 540 19.71 0.67 -18.49
CA CYS A 540 20.33 -0.12 -17.45
C CYS A 540 21.56 0.58 -16.89
N PRO A 541 21.67 0.72 -15.58
CA PRO A 541 22.90 1.30 -15.01
C PRO A 541 24.09 0.37 -15.19
N ARG A 542 25.27 0.98 -15.28
CA ARG A 542 26.50 0.22 -15.44
C ARG A 542 26.84 -0.54 -14.17
N LEU A 543 27.54 -1.66 -14.33
CA LEU A 543 27.95 -2.46 -13.18
C LEU A 543 28.88 -1.69 -12.25
N ASP A 544 29.59 -0.68 -12.77
CA ASP A 544 30.46 0.13 -11.94
C ASP A 544 29.68 1.10 -11.05
N ASP A 545 28.44 1.40 -11.40
CA ASP A 545 27.65 2.34 -10.63
C ASP A 545 27.37 1.78 -9.24
N PRO A 546 27.67 2.53 -8.17
CA PRO A 546 27.35 2.05 -6.82
C PRO A 546 25.85 1.88 -6.57
N ALA A 547 25.00 2.52 -7.37
CA ALA A 547 23.55 2.38 -7.25
C ALA A 547 22.98 1.47 -8.32
N TRP A 548 23.71 0.42 -8.68
CA TRP A 548 23.29 -0.48 -9.75
C TRP A 548 22.12 -1.35 -9.29
N ALA A 549 21.13 -1.48 -10.16
CA ALA A 549 19.98 -2.35 -9.93
C ALA A 549 19.76 -3.23 -11.15
N PRO A 550 19.27 -4.44 -10.96
CA PRO A 550 19.13 -5.36 -12.11
C PRO A 550 18.08 -4.89 -13.10
N GLY A 551 18.31 -5.24 -14.36
CA GLY A 551 17.37 -4.94 -15.41
C GLY A 551 17.36 -3.47 -15.79
N PRO A 552 16.35 -3.07 -16.57
CA PRO A 552 16.24 -1.65 -16.94
C PRO A 552 15.73 -0.79 -15.80
N SER A 553 16.59 -0.53 -14.82
CA SER A 553 16.19 0.18 -13.62
C SER A 553 16.07 1.69 -13.81
N LEU A 554 16.59 2.23 -14.91
CA LEU A 554 16.52 3.66 -15.18
C LEU A 554 15.31 4.04 -16.03
N LEU A 555 14.47 3.08 -16.41
CA LEU A 555 13.30 3.38 -17.20
C LEU A 555 12.28 4.15 -16.37
N SER A 556 11.57 5.07 -17.02
CA SER A 556 10.60 5.92 -16.33
C SER A 556 9.48 6.27 -17.30
N LEU A 557 8.39 6.81 -16.75
CA LEU A 557 7.25 7.21 -17.56
C LEU A 557 7.59 8.35 -18.51
N GLN A 558 8.47 9.26 -18.09
CA GLN A 558 8.71 10.49 -18.84
C GLN A 558 9.59 10.29 -20.07
N MET A 559 10.21 9.12 -20.23
CA MET A 559 11.08 8.89 -21.37
C MET A 559 10.26 8.69 -22.64
N ARG A 560 10.93 8.81 -23.78
CA ARG A 560 10.29 8.67 -25.08
C ARG A 560 10.13 7.22 -25.52
N VAL A 561 10.66 6.27 -24.76
CA VAL A 561 10.52 4.86 -25.09
C VAL A 561 9.39 4.18 -24.32
N THR A 562 8.97 4.74 -23.18
CA THR A 562 7.85 4.17 -22.44
C THR A 562 6.56 4.12 -23.26
N PRO A 563 6.15 5.19 -23.96
CA PRO A 563 4.96 5.04 -24.82
C PRO A 563 5.13 3.99 -25.91
N LYS A 564 6.35 3.83 -26.43
CA LYS A 564 6.58 2.80 -27.44
C LYS A 564 6.56 1.41 -26.83
N LEU A 565 7.10 1.27 -25.61
CA LEU A 565 7.06 -0.03 -24.94
C LEU A 565 5.64 -0.40 -24.53
N MET A 566 4.86 0.57 -24.08
CA MET A 566 3.47 0.33 -23.72
C MET A 566 2.57 0.17 -24.94
N ALA A 567 3.08 0.46 -26.14
CA ALA A 567 2.31 0.37 -27.38
C ALA A 567 1.02 1.20 -27.31
N LEU A 568 1.16 2.43 -26.82
CA LEU A 568 0.03 3.34 -26.74
C LEU A 568 -0.49 3.70 -28.13
N THR A 569 -1.80 3.75 -28.27
CA THR A 569 -2.45 4.10 -29.52
C THR A 569 -3.45 5.22 -29.27
N TRP A 570 -3.57 6.13 -30.25
CA TRP A 570 -4.53 7.23 -30.19
C TRP A 570 -5.59 6.98 -31.26
N ASP A 571 -6.78 6.57 -30.82
CA ASP A 571 -7.88 6.23 -31.72
C ASP A 571 -7.45 5.17 -32.74
N GLY A 572 -6.67 4.19 -32.28
CA GLY A 572 -6.20 3.14 -33.15
C GLY A 572 -4.97 3.49 -33.96
N PHE A 573 -4.25 4.54 -33.59
CA PHE A 573 -3.06 4.96 -34.31
C PHE A 573 -1.86 4.94 -33.38
N PRO A 574 -0.80 4.19 -33.71
CA PRO A 574 0.37 4.14 -32.83
C PRO A 574 1.01 5.50 -32.68
N LEU A 575 1.50 5.78 -31.47
CA LEU A 575 2.15 7.05 -31.20
C LEU A 575 3.52 7.09 -31.87
N HIS A 576 3.97 8.32 -32.15
CA HIS A 576 5.26 8.53 -32.80
C HIS A 576 5.78 9.90 -32.39
N TYR A 577 7.05 9.96 -32.03
CA TYR A 577 7.70 11.21 -31.62
C TYR A 577 8.53 11.76 -32.77
N SER A 578 8.22 12.99 -33.18
CA SER A 578 9.01 13.69 -34.20
C SER A 578 9.72 14.86 -33.53
N ASP A 579 11.02 14.97 -33.72
CA ASP A 579 11.78 16.02 -33.07
C ASP A 579 11.32 17.42 -33.48
N SER A 580 10.78 17.56 -34.68
CA SER A 580 10.31 18.84 -35.14
C SER A 580 8.91 19.15 -34.64
N HIS A 581 8.15 18.13 -34.26
CA HIS A 581 6.77 18.34 -33.87
C HIS A 581 6.40 17.64 -32.57
N GLY A 582 7.37 17.16 -31.80
CA GLY A 582 7.04 16.48 -30.55
C GLY A 582 6.37 15.15 -30.80
N TRP A 583 5.38 14.84 -29.98
CA TRP A 583 4.65 13.58 -30.09
C TRP A 583 3.60 13.67 -31.19
N GLY A 584 2.80 12.62 -31.30
CA GLY A 584 1.78 12.53 -32.35
C GLY A 584 1.39 11.07 -32.55
N TYR A 585 0.79 10.82 -33.71
CA TYR A 585 0.39 9.46 -34.06
C TYR A 585 0.39 9.32 -35.58
N LEU A 586 0.55 8.07 -36.03
CA LEU A 586 0.65 7.76 -37.44
C LEU A 586 -0.65 7.14 -37.93
N VAL A 587 -1.21 7.70 -39.00
CA VAL A 587 -2.43 7.21 -39.61
C VAL A 587 -2.06 6.43 -40.88
N PRO A 588 -2.31 5.14 -40.94
CA PRO A 588 -1.91 4.36 -42.12
C PRO A 588 -2.84 4.62 -43.30
N GLY A 589 -2.44 4.08 -44.45
CA GLY A 589 -3.23 4.16 -45.66
C GLY A 589 -2.60 4.99 -46.77
N ARG A 590 -1.51 5.71 -46.50
CA ARG A 590 -0.86 6.50 -47.53
C ARG A 590 -0.21 5.58 -48.56
N ARG A 591 -0.20 6.05 -49.81
CA ARG A 591 0.33 5.30 -50.94
C ARG A 591 1.47 6.05 -51.61
N ASP A 592 2.31 6.70 -50.81
CA ASP A 592 3.45 7.45 -51.33
C ASP A 592 4.74 7.00 -50.67
N VAL A 608 16.28 2.28 -41.31
CA VAL A 608 15.11 1.45 -41.05
C VAL A 608 13.85 2.13 -41.55
N THR A 609 13.01 1.38 -42.25
CA THR A 609 11.76 1.89 -42.80
C THR A 609 10.61 1.51 -41.88
N CYS A 610 9.73 2.47 -41.61
CA CYS A 610 8.59 2.22 -40.75
C CYS A 610 7.67 1.19 -41.38
N PRO A 611 7.25 0.16 -40.66
CA PRO A 611 6.33 -0.85 -41.22
C PRO A 611 4.89 -0.34 -41.32
N TYR A 612 4.63 0.39 -42.41
CA TYR A 612 3.29 0.94 -42.64
C TYR A 612 2.26 -0.17 -42.80
N ARG A 613 2.67 -1.33 -43.32
CA ARG A 613 1.75 -2.46 -43.40
C ARG A 613 1.33 -2.92 -42.01
N ALA A 614 2.24 -2.89 -41.05
CA ALA A 614 1.88 -3.21 -39.67
C ALA A 614 0.89 -2.19 -39.12
N ILE A 615 1.08 -0.91 -39.44
CA ILE A 615 0.13 0.11 -39.01
C ILE A 615 -1.24 -0.15 -39.60
N GLU A 616 -1.29 -0.49 -40.89
CA GLU A 616 -2.56 -0.79 -41.55
C GLU A 616 -3.24 -1.99 -40.90
N SER A 617 -2.48 -3.05 -40.62
CA SER A 617 -3.06 -4.24 -40.00
C SER A 617 -3.58 -3.93 -38.60
N LEU A 618 -2.82 -3.15 -37.82
CA LEU A 618 -3.25 -2.80 -36.48
C LEU A 618 -4.53 -1.96 -36.53
N TYR A 619 -4.61 -1.00 -37.45
CA TYR A 619 -5.81 -0.18 -37.53
C TYR A 619 -7.00 -0.98 -38.02
N ARG A 620 -6.79 -1.91 -38.96
CA ARG A 620 -7.88 -2.79 -39.37
C ARG A 620 -8.39 -3.63 -38.21
N LYS A 621 -7.47 -4.18 -37.41
CA LYS A 621 -7.88 -4.94 -36.24
C LYS A 621 -8.66 -4.07 -35.26
N HIS A 622 -8.19 -2.84 -35.02
CA HIS A 622 -8.86 -1.96 -34.07
C HIS A 622 -10.26 -1.59 -34.56
N CYS A 623 -10.40 -1.30 -35.86
CA CYS A 623 -11.69 -0.90 -36.38
C CYS A 623 -12.67 -2.07 -36.43
N LEU A 624 -12.19 -3.26 -36.81
CA LEU A 624 -13.07 -4.42 -36.87
C LEU A 624 -13.50 -4.86 -35.47
N GLU A 625 -12.59 -4.81 -34.50
CA GLU A 625 -12.89 -5.21 -33.13
C GLU A 625 -13.52 -4.09 -32.31
N GLN A 626 -13.61 -2.88 -32.84
CA GLN A 626 -14.19 -1.76 -32.12
C GLN A 626 -14.68 -0.69 -33.09
N THR A 691 -6.50 11.14 -44.98
CA THR A 691 -7.46 10.82 -46.04
C THR A 691 -8.83 10.41 -45.50
N TYR A 692 -8.89 10.06 -44.21
CA TYR A 692 -10.15 9.65 -43.60
C TYR A 692 -10.14 10.07 -42.15
N HIS A 693 -9.24 10.97 -41.79
CA HIS A 693 -9.11 11.36 -40.41
C HIS A 693 -8.91 12.86 -40.31
N HIS A 694 -9.47 13.50 -39.28
CA HIS A 694 -9.19 14.91 -39.13
C HIS A 694 -8.54 15.15 -37.77
N GLY A 695 -7.66 16.14 -37.71
CA GLY A 695 -6.93 16.40 -36.48
C GLY A 695 -6.01 17.60 -36.53
N ASN A 696 -4.79 17.43 -36.02
CA ASN A 696 -3.82 18.53 -35.92
C ASN A 696 -3.15 18.84 -37.25
N GLY A 697 -3.31 17.99 -38.26
CA GLY A 697 -2.71 18.21 -39.54
C GLY A 697 -1.88 17.03 -40.00
N PRO A 698 -1.90 16.75 -41.30
CA PRO A 698 -1.10 15.62 -41.82
C PRO A 698 0.39 15.75 -41.58
N TYR A 699 0.93 16.97 -41.62
CA TYR A 699 2.35 17.23 -41.40
C TYR A 699 3.22 16.36 -42.31
N ASN A 700 3.12 16.67 -43.61
CA ASN A 700 3.87 15.95 -44.63
C ASN A 700 5.37 16.17 -44.55
N ASP A 701 5.85 17.09 -43.70
CA ASP A 701 7.28 17.33 -43.61
C ASP A 701 8.00 16.18 -42.92
N VAL A 702 7.32 15.45 -42.04
CA VAL A 702 7.94 14.31 -41.37
C VAL A 702 8.30 13.24 -42.38
N ASN A 703 7.40 12.97 -43.32
CA ASN A 703 7.64 12.03 -44.42
C ASN A 703 7.97 10.62 -43.90
N ILE A 704 7.00 10.05 -43.20
CA ILE A 704 7.04 8.64 -42.81
C ILE A 704 6.34 7.84 -43.91
N PRO A 705 7.05 6.91 -44.58
CA PRO A 705 6.44 6.21 -45.71
C PRO A 705 5.18 5.46 -45.31
N GLY A 706 4.14 5.62 -46.13
CA GLY A 706 2.88 4.92 -45.92
C GLY A 706 2.02 5.43 -44.78
N CYS A 707 2.36 6.58 -44.20
CA CYS A 707 1.64 7.08 -43.04
C CYS A 707 1.64 8.60 -43.05
N TRP A 708 0.76 9.16 -42.23
CA TRP A 708 0.71 10.59 -42.06
C TRP A 708 0.98 10.80 -40.60
N PHE A 709 1.42 11.98 -40.22
CA PHE A 709 1.80 12.29 -38.84
C PHE A 709 0.89 13.39 -38.31
N PHE A 710 -0.10 13.00 -37.50
CA PHE A 710 -1.00 13.95 -36.85
C PHE A 710 -0.58 14.14 -35.41
N LYS A 711 -0.35 15.39 -35.01
CA LYS A 711 0.08 15.68 -33.65
C LYS A 711 -1.05 15.45 -32.65
N LEU A 712 -0.68 15.16 -31.42
CA LEU A 712 -1.66 15.02 -30.36
C LEU A 712 -2.24 16.37 -29.99
N PRO A 713 -3.56 16.47 -29.82
CA PRO A 713 -4.18 17.77 -29.52
C PRO A 713 -3.72 18.35 -28.19
N HIS A 714 -3.02 19.47 -28.22
CA HIS A 714 -2.53 20.12 -27.03
C HIS A 714 -3.52 21.20 -26.56
N LYS A 715 -3.56 21.41 -25.25
CA LYS A 715 -4.50 22.38 -24.68
C LYS A 715 -4.18 23.79 -25.12
N ASP A 716 -2.88 24.13 -25.23
CA ASP A 716 -2.50 25.48 -25.62
C ASP A 716 -2.83 25.79 -27.08
N GLY A 717 -2.78 24.79 -27.96
CA GLY A 717 -3.10 25.02 -29.35
C GLY A 717 -2.40 24.10 -30.32
N ASN A 718 -2.71 24.24 -31.61
CA ASN A 718 -2.09 23.38 -32.62
C ASN A 718 -0.62 23.73 -32.84
N ASN A 719 -0.24 24.99 -32.61
CA ASN A 719 1.15 25.39 -32.81
C ASN A 719 2.07 24.68 -31.83
N TYR A 720 1.64 24.54 -30.58
CA TYR A 720 2.46 23.88 -29.58
C TYR A 720 2.55 22.38 -29.86
N ASN A 721 3.61 21.76 -29.36
CA ASN A 721 3.89 20.35 -29.57
C ASN A 721 3.98 19.65 -28.23
N VAL A 722 3.33 18.49 -28.12
CA VAL A 722 3.34 17.73 -26.87
C VAL A 722 4.70 17.08 -26.69
N GLY A 723 5.07 16.85 -25.42
CA GLY A 723 6.34 16.23 -25.10
C GLY A 723 6.19 14.96 -24.29
N SER A 724 5.00 14.71 -23.77
CA SER A 724 4.73 13.53 -22.97
C SER A 724 3.24 13.18 -23.01
N PRO A 725 2.89 12.00 -23.54
CA PRO A 725 1.47 11.60 -23.57
C PRO A 725 0.92 11.19 -22.22
N PHE A 726 1.71 11.24 -21.15
CA PHE A 726 1.26 10.88 -19.81
C PHE A 726 0.92 12.12 -18.97
N ALA A 727 0.80 13.28 -19.60
CA ALA A 727 0.52 14.51 -18.87
C ALA A 727 -0.89 14.49 -18.28
N LYS A 728 -1.12 15.41 -17.34
CA LYS A 728 -2.41 15.50 -16.66
C LYS A 728 -3.54 15.92 -17.60
N ASP A 729 -3.23 16.42 -18.79
CA ASP A 729 -4.25 16.84 -19.74
C ASP A 729 -4.78 15.70 -20.60
N PHE A 730 -4.22 14.50 -20.46
CA PHE A 730 -4.63 13.35 -21.26
C PHE A 730 -5.41 12.31 -20.47
N LEU A 731 -5.57 12.51 -19.16
CA LEU A 731 -6.38 11.57 -18.37
C LEU A 731 -7.82 11.49 -18.85
N PRO A 732 -8.54 12.60 -19.08
CA PRO A 732 -9.86 12.47 -19.71
C PRO A 732 -9.81 11.85 -21.10
N LYS A 733 -8.73 12.10 -21.85
CA LYS A 733 -8.62 11.55 -23.20
C LYS A 733 -8.36 10.04 -23.18
N MET A 734 -7.76 9.51 -22.10
CA MET A 734 -7.53 8.09 -22.01
C MET A 734 -8.65 7.35 -21.29
N GLU A 735 -9.41 8.05 -20.43
CA GLU A 735 -10.58 7.43 -19.83
C GLU A 735 -11.68 7.22 -20.85
N ASP A 736 -11.74 8.05 -21.89
CA ASP A 736 -12.74 7.90 -22.94
C ASP A 736 -12.47 6.69 -23.84
N GLY A 737 -11.32 6.04 -23.69
CA GLY A 737 -10.99 4.91 -24.52
C GLY A 737 -10.28 5.25 -25.82
N THR A 738 -9.68 6.43 -25.92
CA THR A 738 -8.95 6.85 -27.12
C THR A 738 -7.46 6.59 -26.98
N LEU A 739 -6.86 6.98 -25.86
CA LEU A 739 -5.44 6.74 -25.59
C LEU A 739 -5.34 5.39 -24.88
N GLN A 740 -5.24 4.32 -25.68
CA GLN A 740 -5.25 2.96 -25.17
C GLN A 740 -3.89 2.30 -25.39
N ALA A 741 -3.54 1.38 -24.48
CA ALA A 741 -2.36 0.54 -24.64
C ALA A 741 -2.72 -0.67 -25.48
N GLY A 742 -1.95 -0.89 -26.55
CA GLY A 742 -2.25 -1.94 -27.50
C GLY A 742 -1.64 -3.27 -27.12
N PRO A 743 -0.78 -3.81 -27.98
CA PRO A 743 -0.13 -5.09 -27.70
C PRO A 743 0.66 -5.06 -26.40
N GLY A 744 1.05 -6.25 -25.95
CA GLY A 744 1.65 -6.39 -24.64
C GLY A 744 0.64 -6.04 -23.56
N GLY A 745 -0.57 -6.57 -23.69
CA GLY A 745 -1.68 -6.24 -22.81
C GLY A 745 -1.58 -6.79 -21.40
N ALA A 746 -0.56 -7.59 -21.10
CA ALA A 746 -0.41 -8.12 -19.75
C ALA A 746 -0.06 -7.02 -18.77
N SER A 747 1.04 -6.32 -19.02
CA SER A 747 1.47 -5.21 -18.16
C SER A 747 1.31 -3.85 -18.82
N GLY A 748 0.86 -3.80 -20.07
CA GLY A 748 0.72 -2.54 -20.77
C GLY A 748 -0.36 -1.65 -20.20
N PRO A 749 -1.62 -2.05 -20.35
CA PRO A 749 -2.72 -1.24 -19.79
C PRO A 749 -2.68 -1.15 -18.29
N ARG A 750 -2.02 -2.09 -17.60
CA ARG A 750 -1.91 -2.01 -16.15
C ARG A 750 -1.12 -0.77 -15.73
N ALA A 751 -0.05 -0.45 -16.46
CA ALA A 751 0.72 0.74 -16.15
C ALA A 751 -0.11 2.01 -16.35
N LEU A 752 -0.91 2.05 -17.42
CA LEU A 752 -1.77 3.20 -17.65
C LEU A 752 -2.82 3.34 -16.56
N GLU A 753 -3.41 2.21 -16.14
CA GLU A 753 -4.38 2.24 -15.05
C GLU A 753 -3.74 2.74 -13.77
N ILE A 754 -2.53 2.28 -13.46
CA ILE A 754 -1.84 2.73 -12.25
C ILE A 754 -1.56 4.22 -12.34
N ASN A 755 -1.13 4.69 -13.52
CA ASN A 755 -0.89 6.12 -13.70
C ASN A 755 -2.17 6.92 -13.48
N LYS A 756 -3.30 6.42 -13.97
CA LYS A 756 -4.58 7.09 -13.72
C LYS A 756 -4.92 7.11 -12.24
N MET A 757 -4.63 6.01 -11.53
CA MET A 757 -5.04 5.88 -10.13
C MET A 757 -4.30 6.86 -9.22
N ILE A 758 -3.00 7.08 -9.47
CA ILE A 758 -2.17 7.84 -8.55
C ILE A 758 -1.93 9.27 -9.06
N SER A 759 -2.75 9.74 -10.00
CA SER A 759 -2.55 11.08 -10.53
C SER A 759 -2.84 12.15 -9.48
N PHE A 760 -3.97 12.00 -8.77
CA PHE A 760 -4.35 13.00 -7.78
C PHE A 760 -3.32 13.11 -6.66
N TRP A 761 -2.88 11.97 -6.13
CA TRP A 761 -1.88 12.02 -5.06
C TRP A 761 -0.55 12.53 -5.57
N ARG A 762 -0.14 12.13 -6.77
CA ARG A 762 1.09 12.64 -7.37
C ARG A 762 1.05 14.16 -7.48
N ASN A 763 -0.09 14.71 -7.89
CA ASN A 763 -0.19 16.15 -8.11
C ASN A 763 -0.50 16.95 -6.85
N ALA A 764 -0.97 16.31 -5.77
CA ALA A 764 -1.35 17.10 -4.60
C ALA A 764 -0.92 16.49 -3.27
N HIS A 765 0.12 15.67 -3.23
CA HIS A 765 0.56 15.12 -1.95
C HIS A 765 1.33 16.14 -1.12
N LYS A 766 1.98 17.11 -1.78
CA LYS A 766 2.72 18.12 -1.04
C LYS A 766 1.78 19.00 -0.22
N ARG A 767 0.64 19.39 -0.80
CA ARG A 767 -0.29 20.28 -0.09
C ARG A 767 -0.99 19.55 1.05
N ILE A 768 -1.47 18.33 0.79
CA ILE A 768 -2.25 17.62 1.79
C ILE A 768 -1.39 17.26 2.99
N SER A 769 -0.17 16.77 2.75
CA SER A 769 0.70 16.36 3.84
C SER A 769 1.29 17.53 4.62
N SER A 770 1.19 18.75 4.09
CA SER A 770 1.73 19.94 4.75
C SER A 770 0.67 20.74 5.48
N GLN A 771 -0.55 20.20 5.63
CA GLN A 771 -1.59 20.90 6.36
C GLN A 771 -1.21 21.07 7.82
N MET A 772 -1.39 22.27 8.35
CA MET A 772 -1.03 22.59 9.73
C MET A 772 -2.08 22.01 10.67
N VAL A 773 -1.80 20.85 11.24
CA VAL A 773 -2.71 20.18 12.17
C VAL A 773 -2.24 20.47 13.59
N VAL A 774 -3.14 20.98 14.42
CA VAL A 774 -2.88 21.26 15.83
C VAL A 774 -3.84 20.43 16.67
N TRP A 775 -3.30 19.69 17.62
CA TRP A 775 -4.09 18.78 18.45
C TRP A 775 -4.33 19.44 19.81
N LEU A 776 -5.61 19.55 20.19
CA LEU A 776 -5.96 20.17 21.45
C LEU A 776 -5.72 19.20 22.62
N PRO A 777 -5.29 19.71 23.76
CA PRO A 777 -5.22 18.87 24.96
C PRO A 777 -6.60 18.57 25.50
N ARG A 778 -6.68 17.50 26.30
CA ARG A 778 -7.96 17.11 26.89
C ARG A 778 -8.52 18.20 27.80
N SER A 779 -7.64 18.97 28.45
CA SER A 779 -8.10 20.04 29.33
C SER A 779 -8.84 21.12 28.54
N ALA A 780 -8.33 21.46 27.35
CA ALA A 780 -8.96 22.50 26.54
C ALA A 780 -10.24 22.05 25.87
N LEU A 781 -10.49 20.75 25.80
CA LEU A 781 -11.72 20.26 25.19
C LEU A 781 -12.92 20.60 26.07
N PRO A 782 -14.08 20.89 25.48
CA PRO A 782 -15.27 21.17 26.28
C PRO A 782 -15.78 19.91 26.97
N ARG A 783 -16.59 20.13 28.01
CA ARG A 783 -17.11 19.03 28.82
C ARG A 783 -17.99 18.08 28.01
N VAL A 784 -18.58 18.55 26.92
CA VAL A 784 -19.48 17.69 26.14
C VAL A 784 -18.70 16.58 25.44
N VAL A 785 -17.50 16.90 24.93
CA VAL A 785 -16.74 15.91 24.16
C VAL A 785 -16.24 14.79 25.05
N THR A 786 -15.71 15.13 26.23
CA THR A 786 -15.08 14.12 27.08
C THR A 786 -16.10 13.14 27.66
N ARG A 787 -17.35 13.57 27.82
CA ARG A 787 -18.39 12.76 28.47
C ARG A 787 -19.33 12.12 27.45
N HIS A 788 -18.82 11.74 26.27
CA HIS A 788 -19.65 11.14 25.24
C HIS A 788 -19.33 9.65 25.09
N PRO A 789 -20.32 8.82 24.82
CA PRO A 789 -20.04 7.38 24.63
C PRO A 789 -19.07 7.09 23.51
N SER A 790 -19.09 7.89 22.44
CA SER A 790 -18.17 7.68 21.32
C SER A 790 -16.76 8.21 21.59
N PHE A 791 -16.56 8.90 22.71
CA PHE A 791 -15.24 9.44 23.02
C PHE A 791 -14.27 8.32 23.41
N ASP A 792 -13.02 8.48 23.01
CA ASP A 792 -11.95 7.55 23.35
C ASP A 792 -10.83 8.31 24.04
N GLU A 793 -10.33 7.76 25.14
CA GLU A 793 -9.28 8.44 25.89
C GLU A 793 -7.97 8.49 25.13
N GLU A 794 -7.68 7.49 24.32
CA GLU A 794 -6.42 7.41 23.59
C GLU A 794 -6.44 8.20 22.28
N GLY A 795 -7.59 8.77 21.90
CA GLY A 795 -7.69 9.51 20.67
C GLY A 795 -7.31 10.97 20.82
N HIS A 796 -6.87 11.53 19.69
CA HIS A 796 -6.50 12.91 19.66
C HIS A 796 -7.39 13.61 18.66
N TYR A 797 -8.03 14.69 19.09
CA TYR A 797 -8.91 15.46 18.21
C TYR A 797 -8.24 16.80 17.94
N GLY A 798 -8.08 17.12 16.65
CA GLY A 798 -7.41 18.33 16.24
C GLY A 798 -8.29 19.16 15.32
N ALA A 799 -7.69 20.24 14.80
CA ALA A 799 -8.39 21.15 13.91
C ALA A 799 -7.43 21.66 12.86
N ILE A 800 -7.87 21.64 11.60
CA ILE A 800 -7.13 22.24 10.49
C ILE A 800 -7.84 23.54 10.13
N LEU A 801 -7.11 24.66 10.20
CA LEU A 801 -7.68 25.95 9.86
C LEU A 801 -7.33 26.28 8.43
N PRO A 802 -8.28 26.25 7.49
CA PRO A 802 -7.95 26.55 6.10
C PRO A 802 -7.42 27.97 5.94
N GLN A 803 -6.42 28.12 5.08
CA GLN A 803 -5.87 29.43 4.75
C GLN A 803 -6.64 30.05 3.58
N VAL A 804 -7.93 30.26 3.81
CA VAL A 804 -8.82 30.72 2.76
C VAL A 804 -8.73 32.24 2.64
N VAL A 805 -8.51 32.72 1.43
CA VAL A 805 -8.58 34.14 1.13
C VAL A 805 -10.04 34.45 0.81
N THR A 806 -10.71 35.21 1.71
CA THR A 806 -12.14 35.40 1.60
C THR A 806 -12.55 36.06 0.29
N ALA A 807 -11.64 36.78 -0.37
CA ALA A 807 -11.87 37.30 -1.72
C ALA A 807 -10.56 37.10 -2.48
N GLY A 808 -10.44 35.95 -3.15
CA GLY A 808 -9.23 35.62 -3.87
C GLY A 808 -9.32 35.89 -5.35
N THR A 809 -10.50 36.29 -5.82
CA THR A 809 -10.75 36.62 -7.22
C THR A 809 -11.46 37.95 -7.31
N ILE A 810 -11.62 38.43 -8.55
CA ILE A 810 -12.41 39.63 -8.78
C ILE A 810 -13.86 39.39 -8.40
N THR A 811 -14.30 38.14 -8.41
CA THR A 811 -15.66 37.76 -8.05
C THR A 811 -15.85 37.59 -6.55
N ARG A 812 -14.78 37.77 -5.76
CA ARG A 812 -14.82 37.75 -4.30
C ARG A 812 -15.15 36.37 -3.72
N ARG A 813 -14.89 35.29 -4.46
CA ARG A 813 -15.11 33.95 -3.93
C ARG A 813 -13.82 33.44 -3.28
N ALA A 814 -13.98 32.72 -2.18
CA ALA A 814 -12.83 32.22 -1.43
C ALA A 814 -12.06 31.19 -2.25
N VAL A 815 -10.74 31.24 -2.17
CA VAL A 815 -9.86 30.37 -2.93
C VAL A 815 -8.99 29.58 -1.97
N GLU A 816 -8.97 28.25 -2.15
CA GLU A 816 -8.11 27.37 -1.37
C GLU A 816 -7.82 26.13 -2.20
N PRO A 817 -6.57 25.91 -2.64
CA PRO A 817 -6.28 24.79 -3.54
C PRO A 817 -6.58 23.42 -2.97
N THR A 818 -6.41 23.23 -1.66
CA THR A 818 -6.54 21.90 -1.07
C THR A 818 -7.99 21.56 -0.72
N TRP A 819 -8.68 22.45 0.00
CA TRP A 819 -10.01 22.16 0.52
C TRP A 819 -11.13 22.69 -0.37
N LEU A 820 -11.07 23.97 -0.74
CA LEU A 820 -12.14 24.59 -1.53
C LEU A 820 -12.01 24.16 -3.00
N THR A 821 -12.32 22.89 -3.23
CA THR A 821 -12.26 22.30 -4.57
C THR A 821 -13.48 21.42 -4.78
N ALA A 822 -13.60 20.90 -6.01
CA ALA A 822 -14.69 20.01 -6.39
C ALA A 822 -14.30 18.55 -6.32
N SER A 823 -13.14 18.23 -5.75
CA SER A 823 -12.70 16.84 -5.66
C SER A 823 -13.59 16.05 -4.72
N ASN A 824 -13.89 14.81 -5.11
CA ASN A 824 -14.70 13.90 -4.31
C ASN A 824 -14.06 12.52 -4.33
N ALA A 825 -14.40 11.72 -3.32
CA ALA A 825 -13.86 10.37 -3.23
C ALA A 825 -14.28 9.54 -4.43
N ARG A 826 -13.32 8.80 -4.99
CA ARG A 826 -13.53 7.99 -6.17
C ARG A 826 -13.03 6.57 -5.93
N PRO A 827 -13.61 5.57 -6.60
CA PRO A 827 -13.18 4.18 -6.41
C PRO A 827 -11.86 3.83 -7.06
N ASP A 828 -11.23 4.75 -7.80
CA ASP A 828 -9.99 4.46 -8.49
C ASP A 828 -8.98 5.59 -8.35
N ARG A 829 -9.07 6.35 -7.25
CA ARG A 829 -8.14 7.45 -6.98
C ARG A 829 -7.57 7.29 -5.58
N VAL A 830 -6.27 7.53 -5.43
CA VAL A 830 -5.59 7.40 -4.15
C VAL A 830 -5.64 8.75 -3.44
N GLY A 831 -6.11 8.74 -2.20
CA GLY A 831 -6.17 9.96 -1.41
C GLY A 831 -7.34 10.87 -1.70
N SER A 832 -8.33 10.40 -2.46
CA SER A 832 -9.46 11.25 -2.82
C SER A 832 -10.44 11.47 -1.67
N GLU A 833 -10.28 10.77 -0.54
CA GLU A 833 -11.20 10.86 0.58
C GLU A 833 -10.73 11.83 1.66
N LEU A 834 -9.92 12.83 1.28
CA LEU A 834 -9.40 13.77 2.26
C LEU A 834 -10.51 14.55 2.92
N LYS A 835 -11.57 14.89 2.17
CA LYS A 835 -12.70 15.60 2.75
C LYS A 835 -13.44 14.74 3.77
N ALA A 836 -13.50 13.43 3.54
CA ALA A 836 -14.13 12.52 4.49
C ALA A 836 -13.37 12.42 5.80
N MET A 837 -12.11 12.87 5.85
CA MET A 837 -11.34 12.80 7.08
C MET A 837 -11.61 13.97 8.02
N VAL A 838 -12.34 14.99 7.57
CA VAL A 838 -12.76 16.09 8.43
C VAL A 838 -13.97 15.58 9.22
N GLN A 839 -13.74 15.15 10.46
CA GLN A 839 -14.75 14.46 11.25
C GLN A 839 -15.10 15.29 12.47
N ALA A 840 -16.39 15.40 12.75
CA ALA A 840 -16.85 16.15 13.91
C ALA A 840 -16.40 15.46 15.20
N PRO A 841 -16.08 16.22 16.24
CA PRO A 841 -15.69 15.62 17.52
C PRO A 841 -16.90 15.02 18.22
N PRO A 842 -16.68 14.11 19.17
CA PRO A 842 -17.81 13.55 19.92
C PRO A 842 -18.59 14.64 20.65
N GLY A 843 -19.91 14.50 20.66
CA GLY A 843 -20.79 15.50 21.19
C GLY A 843 -21.19 16.58 20.20
N TYR A 844 -20.58 16.58 19.02
CA TYR A 844 -20.91 17.52 17.95
C TYR A 844 -21.17 16.74 16.67
N VAL A 845 -21.88 17.40 15.75
CA VAL A 845 -22.18 16.81 14.45
C VAL A 845 -22.09 17.90 13.41
N LEU A 846 -21.79 17.50 12.18
CA LEU A 846 -21.66 18.43 11.06
C LEU A 846 -22.99 18.53 10.33
N VAL A 847 -23.61 19.71 10.37
CA VAL A 847 -24.87 19.99 9.69
C VAL A 847 -24.55 20.80 8.44
N GLY A 848 -24.96 20.29 7.28
CA GLY A 848 -24.65 20.94 6.03
C GLY A 848 -25.83 20.96 5.09
N ALA A 849 -25.67 21.72 4.01
CA ALA A 849 -26.71 21.87 3.00
C ALA A 849 -26.08 22.44 1.74
N ASP A 850 -26.52 21.93 0.59
CA ASP A 850 -25.99 22.34 -0.71
C ASP A 850 -27.09 23.01 -1.51
N VAL A 851 -26.79 24.19 -2.06
CA VAL A 851 -27.75 24.91 -2.87
C VAL A 851 -27.88 24.24 -4.23
N ASP A 852 -29.12 24.03 -4.67
CA ASP A 852 -29.40 23.36 -5.92
C ASP A 852 -29.42 24.38 -7.06
N SER A 853 -28.39 24.36 -7.89
CA SER A 853 -28.25 25.24 -9.05
C SER A 853 -28.37 26.71 -8.64
N GLN A 854 -27.42 27.14 -7.79
CA GLN A 854 -27.44 28.50 -7.27
C GLN A 854 -27.26 29.52 -8.37
N GLU A 855 -26.21 29.35 -9.19
CA GLU A 855 -25.92 30.32 -10.24
C GLU A 855 -26.97 30.28 -11.34
N LEU A 856 -27.45 29.08 -11.69
CA LEU A 856 -28.52 28.98 -12.67
C LEU A 856 -29.79 29.68 -12.19
N TRP A 857 -30.15 29.49 -10.92
CA TRP A 857 -31.32 30.17 -10.38
C TRP A 857 -31.11 31.67 -10.32
N ILE A 858 -29.89 32.12 -10.00
CA ILE A 858 -29.62 33.56 -9.98
C ILE A 858 -29.79 34.16 -11.38
N ALA A 859 -29.24 33.50 -12.39
CA ALA A 859 -29.39 33.99 -13.76
C ALA A 859 -30.86 33.96 -14.18
N ALA A 860 -31.59 32.90 -13.82
CA ALA A 860 -32.99 32.80 -14.18
C ALA A 860 -33.81 33.89 -13.53
N VAL A 861 -33.56 34.18 -12.25
CA VAL A 861 -34.35 35.22 -11.58
C VAL A 861 -33.96 36.61 -12.09
N LEU A 862 -32.69 36.81 -12.46
CA LEU A 862 -32.33 38.07 -13.10
C LEU A 862 -33.06 38.26 -14.41
N GLY A 863 -33.10 37.21 -15.25
CA GLY A 863 -33.84 37.30 -16.49
C GLY A 863 -35.33 37.53 -16.28
N ASP A 864 -35.90 36.85 -15.28
CA ASP A 864 -37.33 37.02 -14.98
C ASP A 864 -37.63 38.45 -14.53
N ALA A 865 -36.77 39.01 -13.67
CA ALA A 865 -36.96 40.40 -13.25
C ALA A 865 -36.72 41.38 -14.39
N HIS A 866 -35.89 41.02 -15.37
CA HIS A 866 -35.65 41.92 -16.50
C HIS A 866 -36.78 41.87 -17.53
N PHE A 867 -37.41 40.71 -17.70
CA PHE A 867 -38.37 40.53 -18.78
C PHE A 867 -39.75 41.07 -18.41
N ALA A 868 -40.37 40.49 -17.38
CA ALA A 868 -41.76 40.84 -17.07
C ALA A 868 -42.02 41.05 -15.59
N GLY A 869 -41.03 40.89 -14.72
CA GLY A 869 -41.26 41.10 -13.30
C GLY A 869 -42.01 39.99 -12.62
N MET A 870 -41.84 38.75 -13.07
CA MET A 870 -42.48 37.62 -12.41
C MET A 870 -41.76 36.31 -12.74
N HIS A 871 -41.58 35.46 -11.73
CA HIS A 871 -40.85 34.21 -11.92
C HIS A 871 -41.50 33.38 -13.03
N GLY A 872 -40.65 32.80 -13.88
CA GLY A 872 -41.12 31.93 -14.93
C GLY A 872 -41.52 32.60 -16.23
N CYS A 873 -41.47 33.94 -16.29
CA CYS A 873 -41.83 34.62 -17.53
C CYS A 873 -40.85 34.26 -18.65
N THR A 874 -39.57 34.21 -18.33
CA THR A 874 -38.57 33.77 -19.30
C THR A 874 -38.61 32.25 -19.44
N ALA A 875 -38.24 31.78 -20.64
CA ALA A 875 -38.18 30.34 -20.87
C ALA A 875 -37.11 29.69 -20.00
N PHE A 876 -35.97 30.37 -19.82
CA PHE A 876 -34.91 29.84 -18.99
C PHE A 876 -35.36 29.70 -17.54
N GLY A 877 -36.03 30.72 -17.01
CA GLY A 877 -36.52 30.64 -15.64
C GLY A 877 -37.58 29.57 -15.46
N TRP A 878 -38.49 29.46 -16.44
CA TRP A 878 -39.52 28.43 -16.36
C TRP A 878 -38.92 27.04 -16.39
N MET A 879 -37.91 26.83 -17.25
CA MET A 879 -37.23 25.54 -17.29
C MET A 879 -36.47 25.26 -16.01
N THR A 880 -35.83 26.29 -15.43
CA THR A 880 -35.12 26.10 -14.18
C THR A 880 -36.05 25.72 -13.05
N LEU A 881 -37.22 26.39 -12.98
CA LEU A 881 -38.15 26.10 -11.90
C LEU A 881 -38.86 24.76 -12.09
N GLN A 882 -39.15 24.39 -13.34
CA GLN A 882 -39.91 23.18 -13.61
C GLN A 882 -39.04 21.98 -13.98
N GLY A 883 -37.79 22.21 -14.40
CA GLY A 883 -36.93 21.09 -14.75
C GLY A 883 -36.60 20.25 -13.52
N ARG A 884 -36.42 18.96 -13.76
CA ARG A 884 -36.00 18.05 -12.69
C ARG A 884 -34.97 17.10 -13.27
N LYS A 885 -33.85 16.92 -12.58
CA LYS A 885 -32.79 16.05 -13.07
C LYS A 885 -33.25 14.62 -13.25
N SER A 886 -33.95 14.09 -12.25
CA SER A 886 -34.39 12.70 -12.30
C SER A 886 -35.29 12.42 -13.49
N ARG A 887 -36.35 13.21 -13.63
CA ARG A 887 -37.28 13.01 -14.73
C ARG A 887 -36.62 13.24 -16.08
N GLY A 888 -35.73 14.23 -16.14
CA GLY A 888 -35.03 14.53 -17.39
C GLY A 888 -35.53 15.80 -18.05
N THR A 889 -35.83 16.82 -17.24
CA THR A 889 -36.28 18.09 -17.80
C THR A 889 -35.32 19.24 -17.46
N ASP A 890 -34.27 18.94 -16.70
CA ASP A 890 -33.34 19.97 -16.30
C ASP A 890 -32.57 20.51 -17.49
N LEU A 891 -31.94 21.67 -17.30
CA LEU A 891 -31.23 22.33 -18.39
C LEU A 891 -30.05 21.49 -18.88
N HIS A 892 -29.27 20.92 -17.96
CA HIS A 892 -28.09 20.16 -18.36
C HIS A 892 -28.47 18.91 -19.15
N SER A 893 -29.49 18.18 -18.70
CA SER A 893 -29.91 16.97 -19.41
C SER A 893 -30.45 17.30 -20.79
N LYS A 894 -31.25 18.37 -20.90
CA LYS A 894 -31.79 18.77 -22.19
C LYS A 894 -30.68 19.20 -23.14
N THR A 895 -29.71 19.97 -22.63
CA THR A 895 -28.58 20.36 -23.47
C THR A 895 -27.77 19.16 -23.93
N ALA A 896 -27.55 18.19 -23.03
CA ALA A 896 -26.83 16.98 -23.41
C ALA A 896 -27.59 16.19 -24.48
N ALA A 897 -28.90 16.07 -24.34
CA ALA A 897 -29.69 15.32 -25.30
C ALA A 897 -29.85 16.06 -26.62
N THR A 898 -29.72 17.39 -26.63
CA THR A 898 -29.89 18.15 -27.86
C THR A 898 -28.82 17.80 -28.89
N VAL A 899 -27.56 17.68 -28.45
CA VAL A 899 -26.44 17.46 -29.35
C VAL A 899 -25.61 16.23 -28.99
N GLY A 900 -26.01 15.46 -27.97
CA GLY A 900 -25.34 14.22 -27.67
C GLY A 900 -23.98 14.36 -27.02
N ILE A 901 -23.97 14.86 -25.78
CA ILE A 901 -22.75 15.00 -25.04
C ILE A 901 -22.95 14.42 -23.66
N SER A 902 -21.88 14.28 -22.91
CA SER A 902 -21.98 13.80 -21.54
C SER A 902 -22.57 14.89 -20.64
N ARG A 903 -23.15 14.49 -19.52
CA ARG A 903 -23.75 15.45 -18.63
C ARG A 903 -22.69 16.44 -18.14
N GLU A 904 -21.56 15.93 -17.68
CA GLU A 904 -20.56 16.84 -17.13
C GLU A 904 -20.07 17.83 -18.18
N HIS A 905 -19.85 17.36 -19.42
CA HIS A 905 -19.47 18.27 -20.49
C HIS A 905 -20.56 19.28 -20.79
N ALA A 906 -21.82 18.84 -20.80
CA ALA A 906 -22.94 19.76 -21.00
C ALA A 906 -23.04 20.75 -19.85
N LYS A 907 -22.76 20.31 -18.63
CA LYS A 907 -22.76 21.21 -17.48
C LYS A 907 -21.68 22.27 -17.63
N ILE A 908 -20.47 21.87 -18.05
CA ILE A 908 -19.40 22.83 -18.28
C ILE A 908 -19.80 23.81 -19.37
N PHE A 909 -20.38 23.30 -20.46
CA PHE A 909 -20.85 24.14 -21.56
C PHE A 909 -21.85 25.18 -21.07
N ASN A 910 -22.85 24.75 -20.32
CA ASN A 910 -23.91 25.66 -19.88
C ASN A 910 -23.38 26.67 -18.87
N TYR A 911 -22.52 26.24 -17.95
CA TYR A 911 -21.96 27.19 -16.98
C TYR A 911 -21.07 28.22 -17.67
N GLY A 912 -20.29 27.78 -18.67
CA GLY A 912 -19.50 28.74 -19.42
C GLY A 912 -20.35 29.73 -20.20
N ARG A 913 -21.42 29.23 -20.82
CA ARG A 913 -22.32 30.12 -21.55
C ARG A 913 -22.99 31.12 -20.62
N ILE A 914 -23.39 30.69 -19.43
CA ILE A 914 -23.99 31.61 -18.46
C ILE A 914 -22.95 32.62 -17.99
N TYR A 915 -21.71 32.18 -17.79
CA TYR A 915 -20.65 33.09 -17.39
C TYR A 915 -20.32 34.12 -18.47
N GLY A 916 -20.73 33.86 -19.71
CA GLY A 916 -20.51 34.79 -20.80
C GLY A 916 -19.54 34.32 -21.87
N ALA A 917 -19.24 33.03 -21.95
CA ALA A 917 -18.32 32.54 -22.96
C ALA A 917 -18.91 32.68 -24.35
N GLY A 918 -18.08 33.11 -25.29
CA GLY A 918 -18.52 33.31 -26.65
C GLY A 918 -18.60 32.02 -27.43
N GLN A 919 -18.80 32.16 -28.75
CA GLN A 919 -18.91 30.99 -29.61
C GLN A 919 -17.57 30.27 -29.74
N SER A 920 -16.46 31.00 -29.66
CA SER A 920 -15.14 30.37 -29.77
C SER A 920 -14.89 29.39 -28.63
N PHE A 921 -15.29 29.76 -27.42
CA PHE A 921 -15.16 28.86 -26.28
C PHE A 921 -15.98 27.59 -26.49
N ALA A 922 -17.20 27.73 -27.02
CA ALA A 922 -18.02 26.57 -27.31
C ALA A 922 -17.36 25.69 -28.38
N GLU A 923 -16.80 26.30 -29.42
CA GLU A 923 -16.15 25.55 -30.49
C GLU A 923 -14.96 24.77 -29.95
N ARG A 924 -14.12 25.42 -29.13
CA ARG A 924 -12.95 24.73 -28.60
C ARG A 924 -13.35 23.64 -27.62
N LEU A 925 -14.40 23.86 -26.83
CA LEU A 925 -14.88 22.81 -25.94
C LEU A 925 -15.41 21.62 -26.72
N LEU A 926 -16.15 21.87 -27.80
CA LEU A 926 -16.66 20.77 -28.61
C LEU A 926 -15.53 20.00 -29.28
N MET A 927 -14.49 20.71 -29.75
CA MET A 927 -13.36 20.03 -30.37
C MET A 927 -12.56 19.23 -29.34
N GLN A 928 -12.41 19.76 -28.13
CA GLN A 928 -11.64 19.08 -27.10
C GLN A 928 -12.38 17.84 -26.59
N PHE A 929 -13.68 17.97 -26.30
CA PHE A 929 -14.45 16.84 -25.78
C PHE A 929 -14.55 15.73 -26.81
N ASN A 930 -14.77 16.07 -28.07
CA ASN A 930 -14.86 15.10 -29.16
C ASN A 930 -13.89 15.55 -30.25
N HIS A 931 -12.71 14.93 -30.30
CA HIS A 931 -11.71 15.28 -31.29
C HIS A 931 -12.14 14.94 -32.71
N ARG A 932 -13.12 14.05 -32.87
CA ARG A 932 -13.60 13.70 -34.20
C ARG A 932 -14.34 14.85 -34.87
N LEU A 933 -14.79 15.84 -34.09
CA LEU A 933 -15.47 17.00 -34.66
C LEU A 933 -14.48 17.93 -35.33
N THR A 934 -14.77 18.33 -36.55
CA THR A 934 -13.96 19.31 -37.25
C THR A 934 -14.27 20.71 -36.74
N ARG A 935 -13.41 21.66 -37.11
CA ARG A 935 -13.62 23.04 -36.69
C ARG A 935 -14.91 23.61 -37.27
N GLN A 936 -15.20 23.30 -38.53
CA GLN A 936 -16.43 23.79 -39.16
C GLN A 936 -17.66 23.18 -38.49
N GLU A 937 -17.65 21.88 -38.23
CA GLU A 937 -18.79 21.25 -37.58
C GLU A 937 -18.96 21.75 -36.16
N ALA A 938 -17.85 21.94 -35.44
CA ALA A 938 -17.94 22.50 -34.10
C ALA A 938 -18.51 23.91 -34.12
N ALA A 939 -18.09 24.73 -35.10
CA ALA A 939 -18.62 26.08 -35.22
C ALA A 939 -20.11 26.05 -35.51
N GLU A 940 -20.55 25.16 -36.41
CA GLU A 940 -21.98 25.06 -36.72
C GLU A 940 -22.77 24.62 -35.50
N LYS A 941 -22.28 23.63 -34.76
CA LYS A 941 -22.99 23.16 -33.58
C LYS A 941 -23.05 24.23 -32.50
N ALA A 942 -21.95 24.98 -32.31
CA ALA A 942 -21.95 26.06 -31.33
C ALA A 942 -22.93 27.16 -31.73
N GLN A 943 -22.97 27.50 -33.02
CA GLN A 943 -23.91 28.51 -33.48
C GLN A 943 -25.35 28.05 -33.28
N GLN A 944 -25.64 26.78 -33.59
CA GLN A 944 -26.98 26.26 -33.39
C GLN A 944 -27.37 26.28 -31.91
N MET A 945 -26.44 25.89 -31.03
CA MET A 945 -26.74 25.88 -29.60
C MET A 945 -26.96 27.29 -29.06
N TYR A 946 -26.12 28.24 -29.45
CA TYR A 946 -26.25 29.60 -28.95
C TYR A 946 -27.50 30.28 -29.50
N ALA A 947 -27.83 30.03 -30.77
CA ALA A 947 -29.06 30.57 -31.33
C ALA A 947 -30.30 29.87 -30.79
N VAL A 948 -30.15 28.68 -30.23
CA VAL A 948 -31.26 27.89 -29.69
C VAL A 948 -32.31 27.64 -30.75
N GLY A 1011 -34.15 35.97 -30.18
CA GLY A 1011 -35.26 35.09 -29.85
C GLY A 1011 -34.81 33.73 -29.34
N GLY A 1012 -34.36 33.66 -28.10
CA GLY A 1012 -33.92 32.40 -27.54
C GLY A 1012 -34.36 32.22 -26.11
N THR A 1013 -33.99 31.10 -25.51
CA THR A 1013 -34.39 30.81 -24.14
C THR A 1013 -33.77 31.74 -23.12
N GLU A 1014 -32.51 32.12 -23.29
CA GLU A 1014 -31.84 32.92 -22.28
C GLU A 1014 -31.54 34.35 -22.69
N SER A 1015 -32.13 34.80 -23.78
CA SER A 1015 -31.85 36.14 -24.28
C SER A 1015 -32.06 37.22 -23.24
N GLU A 1016 -33.20 37.25 -22.56
CA GLU A 1016 -33.47 38.29 -21.56
C GLU A 1016 -32.52 38.22 -20.38
N MET A 1017 -32.15 37.03 -19.95
CA MET A 1017 -31.19 36.89 -18.86
C MET A 1017 -29.87 37.52 -19.24
N PHE A 1018 -29.41 37.29 -20.46
CA PHE A 1018 -28.17 37.89 -20.92
C PHE A 1018 -28.26 39.40 -21.11
N ASN A 1019 -29.31 39.87 -21.80
CA ASN A 1019 -29.50 41.29 -21.99
C ASN A 1019 -29.39 41.98 -20.65
N LYS A 1020 -29.91 41.34 -19.62
CA LYS A 1020 -29.79 41.87 -18.26
C LYS A 1020 -28.34 41.89 -17.80
N LEU A 1021 -27.61 40.80 -18.05
CA LEU A 1021 -26.20 40.74 -17.67
C LEU A 1021 -25.38 41.79 -18.40
N GLU A 1022 -25.64 41.97 -19.70
CA GLU A 1022 -24.90 42.98 -20.46
C GLU A 1022 -25.21 44.39 -19.96
N SER A 1023 -26.47 44.64 -19.62
CA SER A 1023 -26.86 45.93 -19.11
C SER A 1023 -26.18 46.21 -17.78
N ILE A 1024 -26.17 45.24 -16.89
CA ILE A 1024 -25.50 45.41 -15.61
C ILE A 1024 -24.00 45.62 -15.79
N ALA A 1025 -23.38 44.83 -16.66
CA ALA A 1025 -21.94 44.93 -16.86
C ALA A 1025 -21.54 46.27 -17.48
N MET A 1026 -22.35 46.77 -18.42
CA MET A 1026 -22.00 47.98 -19.16
C MET A 1026 -22.39 49.26 -18.44
N SER A 1027 -22.94 49.18 -17.23
CA SER A 1027 -23.30 50.39 -16.50
C SER A 1027 -22.04 51.14 -16.07
N ASP A 1028 -22.24 52.39 -15.63
CA ASP A 1028 -21.12 53.23 -15.23
C ASP A 1028 -20.38 52.63 -14.04
N THR A 1029 -21.13 52.16 -13.04
CA THR A 1029 -20.57 51.50 -11.86
C THR A 1029 -21.31 50.18 -11.67
N PRO A 1030 -20.81 49.10 -12.25
CA PRO A 1030 -21.49 47.80 -12.11
C PRO A 1030 -21.54 47.33 -10.67
N ARG A 1031 -22.74 47.30 -10.09
CA ARG A 1031 -22.95 46.88 -8.71
C ARG A 1031 -23.80 45.63 -8.68
N THR A 1032 -23.64 44.86 -7.61
CA THR A 1032 -24.44 43.65 -7.43
C THR A 1032 -25.92 44.02 -7.27
N PRO A 1033 -26.83 43.28 -7.90
CA PRO A 1033 -28.25 43.62 -7.81
C PRO A 1033 -28.92 43.22 -6.50
N VAL A 1034 -28.15 42.79 -5.49
CA VAL A 1034 -28.73 42.36 -4.23
C VAL A 1034 -28.20 43.23 -3.09
N LEU A 1035 -26.88 43.25 -2.92
CA LEU A 1035 -26.26 44.01 -1.85
C LEU A 1035 -25.58 45.28 -2.32
N GLY A 1036 -25.56 45.53 -3.64
CA GLY A 1036 -24.98 46.76 -4.14
C GLY A 1036 -23.48 46.86 -4.06
N CYS A 1037 -22.79 45.72 -4.00
CA CYS A 1037 -21.33 45.74 -3.95
C CYS A 1037 -20.76 46.17 -5.30
N CYS A 1038 -19.87 47.16 -5.27
CA CYS A 1038 -19.31 47.70 -6.50
C CYS A 1038 -18.24 46.78 -7.07
N ILE A 1039 -18.08 46.86 -8.40
CA ILE A 1039 -17.10 46.03 -9.09
C ILE A 1039 -15.69 46.56 -8.83
N SER A 1040 -14.69 45.73 -9.17
CA SER A 1040 -13.30 46.14 -9.04
C SER A 1040 -13.02 47.37 -9.89
N ARG A 1041 -12.19 48.26 -9.37
CA ARG A 1041 -11.84 49.48 -10.11
C ARG A 1041 -11.10 49.16 -11.40
N ALA A 1042 -10.43 48.01 -11.46
CA ALA A 1042 -9.71 47.60 -12.67
C ALA A 1042 -10.65 47.11 -13.77
N LEU A 1043 -11.94 46.94 -13.48
CA LEU A 1043 -12.90 46.48 -14.47
C LEU A 1043 -13.97 47.51 -14.81
N GLU A 1044 -13.91 48.70 -14.19
CA GLU A 1044 -14.89 49.74 -14.51
C GLU A 1044 -14.70 50.21 -15.95
N PRO A 1045 -15.79 50.54 -16.65
CA PRO A 1045 -15.66 50.98 -18.05
C PRO A 1045 -14.89 52.28 -18.22
N SER A 1046 -14.76 53.06 -17.15
CA SER A 1046 -13.99 54.31 -17.23
C SER A 1046 -12.51 54.06 -17.48
N VAL A 1047 -12.01 52.87 -17.17
CA VAL A 1047 -10.60 52.56 -17.33
C VAL A 1047 -10.34 51.43 -18.31
N VAL A 1048 -11.39 50.72 -18.77
CA VAL A 1048 -11.23 49.62 -19.72
C VAL A 1048 -11.96 49.86 -21.02
N GLN A 1049 -12.69 50.98 -21.14
CA GLN A 1049 -13.47 51.30 -22.33
C GLN A 1049 -14.41 50.15 -22.70
N GLY A 1050 -14.29 49.61 -23.90
CA GLY A 1050 -15.10 48.51 -24.35
C GLY A 1050 -14.49 47.14 -24.17
N GLU A 1051 -13.40 47.03 -23.42
CA GLU A 1051 -12.72 45.76 -23.19
C GLU A 1051 -13.18 45.12 -21.89
N PHE A 1052 -12.87 43.83 -21.75
CA PHE A 1052 -13.13 43.06 -20.53
C PHE A 1052 -14.63 43.03 -20.22
N ILE A 1053 -15.40 42.49 -21.16
CA ILE A 1053 -16.83 42.31 -21.00
C ILE A 1053 -17.16 40.88 -20.55
N THR A 1054 -16.45 39.89 -21.11
CA THR A 1054 -16.64 38.51 -20.70
C THR A 1054 -16.30 38.32 -19.22
N SER A 1055 -15.37 39.13 -18.70
CA SER A 1055 -15.06 39.08 -17.27
C SER A 1055 -16.20 39.65 -16.44
N ARG A 1056 -16.79 40.76 -16.89
CA ARG A 1056 -17.82 41.43 -16.08
C ARG A 1056 -19.13 40.65 -16.08
N VAL A 1057 -19.48 40.03 -17.22
CA VAL A 1057 -20.73 39.27 -17.25
C VAL A 1057 -20.64 38.06 -16.31
N ASN A 1058 -19.46 37.46 -16.18
CA ASN A 1058 -19.27 36.39 -15.20
C ASN A 1058 -19.21 36.96 -13.78
N TRP A 1059 -18.61 38.13 -13.62
CA TRP A 1059 -18.50 38.75 -12.30
C TRP A 1059 -19.88 39.03 -11.71
N VAL A 1060 -20.83 39.44 -12.54
CA VAL A 1060 -22.16 39.75 -12.03
C VAL A 1060 -22.76 38.52 -11.33
N VAL A 1061 -22.76 37.37 -12.03
CA VAL A 1061 -23.36 36.16 -11.48
C VAL A 1061 -22.58 35.67 -10.27
N GLN A 1062 -21.24 35.66 -10.36
CA GLN A 1062 -20.46 35.09 -9.26
C GLN A 1062 -20.51 35.98 -8.03
N SER A 1063 -20.55 37.31 -8.21
CA SER A 1063 -20.70 38.21 -7.07
C SER A 1063 -22.09 38.14 -6.48
N SER A 1064 -23.12 37.89 -7.31
CA SER A 1064 -24.44 37.61 -6.76
C SER A 1064 -24.41 36.36 -5.89
N ALA A 1065 -23.71 35.31 -6.34
CA ALA A 1065 -23.57 34.12 -5.53
C ALA A 1065 -22.83 34.39 -4.23
N VAL A 1066 -21.79 35.22 -4.29
CA VAL A 1066 -21.04 35.56 -3.08
C VAL A 1066 -21.90 36.34 -2.10
N ASP A 1067 -22.72 37.27 -2.61
CA ASP A 1067 -23.66 37.99 -1.75
C ASP A 1067 -24.69 37.04 -1.16
N TYR A 1068 -25.11 36.04 -1.94
CA TYR A 1068 -26.00 35.00 -1.42
C TYR A 1068 -25.36 34.27 -0.24
N LEU A 1069 -24.08 33.92 -0.39
CA LEU A 1069 -23.35 33.27 0.69
C LEU A 1069 -23.24 34.19 1.91
N HIS A 1070 -23.03 35.47 1.68
CA HIS A 1070 -22.94 36.40 2.79
C HIS A 1070 -24.24 36.47 3.53
N LEU A 1071 -25.34 36.58 2.79
CA LEU A 1071 -26.67 36.60 3.43
C LEU A 1071 -26.91 35.32 4.21
N MET A 1072 -26.53 34.17 3.64
CA MET A 1072 -26.68 32.90 4.35
C MET A 1072 -25.92 32.92 5.67
N LEU A 1073 -24.66 33.37 5.64
CA LEU A 1073 -23.86 33.38 6.86
C LEU A 1073 -24.44 34.33 7.90
N VAL A 1074 -24.86 35.53 7.48
CA VAL A 1074 -25.42 36.49 8.43
C VAL A 1074 -26.67 35.94 9.08
N ALA A 1075 -27.58 35.38 8.27
CA ALA A 1075 -28.82 34.84 8.81
C ALA A 1075 -28.56 33.66 9.73
N MET A 1076 -27.62 32.77 9.35
CA MET A 1076 -27.29 31.63 10.20
C MET A 1076 -26.71 32.08 11.53
N LYS A 1077 -25.80 33.06 11.51
CA LYS A 1077 -25.23 33.54 12.76
C LYS A 1077 -26.29 34.20 13.64
N TRP A 1078 -27.20 34.97 13.03
CA TRP A 1078 -28.26 35.59 13.81
C TRP A 1078 -29.17 34.54 14.45
N LEU A 1079 -29.54 33.51 13.68
CA LEU A 1079 -30.39 32.46 14.25
C LEU A 1079 -29.68 31.69 15.35
N PHE A 1080 -28.38 31.44 15.17
CA PHE A 1080 -27.61 30.73 16.20
C PHE A 1080 -27.50 31.56 17.48
N GLU A 1081 -27.30 32.88 17.34
CA GLU A 1081 -27.13 33.71 18.53
C GLU A 1081 -28.46 33.96 19.24
N GLU A 1082 -29.55 34.11 18.48
CA GLU A 1082 -30.82 34.49 19.09
C GLU A 1082 -31.43 33.36 19.90
N PHE A 1083 -31.41 32.15 19.36
CA PHE A 1083 -32.08 31.01 19.98
C PHE A 1083 -31.12 30.12 20.76
N ALA A 1084 -29.89 30.56 21.00
CA ALA A 1084 -28.91 29.85 21.81
C ALA A 1084 -28.65 28.44 21.27
N ILE A 1085 -28.10 28.40 20.06
CA ILE A 1085 -27.71 27.15 19.40
C ILE A 1085 -26.20 27.08 19.40
N ASP A 1086 -25.66 26.00 19.94
CA ASP A 1086 -24.21 25.83 20.05
C ASP A 1086 -23.68 25.30 18.72
N GLY A 1087 -22.96 26.15 17.99
CA GLY A 1087 -22.37 25.75 16.73
C GLY A 1087 -21.51 26.85 16.17
N ARG A 1088 -20.78 26.51 15.12
CA ARG A 1088 -19.88 27.46 14.48
C ARG A 1088 -19.75 27.11 13.00
N PHE A 1089 -19.34 28.11 12.22
CA PHE A 1089 -19.14 27.91 10.79
C PHE A 1089 -17.93 27.00 10.56
N CYS A 1090 -18.11 25.99 9.70
CA CYS A 1090 -17.07 25.02 9.43
C CYS A 1090 -16.32 25.31 8.14
N ILE A 1091 -17.04 25.34 7.01
CA ILE A 1091 -16.43 25.58 5.70
C ILE A 1091 -17.54 25.91 4.72
N SER A 1092 -17.17 26.59 3.63
CA SER A 1092 -18.10 26.93 2.56
C SER A 1092 -17.42 26.58 1.23
N ILE A 1093 -17.68 25.38 0.74
CA ILE A 1093 -17.10 24.90 -0.51
C ILE A 1093 -18.09 25.15 -1.63
N HIS A 1094 -17.68 25.92 -2.63
CA HIS A 1094 -18.51 26.25 -3.79
C HIS A 1094 -19.86 26.82 -3.37
N ASP A 1095 -20.91 26.01 -3.47
CA ASP A 1095 -22.26 26.40 -3.08
C ASP A 1095 -22.74 25.66 -1.84
N GLU A 1096 -21.83 25.09 -1.05
CA GLU A 1096 -22.17 24.35 0.15
C GLU A 1096 -21.87 25.17 1.39
N VAL A 1097 -22.62 24.88 2.46
CA VAL A 1097 -22.42 25.53 3.76
C VAL A 1097 -22.40 24.44 4.82
N ARG A 1098 -21.37 24.44 5.66
CA ARG A 1098 -21.19 23.43 6.69
C ARG A 1098 -21.06 24.10 8.05
N TYR A 1099 -21.75 23.54 9.05
CA TYR A 1099 -21.73 24.06 10.40
C TYR A 1099 -21.46 22.94 11.39
N LEU A 1100 -20.50 23.15 12.28
CA LEU A 1100 -20.19 22.20 13.35
C LEU A 1100 -21.09 22.50 14.53
N VAL A 1101 -22.28 21.88 14.53
CA VAL A 1101 -23.31 22.15 15.53
C VAL A 1101 -23.31 21.05 16.57
N ARG A 1102 -23.65 21.36 17.81
CA ARG A 1102 -23.73 20.31 18.80
C ARG A 1102 -24.78 19.32 18.32
N GLU A 1103 -24.66 18.06 18.71
CA GLU A 1103 -25.59 17.04 18.21
C GLU A 1103 -26.97 17.30 18.74
N GLU A 1104 -27.08 17.67 20.00
CA GLU A 1104 -28.37 17.94 20.60
C GLU A 1104 -29.12 19.05 19.89
N ASP A 1105 -28.44 19.81 19.05
CA ASP A 1105 -29.06 20.93 18.35
C ASP A 1105 -28.98 20.72 16.87
N ARG A 1106 -28.95 19.47 16.45
CA ARG A 1106 -28.79 19.16 15.04
C ARG A 1106 -30.02 19.40 14.21
N TYR A 1107 -31.19 19.27 14.80
CA TYR A 1107 -32.43 19.45 14.06
C TYR A 1107 -32.76 20.91 14.15
N ARG A 1108 -32.59 21.50 15.32
CA ARG A 1108 -32.74 22.95 15.41
C ARG A 1108 -31.85 23.63 14.37
N ALA A 1109 -30.62 23.13 14.21
CA ALA A 1109 -29.73 23.69 13.20
C ALA A 1109 -30.27 23.48 11.80
N ALA A 1110 -30.87 22.32 11.53
CA ALA A 1110 -31.47 22.07 10.22
C ALA A 1110 -32.64 23.02 9.96
N LEU A 1111 -33.50 23.22 10.95
CA LEU A 1111 -34.60 24.17 10.80
C LEU A 1111 -34.07 25.59 10.59
N ALA A 1112 -33.00 25.94 11.30
CA ALA A 1112 -32.38 27.25 11.10
C ALA A 1112 -31.82 27.38 9.68
N LEU A 1113 -31.21 26.32 9.16
CA LEU A 1113 -30.72 26.35 7.79
C LEU A 1113 -31.85 26.54 6.79
N GLN A 1114 -32.98 25.85 7.01
CA GLN A 1114 -34.12 26.02 6.12
C GLN A 1114 -34.65 27.45 6.18
N ILE A 1115 -34.76 28.00 7.39
CA ILE A 1115 -35.25 29.37 7.53
C ILE A 1115 -34.31 30.36 6.87
N THR A 1116 -33.00 30.17 7.03
CA THR A 1116 -32.04 31.07 6.41
C THR A 1116 -32.08 30.97 4.89
N ASN A 1117 -32.24 29.76 4.36
CA ASN A 1117 -32.37 29.60 2.92
C ASN A 1117 -33.62 30.31 2.40
N LEU A 1118 -34.75 30.15 3.10
CA LEU A 1118 -35.97 30.83 2.70
C LEU A 1118 -35.78 32.34 2.72
N LEU A 1119 -35.16 32.86 3.79
CA LEU A 1119 -34.95 34.29 3.91
C LEU A 1119 -34.02 34.81 2.81
N THR A 1120 -32.98 34.06 2.48
CA THR A 1120 -32.04 34.51 1.45
C THR A 1120 -32.71 34.51 0.07
N ARG A 1121 -33.50 33.47 -0.24
CA ARG A 1121 -34.22 33.46 -1.50
C ARG A 1121 -35.22 34.61 -1.59
N CYS A 1122 -35.93 34.87 -0.48
CA CYS A 1122 -36.90 35.97 -0.47
C CYS A 1122 -36.20 37.32 -0.60
N MET A 1123 -35.03 37.47 0.02
CA MET A 1123 -34.26 38.71 -0.11
C MET A 1123 -33.78 38.90 -1.54
N PHE A 1124 -33.33 37.84 -2.17
CA PHE A 1124 -32.92 37.92 -3.57
C PHE A 1124 -34.07 38.34 -4.45
N ALA A 1125 -35.24 37.74 -4.25
CA ALA A 1125 -36.41 38.14 -5.03
C ALA A 1125 -36.80 39.59 -4.73
N TYR A 1126 -36.74 40.00 -3.47
CA TYR A 1126 -37.14 41.35 -3.07
C TYR A 1126 -36.24 42.40 -3.71
N LYS A 1127 -34.92 42.16 -3.72
CA LYS A 1127 -34.00 43.12 -4.30
C LYS A 1127 -34.18 43.27 -5.80
N LEU A 1128 -34.79 42.29 -6.46
CA LEU A 1128 -35.05 42.35 -7.90
C LEU A 1128 -36.45 42.84 -8.23
N GLY A 1129 -37.23 43.22 -7.22
CA GLY A 1129 -38.58 43.72 -7.45
C GLY A 1129 -39.66 42.68 -7.40
N LEU A 1130 -39.36 41.47 -6.92
CA LEU A 1130 -40.33 40.37 -6.89
C LEU A 1130 -40.67 40.09 -5.43
N ASN A 1131 -41.89 40.42 -5.03
CA ASN A 1131 -42.34 40.21 -3.65
C ASN A 1131 -43.06 38.87 -3.52
N ASP A 1132 -42.36 37.81 -3.90
CA ASP A 1132 -42.88 36.45 -3.82
C ASP A 1132 -41.71 35.49 -4.06
N LEU A 1133 -41.98 34.20 -3.91
CA LEU A 1133 -40.96 33.18 -4.09
C LEU A 1133 -41.58 31.84 -4.48
N PRO A 1134 -41.12 31.21 -5.56
CA PRO A 1134 -41.65 29.89 -5.92
C PRO A 1134 -41.38 28.87 -4.82
N GLN A 1135 -42.31 27.94 -4.66
CA GLN A 1135 -42.19 26.95 -3.60
C GLN A 1135 -41.09 25.93 -3.88
N SER A 1136 -40.75 25.72 -5.16
CA SER A 1136 -39.77 24.70 -5.51
C SER A 1136 -38.36 25.06 -5.06
N VAL A 1137 -38.06 26.34 -4.84
CA VAL A 1137 -36.73 26.77 -4.42
C VAL A 1137 -36.75 27.41 -3.05
N ALA A 1138 -37.84 27.28 -2.30
CA ALA A 1138 -37.96 27.94 -1.00
C ALA A 1138 -37.15 27.24 0.08
N PHE A 1139 -37.05 25.91 0.02
CA PHE A 1139 -36.40 25.15 1.07
C PHE A 1139 -35.38 24.18 0.47
N PHE A 1140 -34.45 23.74 1.31
CA PHE A 1140 -33.43 22.79 0.89
C PHE A 1140 -34.06 21.44 0.56
N SER A 1141 -33.44 20.75 -0.40
CA SER A 1141 -33.87 19.39 -0.72
C SER A 1141 -33.43 18.40 0.35
N ALA A 1142 -32.29 18.64 0.99
CA ALA A 1142 -31.78 17.75 2.03
C ALA A 1142 -30.75 18.50 2.85
N VAL A 1143 -30.98 18.56 4.16
CA VAL A 1143 -30.04 19.18 5.10
C VAL A 1143 -29.27 18.03 5.75
N ASP A 1144 -28.03 17.85 5.32
CA ASP A 1144 -27.24 16.71 5.77
C ASP A 1144 -26.84 16.87 7.23
N ILE A 1145 -26.89 15.76 7.97
CA ILE A 1145 -26.41 15.67 9.35
C ILE A 1145 -25.51 14.46 9.39
N ASP A 1146 -24.20 14.69 9.33
CA ASP A 1146 -23.24 13.61 9.17
C ASP A 1146 -22.03 13.87 10.07
N GLN A 1147 -21.25 12.82 10.29
CA GLN A 1147 -20.04 12.89 11.10
C GLN A 1147 -18.81 13.24 10.28
N CYS A 1148 -18.96 13.45 8.97
CA CYS A 1148 -17.83 13.79 8.11
C CYS A 1148 -18.34 14.68 6.98
N LEU A 1149 -17.40 15.14 6.16
CA LEU A 1149 -17.69 16.08 5.07
C LEU A 1149 -17.77 15.39 3.71
N ARG A 1150 -18.30 14.17 3.66
CA ARG A 1150 -18.53 13.52 2.38
C ARG A 1150 -19.63 14.25 1.61
N LYS A 1151 -19.57 14.12 0.28
CA LYS A 1151 -20.52 14.82 -0.58
C LYS A 1151 -21.95 14.39 -0.30
N GLU A 1152 -22.17 13.07 -0.14
CA GLU A 1152 -23.48 12.54 0.19
C GLU A 1152 -23.34 11.54 1.34
N VAL A 1153 -24.37 11.50 2.18
CA VAL A 1153 -24.35 10.62 3.35
C VAL A 1153 -24.38 9.16 2.93
N THR A 1154 -24.98 8.87 1.77
CA THR A 1154 -25.07 7.48 1.32
C THR A 1154 -23.74 6.94 0.80
N MET A 1155 -22.82 7.81 0.42
CA MET A 1155 -21.54 7.37 -0.10
C MET A 1155 -20.69 6.71 0.98
N ASP A 1156 -20.02 5.62 0.61
CA ASP A 1156 -19.11 4.92 1.51
C ASP A 1156 -17.66 5.32 1.31
N CYS A 1157 -17.33 5.99 0.21
CA CYS A 1157 -15.99 6.51 -0.06
C CYS A 1157 -14.94 5.39 -0.03
N LYS A 1158 -15.09 4.46 -0.98
CA LYS A 1158 -14.11 3.41 -1.12
C LYS A 1158 -13.08 3.92 -2.09
N THR A 1159 -11.79 3.82 -1.73
CA THR A 1159 -10.68 4.30 -2.58
C THR A 1159 -9.45 3.41 -2.39
N PRO A 1160 -8.63 3.21 -3.44
CA PRO A 1160 -7.44 2.36 -3.33
C PRO A 1160 -6.64 2.54 -2.04
N SER A 1161 -6.83 3.68 -1.37
CA SER A 1161 -6.18 3.90 -0.09
C SER A 1161 -7.02 3.43 1.09
N ASN A 1162 -8.34 3.48 0.96
CA ASN A 1162 -9.27 3.01 1.99
C ASN A 1162 -10.30 2.12 1.31
N PRO A 1163 -9.92 0.90 0.94
CA PRO A 1163 -10.84 0.06 0.15
C PRO A 1163 -12.02 -0.46 0.93
N THR A 1164 -11.89 -0.64 2.24
CA THR A 1164 -12.99 -1.19 3.04
C THR A 1164 -14.17 -0.21 3.10
N GLY A 1165 -13.89 1.05 3.43
CA GLY A 1165 -14.93 2.04 3.56
C GLY A 1165 -14.76 2.91 4.80
N MET A 1166 -15.55 3.98 4.89
CA MET A 1166 -15.45 4.88 6.04
C MET A 1166 -15.97 4.21 7.31
N GLU A 1167 -17.10 3.53 7.21
CA GLU A 1167 -17.67 2.88 8.40
C GLU A 1167 -16.89 1.64 8.81
N ARG A 1168 -16.23 0.97 7.86
CA ARG A 1168 -15.60 -0.31 8.14
C ARG A 1168 -14.42 -0.16 9.11
N ARG A 1169 -13.56 0.84 8.89
CA ARG A 1169 -12.33 0.94 9.66
C ARG A 1169 -12.19 2.28 10.40
N TYR A 1170 -13.22 3.11 10.41
CA TYR A 1170 -13.17 4.37 11.15
C TYR A 1170 -14.31 4.54 12.14
N GLY A 1171 -15.48 4.00 11.86
CA GLY A 1171 -16.61 4.14 12.77
C GLY A 1171 -17.50 5.32 12.42
N ILE A 1172 -17.81 5.45 11.14
CA ILE A 1172 -18.61 6.58 10.66
C ILE A 1172 -19.92 6.06 10.10
N PRO A 1173 -21.00 6.02 10.89
CA PRO A 1173 -22.29 5.60 10.34
C PRO A 1173 -22.83 6.61 9.35
N GLN A 1174 -23.67 6.13 8.44
CA GLN A 1174 -24.27 6.99 7.43
C GLN A 1174 -25.11 8.08 8.10
N GLY A 1175 -25.08 9.28 7.53
CA GLY A 1175 -25.83 10.39 8.05
C GLY A 1175 -27.28 10.36 7.63
N GLU A 1176 -28.02 11.41 8.02
CA GLU A 1176 -29.43 11.54 7.72
C GLU A 1176 -29.66 12.80 6.90
N ALA A 1177 -30.35 12.63 5.77
CA ALA A 1177 -30.75 13.75 4.91
C ALA A 1177 -32.24 13.99 5.11
N LEU A 1178 -32.60 15.20 5.50
CA LEU A 1178 -33.97 15.53 5.87
C LEU A 1178 -34.48 16.68 5.03
N ASP A 1179 -35.71 16.55 4.54
CA ASP A 1179 -36.40 17.64 3.88
C ASP A 1179 -37.04 18.55 4.93
N ILE A 1180 -37.73 19.60 4.47
CA ILE A 1180 -38.34 20.54 5.40
C ILE A 1180 -39.45 19.88 6.19
N TYR A 1181 -40.23 19.00 5.53
CA TYR A 1181 -41.32 18.33 6.21
C TYR A 1181 -40.82 17.45 7.35
N GLN A 1182 -39.73 16.72 7.13
CA GLN A 1182 -39.16 15.88 8.18
C GLN A 1182 -38.57 16.73 9.31
N ILE A 1183 -37.98 17.88 8.98
CA ILE A 1183 -37.40 18.74 10.00
C ILE A 1183 -38.49 19.33 10.89
N ILE A 1184 -39.62 19.73 10.28
CA ILE A 1184 -40.70 20.34 11.05
C ILE A 1184 -41.24 19.37 12.09
N GLU A 1185 -41.42 18.10 11.71
CA GLU A 1185 -41.97 17.11 12.64
C GLU A 1185 -41.05 16.91 13.84
N LEU A 1186 -39.74 16.85 13.61
CA LEU A 1186 -38.79 16.58 14.68
C LEU A 1186 -38.44 17.82 15.49
N THR A 1187 -38.92 19.00 15.10
CA THR A 1187 -38.66 20.23 15.85
C THR A 1187 -39.92 20.90 16.36
N LYS A 1188 -41.09 20.28 16.18
CA LYS A 1188 -42.38 20.85 16.57
C LYS A 1188 -42.66 22.18 15.89
N GLY A 1189 -41.98 22.46 14.77
CA GLY A 1189 -42.15 23.73 14.08
C GLY A 1189 -41.71 24.93 14.88
N SER A 1190 -40.60 24.81 15.61
CA SER A 1190 -40.09 25.91 16.40
C SER A 1190 -38.59 25.77 16.55
N LEU A 1191 -37.93 26.90 16.84
CA LEU A 1191 -36.49 26.93 17.05
C LEU A 1191 -36.09 26.93 18.52
N GLU A 1192 -36.99 27.28 19.42
CA GLU A 1192 -36.66 27.29 20.84
C GLU A 1192 -36.50 25.86 21.36
N LYS A 1193 -35.62 25.71 22.33
CA LYS A 1193 -35.39 24.40 22.92
C LYS A 1193 -36.42 24.09 24.00
N GLU B 26 -0.66 -24.41 -24.74
CA GLU B 26 -0.33 -25.46 -23.78
C GLU B 26 -0.73 -25.06 -22.37
N ALA B 27 -1.35 -25.99 -21.65
CA ALA B 27 -1.75 -25.73 -20.27
C ALA B 27 -0.52 -25.64 -19.37
N LEU B 28 -0.64 -24.78 -18.34
CA LEU B 28 0.47 -24.58 -17.41
C LEU B 28 0.77 -25.85 -16.62
N VAL B 29 -0.27 -26.59 -16.24
CA VAL B 29 -0.06 -27.80 -15.44
C VAL B 29 0.76 -28.82 -16.20
N ASP B 30 0.52 -28.95 -17.51
CA ASP B 30 1.31 -29.85 -18.33
C ASP B 30 2.77 -29.43 -18.38
N LEU B 31 3.02 -28.12 -18.52
CA LEU B 31 4.40 -27.63 -18.53
C LEU B 31 5.08 -27.89 -17.21
N CYS B 32 4.38 -27.69 -16.10
CA CYS B 32 4.96 -27.95 -14.78
C CYS B 32 5.26 -29.44 -14.61
N ARG B 33 4.36 -30.30 -15.07
CA ARG B 33 4.59 -31.74 -14.99
C ARG B 33 5.79 -32.16 -15.82
N ARG B 34 5.91 -31.62 -17.03
CA ARG B 34 7.04 -31.96 -17.89
C ARG B 34 8.36 -31.47 -17.31
N ARG B 35 8.36 -30.29 -16.70
CA ARG B 35 9.56 -29.73 -16.09
C ARG B 35 9.69 -30.08 -14.62
N HIS B 36 8.85 -30.99 -14.12
CA HIS B 36 8.94 -31.54 -12.76
C HIS B 36 8.67 -30.49 -11.69
N PHE B 37 7.73 -29.59 -11.96
CA PHE B 37 7.18 -28.75 -10.91
C PHE B 37 5.97 -29.40 -10.24
N PHE B 38 5.19 -30.16 -10.98
CA PHE B 38 4.09 -30.96 -10.46
C PHE B 38 4.34 -32.43 -10.77
N SER B 39 3.76 -33.30 -9.95
CA SER B 39 3.87 -34.74 -10.13
C SER B 39 2.51 -35.39 -9.99
N GLY B 40 2.33 -36.51 -10.67
CA GLY B 40 1.08 -37.25 -10.58
C GLY B 40 0.44 -37.60 -11.91
N THR B 41 -0.53 -38.51 -11.86
CA THR B 41 -1.29 -38.88 -13.05
C THR B 41 -2.19 -37.73 -13.49
N PRO B 42 -2.69 -37.76 -14.73
CA PRO B 42 -3.61 -36.70 -15.17
C PRO B 42 -4.85 -36.57 -14.30
N GLN B 43 -5.29 -37.66 -13.67
CA GLN B 43 -6.39 -37.56 -12.71
C GLN B 43 -5.99 -36.74 -11.50
N GLN B 44 -4.70 -36.69 -11.18
CA GLN B 44 -4.19 -35.91 -10.05
C GLN B 44 -3.78 -34.49 -10.44
N LEU B 45 -3.83 -34.15 -11.73
CA LEU B 45 -3.47 -32.83 -12.20
C LEU B 45 -4.67 -31.90 -12.38
N SER B 46 -5.88 -32.36 -12.03
CA SER B 46 -7.05 -31.52 -12.10
C SER B 46 -7.02 -30.46 -11.01
N THR B 47 -7.90 -29.46 -11.15
CA THR B 47 -7.96 -28.39 -10.17
C THR B 47 -8.37 -28.91 -8.80
N ALA B 48 -9.36 -29.79 -8.75
CA ALA B 48 -9.82 -30.32 -7.47
C ALA B 48 -8.72 -31.14 -6.78
N ALA B 49 -8.00 -31.97 -7.55
CA ALA B 49 -6.92 -32.75 -6.97
C ALA B 49 -5.80 -31.86 -6.44
N LEU B 50 -5.44 -30.82 -7.20
CA LEU B 50 -4.41 -29.90 -6.74
C LEU B 50 -4.83 -29.15 -5.49
N LEU B 51 -6.09 -28.71 -5.44
CA LEU B 51 -6.56 -27.97 -4.27
C LEU B 51 -6.70 -28.86 -3.04
N SER B 52 -7.02 -30.14 -3.24
CA SER B 52 -7.26 -31.02 -2.10
C SER B 52 -5.98 -31.24 -1.30
N GLY B 53 -4.84 -31.43 -1.98
CA GLY B 53 -3.60 -31.72 -1.29
C GLY B 53 -3.46 -33.14 -0.79
N CYS B 54 -4.35 -34.04 -1.22
CA CYS B 54 -4.32 -35.42 -0.76
C CYS B 54 -3.18 -36.23 -1.35
N HIS B 55 -2.44 -35.68 -2.32
CA HIS B 55 -1.35 -36.39 -2.96
C HIS B 55 -0.14 -35.47 -3.09
N ALA B 56 1.04 -36.07 -3.17
CA ALA B 56 2.27 -35.32 -3.42
C ALA B 56 2.20 -34.68 -4.81
N ARG B 57 2.19 -33.35 -4.84
CA ARG B 57 1.92 -32.60 -6.06
C ARG B 57 3.14 -31.82 -6.56
N PHE B 58 4.33 -32.13 -6.04
CA PHE B 58 5.53 -31.37 -6.36
C PHE B 58 6.67 -32.29 -6.76
N GLY B 59 7.31 -31.98 -7.88
CA GLY B 59 8.56 -32.60 -8.24
C GLY B 59 9.73 -31.91 -7.56
N PRO B 60 10.94 -32.37 -7.90
CA PRO B 60 12.14 -31.76 -7.27
C PRO B 60 12.24 -30.26 -7.49
N LEU B 61 11.90 -29.77 -8.69
CA LEU B 61 11.88 -28.33 -8.91
C LEU B 61 10.78 -27.66 -8.09
N GLY B 62 9.61 -28.30 -8.01
CA GLY B 62 8.55 -27.77 -7.16
C GLY B 62 8.93 -27.79 -5.69
N VAL B 63 9.61 -28.85 -5.26
CA VAL B 63 10.06 -28.93 -3.88
C VAL B 63 11.06 -27.82 -3.58
N GLU B 64 12.00 -27.58 -4.50
CA GLU B 64 12.98 -26.51 -4.30
C GLU B 64 12.31 -25.15 -4.29
N LEU B 65 11.34 -24.92 -5.18
CA LEU B 65 10.60 -23.67 -5.19
C LEU B 65 9.86 -23.45 -3.88
N ARG B 66 9.21 -24.51 -3.36
CA ARG B 66 8.50 -24.39 -2.10
C ARG B 66 9.47 -24.16 -0.94
N LYS B 67 10.64 -24.78 -0.99
CA LYS B 67 11.65 -24.55 0.05
C LYS B 67 12.13 -23.10 0.01
N ASN B 68 12.34 -22.55 -1.19
CA ASN B 68 12.73 -21.14 -1.29
C ASN B 68 11.64 -20.23 -0.75
N LEU B 69 10.38 -20.51 -1.08
CA LEU B 69 9.28 -19.70 -0.57
C LEU B 69 9.18 -19.78 0.95
N ALA B 70 9.34 -20.98 1.51
CA ALA B 70 9.31 -21.15 2.95
C ALA B 70 10.48 -20.43 3.62
N SER B 71 11.65 -20.47 3.00
CA SER B 71 12.80 -19.75 3.55
C SER B 71 12.58 -18.25 3.53
N GLN B 72 11.99 -17.72 2.45
CA GLN B 72 11.67 -16.30 2.41
C GLN B 72 10.67 -15.93 3.48
N TRP B 73 9.62 -16.74 3.65
CA TRP B 73 8.64 -16.48 4.70
C TRP B 73 9.29 -16.52 6.08
N TRP B 74 10.14 -17.51 6.32
CA TRP B 74 10.81 -17.65 7.62
C TRP B 74 11.68 -16.44 7.89
N SER B 75 12.43 -15.99 6.90
CA SER B 75 13.29 -14.82 7.07
C SER B 75 12.49 -13.58 7.37
N SER B 76 11.46 -13.34 6.58
CA SER B 76 10.67 -12.13 6.75
C SER B 76 9.93 -12.10 8.08
N MET B 77 9.39 -13.25 8.50
CA MET B 77 8.53 -13.28 9.68
C MET B 77 9.27 -13.57 10.98
N VAL B 78 10.53 -14.02 10.93
CA VAL B 78 11.25 -14.36 12.15
C VAL B 78 12.56 -13.61 12.21
N VAL B 79 13.37 -13.73 11.16
CA VAL B 79 14.74 -13.23 11.21
C VAL B 79 14.76 -11.72 11.27
N PHE B 80 13.96 -11.06 10.44
CA PHE B 80 13.91 -9.60 10.39
C PHE B 80 12.87 -9.02 11.33
N ARG B 81 12.23 -9.85 12.15
CA ARG B 81 11.17 -9.42 13.05
C ARG B 81 11.59 -9.67 14.49
N GLU B 82 11.24 -8.74 15.38
CA GLU B 82 11.68 -8.79 16.76
C GLU B 82 10.78 -9.69 17.59
N GLN B 83 11.41 -10.58 18.38
CA GLN B 83 10.72 -11.43 19.34
C GLN B 83 9.76 -12.40 18.63
N VAL B 84 10.27 -13.05 17.59
CA VAL B 84 9.58 -14.16 16.93
C VAL B 84 10.51 -15.36 16.97
N PHE B 85 10.01 -16.49 17.46
CA PHE B 85 10.84 -17.65 17.75
C PHE B 85 10.26 -18.90 17.09
N ALA B 86 11.15 -19.86 16.85
CA ALA B 86 10.76 -21.13 16.25
C ALA B 86 10.08 -22.02 17.29
N VAL B 87 9.09 -22.78 16.84
CA VAL B 87 8.37 -23.72 17.69
C VAL B 87 8.13 -25.00 16.88
N ASP B 88 8.29 -26.15 17.53
CA ASP B 88 8.04 -27.44 16.91
C ASP B 88 6.87 -28.11 17.60
N SER B 89 5.97 -28.68 16.80
CA SER B 89 4.76 -29.29 17.32
C SER B 89 4.56 -30.66 16.69
N LEU B 90 4.00 -31.59 17.47
CA LEU B 90 3.74 -32.94 16.97
C LEU B 90 2.60 -32.93 15.96
N HIS B 91 2.62 -33.90 15.06
CA HIS B 91 1.51 -34.07 14.13
C HIS B 91 0.28 -34.62 14.81
N GLN B 92 0.46 -35.38 15.89
CA GLN B 92 -0.64 -35.95 16.65
C GLN B 92 -1.03 -35.05 17.82
N GLU B 93 -2.30 -35.04 18.13
CA GLU B 93 -2.87 -34.27 19.22
C GLU B 93 -3.63 -35.20 20.16
N PRO B 94 -3.77 -34.84 21.44
CA PRO B 94 -4.54 -35.68 22.35
C PRO B 94 -5.99 -35.80 21.92
N GLY B 95 -6.57 -36.97 22.18
CA GLY B 95 -7.93 -37.22 21.76
C GLY B 95 -8.94 -36.32 22.46
N SER B 96 -10.02 -36.04 21.74
CA SER B 96 -11.07 -35.16 22.25
C SER B 96 -12.43 -35.74 21.90
N SER B 97 -13.42 -35.38 22.70
CA SER B 97 -14.80 -35.82 22.51
C SER B 97 -15.68 -34.68 21.97
N GLN B 98 -15.11 -33.83 21.13
CA GLN B 98 -15.87 -32.70 20.58
C GLN B 98 -17.06 -33.20 19.76
N PRO B 99 -18.14 -32.43 19.73
CA PRO B 99 -19.36 -32.90 19.05
C PRO B 99 -19.19 -33.16 17.55
N ARG B 100 -18.38 -32.35 16.87
CA ARG B 100 -18.29 -32.46 15.41
C ARG B 100 -16.86 -32.35 14.90
N ASP B 101 -15.89 -32.85 15.66
CA ASP B 101 -14.51 -32.87 15.18
C ASP B 101 -14.34 -33.93 14.10
N SER B 102 -13.87 -33.51 12.93
CA SER B 102 -13.68 -34.40 11.79
C SER B 102 -12.24 -34.86 11.63
N ALA B 103 -11.33 -34.46 12.53
CA ALA B 103 -9.94 -34.86 12.43
C ALA B 103 -9.81 -36.38 12.54
N PHE B 104 -9.01 -36.96 11.64
CA PHE B 104 -8.85 -38.41 11.60
C PHE B 104 -8.15 -38.91 12.87
N ARG B 105 -8.50 -40.13 13.26
CA ARG B 105 -8.03 -40.72 14.50
C ARG B 105 -6.92 -41.74 14.23
N LEU B 106 -6.03 -41.89 15.21
CA LEU B 106 -4.94 -42.86 15.15
C LEU B 106 -5.33 -44.09 15.95
N VAL B 107 -5.52 -45.22 15.27
CA VAL B 107 -5.92 -46.47 15.90
C VAL B 107 -4.83 -47.51 15.67
N SER B 108 -4.47 -48.22 16.73
CA SER B 108 -3.47 -49.27 16.62
C SER B 108 -4.07 -50.50 15.98
N PRO B 109 -3.55 -50.97 14.84
CA PRO B 109 -4.11 -52.19 14.23
C PRO B 109 -3.96 -53.41 15.11
N GLU B 110 -2.93 -53.44 15.94
CA GLU B 110 -2.71 -54.60 16.79
C GLU B 110 -3.89 -54.75 17.75
N SER B 111 -4.30 -53.66 18.39
CA SER B 111 -5.41 -53.73 19.33
C SER B 111 -6.69 -54.21 18.65
N ILE B 112 -6.94 -53.73 17.44
CA ILE B 112 -8.12 -54.16 16.69
C ILE B 112 -8.05 -55.66 16.39
N ARG B 113 -6.87 -56.13 15.95
CA ARG B 113 -6.71 -57.55 15.67
C ARG B 113 -6.91 -58.39 16.93
N GLU B 114 -6.36 -57.93 18.04
CA GLU B 114 -6.54 -58.65 19.29
C GLU B 114 -8.02 -58.75 19.57
N ILE B 115 -8.68 -57.62 19.66
CA ILE B 115 -10.10 -57.60 20.02
C ILE B 115 -10.89 -58.52 19.09
N LEU B 116 -10.61 -58.44 17.80
CA LEU B 116 -11.43 -59.20 16.84
C LEU B 116 -11.11 -60.70 16.71
N GLN B 117 -9.91 -61.11 17.10
CA GLN B 117 -9.54 -62.51 16.92
C GLN B 117 -8.84 -63.10 18.15
N ASP B 118 -9.12 -62.58 19.34
CA ASP B 118 -8.50 -63.16 20.53
C ASP B 118 -9.50 -63.80 21.48
N ARG B 119 -10.52 -63.04 21.91
CA ARG B 119 -11.42 -63.57 22.93
C ARG B 119 -12.88 -63.59 22.49
N GLU B 120 -13.18 -63.18 21.26
CA GLU B 120 -14.55 -63.16 20.74
C GLU B 120 -15.48 -62.40 21.67
N PRO B 121 -15.37 -61.06 21.72
CA PRO B 121 -16.24 -60.29 22.64
C PRO B 121 -17.68 -60.24 22.15
N SER B 122 -18.53 -59.50 22.86
CA SER B 122 -19.94 -59.38 22.54
C SER B 122 -20.19 -58.12 21.72
N LYS B 123 -21.44 -57.93 21.33
CA LYS B 123 -21.80 -56.75 20.56
C LYS B 123 -21.67 -55.47 21.38
N GLU B 124 -22.00 -55.55 22.66
CA GLU B 124 -21.82 -54.37 23.52
C GLU B 124 -20.34 -54.06 23.71
N GLN B 125 -19.50 -55.09 23.80
CA GLN B 125 -18.07 -54.85 23.92
C GLN B 125 -17.51 -54.17 22.67
N LEU B 126 -17.96 -54.60 21.49
CA LEU B 126 -17.53 -53.93 20.27
C LEU B 126 -18.03 -52.50 20.21
N VAL B 127 -19.26 -52.26 20.67
CA VAL B 127 -19.78 -50.90 20.72
C VAL B 127 -18.91 -50.03 21.63
N ALA B 128 -18.53 -50.57 22.79
CA ALA B 128 -17.68 -49.83 23.71
C ALA B 128 -16.30 -49.57 23.09
N PHE B 129 -15.76 -50.57 22.38
CA PHE B 129 -14.46 -50.39 21.73
C PHE B 129 -14.53 -49.30 20.68
N LEU B 130 -15.60 -49.27 19.89
CA LEU B 130 -15.77 -48.19 18.92
C LEU B 130 -15.92 -46.84 19.62
N GLU B 131 -16.61 -46.81 20.76
CA GLU B 131 -16.70 -45.57 21.54
C GLU B 131 -15.33 -45.14 22.03
N ASN B 132 -14.51 -46.09 22.47
CA ASN B 132 -13.18 -45.77 22.96
C ASN B 132 -12.30 -45.18 21.87
N LEU B 133 -12.51 -45.60 20.61
CA LEU B 133 -11.73 -45.03 19.51
C LEU B 133 -12.00 -43.54 19.36
N LEU B 134 -13.17 -43.08 19.81
CA LEU B 134 -13.50 -41.65 19.83
C LEU B 134 -13.27 -41.03 21.20
N LYS B 135 -12.46 -41.64 22.05
CA LYS B 135 -12.23 -40.99 23.34
C LYS B 135 -10.79 -41.02 23.81
N THR B 136 -10.00 -41.95 23.30
CA THR B 136 -8.58 -41.95 23.66
C THR B 136 -7.64 -41.91 22.46
N SER B 137 -8.14 -42.10 21.25
CA SER B 137 -7.30 -42.14 20.08
C SER B 137 -6.85 -40.73 19.70
N GLY B 138 -5.55 -40.59 19.42
CA GLY B 138 -5.02 -39.31 19.00
C GLY B 138 -5.54 -38.90 17.63
N LYS B 139 -5.46 -37.59 17.37
CA LYS B 139 -5.98 -37.02 16.14
C LYS B 139 -4.90 -36.20 15.45
N LEU B 140 -4.89 -36.25 14.12
CA LEU B 140 -3.96 -35.46 13.33
C LEU B 140 -4.33 -33.97 13.43
N ARG B 141 -3.32 -33.13 13.58
CA ARG B 141 -3.54 -31.71 13.73
C ARG B 141 -4.11 -31.10 12.44
N ALA B 142 -5.10 -30.23 12.60
CA ALA B 142 -5.67 -29.51 11.47
C ALA B 142 -5.09 -28.11 11.32
N THR B 143 -4.64 -27.50 12.41
CA THR B 143 -4.01 -26.19 12.40
C THR B 143 -2.83 -26.20 13.36
N LEU B 144 -1.88 -25.30 13.11
CA LEU B 144 -0.71 -25.16 13.97
C LEU B 144 -0.95 -24.24 15.15
N LEU B 145 -2.17 -23.71 15.29
CA LEU B 145 -2.47 -22.82 16.41
C LEU B 145 -2.32 -23.53 17.75
N HIS B 146 -2.78 -24.77 17.84
N HIS B 146 -2.78 -24.77 17.84
CA HIS B 146 -2.73 -25.50 19.10
CA HIS B 146 -2.73 -25.50 19.10
C HIS B 146 -1.30 -25.79 19.52
C HIS B 146 -1.30 -25.79 19.52
N GLY B 147 -0.42 -26.07 18.56
CA GLY B 147 0.96 -26.38 18.89
C GLY B 147 1.71 -25.21 19.52
N ALA B 148 1.48 -24.01 18.99
CA ALA B 148 2.17 -22.83 19.54
C ALA B 148 1.67 -22.49 20.93
N LEU B 149 0.38 -22.71 21.19
CA LEU B 149 -0.17 -22.39 22.51
C LEU B 149 0.44 -23.25 23.61
N GLU B 150 0.79 -24.51 23.31
CA GLU B 150 1.38 -25.38 24.31
C GLU B 150 2.78 -24.93 24.72
N HIS B 151 3.47 -24.17 23.87
CA HIS B 151 4.80 -23.66 24.17
C HIS B 151 4.77 -22.20 24.62
N TYR B 152 3.60 -21.69 24.99
CA TYR B 152 3.48 -20.29 25.39
C TYR B 152 4.29 -20.00 26.65
N VAL B 153 4.26 -20.92 27.62
CA VAL B 153 4.99 -20.70 28.88
C VAL B 153 6.51 -20.69 28.63
N ASN B 154 6.98 -21.58 27.76
CA ASN B 154 8.42 -21.63 27.46
C ASN B 154 8.89 -20.32 26.83
N CYS B 155 8.11 -19.80 25.88
CA CYS B 155 8.49 -18.53 25.26
C CYS B 155 8.32 -17.36 26.22
N LEU B 156 7.37 -17.43 27.14
CA LEU B 156 7.28 -16.43 28.19
C LEU B 156 8.54 -16.41 29.03
N ASP B 157 9.02 -17.59 29.41
CA ASP B 157 10.25 -17.67 30.18
C ASP B 157 11.45 -17.19 29.36
N LEU B 158 11.45 -17.47 28.06
CA LEU B 158 12.56 -17.06 27.20
C LEU B 158 12.68 -15.54 27.12
N VAL B 159 11.56 -14.84 27.04
CA VAL B 159 11.56 -13.40 26.86
C VAL B 159 11.42 -12.66 28.21
N ASN B 160 11.63 -13.36 29.32
CA ASN B 160 11.44 -12.79 30.66
C ASN B 160 10.04 -12.24 30.84
N ARG B 161 9.05 -12.98 30.32
CA ARG B 161 7.63 -12.66 30.45
C ARG B 161 7.26 -11.33 29.81
N LYS B 162 8.06 -10.86 28.85
CA LYS B 162 7.80 -9.60 28.17
C LYS B 162 6.81 -9.79 27.02
N LEU B 163 6.27 -8.68 26.54
CA LEU B 163 5.34 -8.65 25.43
C LEU B 163 5.68 -7.48 24.52
N PRO B 164 5.35 -7.56 23.23
CA PRO B 164 4.73 -8.68 22.52
C PRO B 164 5.74 -9.62 21.85
N PHE B 165 5.55 -10.93 21.99
CA PHE B 165 6.36 -11.92 21.30
C PHE B 165 5.47 -12.79 20.43
N GLY B 166 6.09 -13.60 19.58
CA GLY B 166 5.35 -14.43 18.65
C GLY B 166 6.05 -15.76 18.41
N LEU B 167 5.27 -16.73 17.94
CA LEU B 167 5.75 -18.07 17.61
C LEU B 167 5.41 -18.36 16.16
N ALA B 168 6.39 -18.86 15.41
CA ALA B 168 6.21 -19.22 14.02
C ALA B 168 6.63 -20.67 13.79
N GLN B 169 5.92 -21.35 12.91
CA GLN B 169 6.18 -22.75 12.61
C GLN B 169 5.66 -23.07 11.22
N ILE B 170 6.45 -23.83 10.47
CA ILE B 170 6.07 -24.33 9.15
C ILE B 170 5.96 -25.84 9.24
N GLY B 171 4.79 -26.38 8.89
CA GLY B 171 4.57 -27.81 9.03
C GLY B 171 3.38 -28.24 8.20
N VAL B 172 3.08 -29.53 8.30
CA VAL B 172 2.02 -30.17 7.52
C VAL B 172 0.78 -30.30 8.40
N CYS B 173 -0.35 -29.84 7.87
CA CYS B 173 -1.63 -29.93 8.56
C CYS B 173 -2.58 -30.79 7.74
N PHE B 174 -3.33 -31.65 8.43
CA PHE B 174 -4.20 -32.61 7.78
C PHE B 174 -5.64 -32.12 7.80
N HIS B 175 -6.31 -32.25 6.66
CA HIS B 175 -7.68 -31.76 6.49
C HIS B 175 -8.50 -32.84 5.81
N PRO B 176 -9.67 -33.19 6.37
CA PRO B 176 -10.53 -34.17 5.70
C PRO B 176 -11.02 -33.66 4.36
N VAL B 177 -11.17 -34.57 3.41
CA VAL B 177 -11.66 -34.22 2.08
C VAL B 177 -13.05 -34.81 1.85
N THR B 188 -13.77 -41.73 2.00
CA THR B 188 -13.14 -40.45 2.30
C THR B 188 -11.63 -40.52 2.18
N ARG B 189 -10.99 -39.36 2.16
CA ARG B 189 -9.54 -39.27 2.01
C ARG B 189 -9.01 -38.19 2.94
N VAL B 190 -7.71 -38.26 3.21
CA VAL B 190 -7.03 -37.30 4.06
C VAL B 190 -6.15 -36.43 3.18
N GLY B 191 -6.28 -35.11 3.32
CA GLY B 191 -5.52 -34.15 2.55
C GLY B 191 -4.46 -33.49 3.41
N GLU B 192 -3.27 -33.31 2.84
CA GLU B 192 -2.14 -32.72 3.54
C GLU B 192 -1.79 -31.39 2.89
N LYS B 193 -1.69 -30.37 3.73
CA LYS B 193 -1.35 -29.04 3.26
C LYS B 193 -0.30 -28.47 4.18
N THR B 194 0.69 -27.80 3.62
CA THR B 194 1.77 -27.23 4.40
C THR B 194 1.40 -25.81 4.81
N GLU B 195 1.43 -25.54 6.11
CA GLU B 195 0.97 -24.28 6.67
C GLU B 195 2.11 -23.55 7.34
N ALA B 196 2.23 -22.25 7.06
CA ALA B 196 3.16 -21.36 7.74
C ALA B 196 2.33 -20.49 8.68
N SER B 197 2.41 -20.76 9.98
CA SER B 197 1.54 -20.14 10.97
C SER B 197 2.35 -19.24 11.90
N LEU B 198 1.89 -18.01 12.07
CA LEU B 198 2.45 -17.08 13.04
C LEU B 198 1.39 -16.80 14.10
N VAL B 199 1.67 -17.19 15.34
CA VAL B 199 0.79 -16.90 16.47
C VAL B 199 1.39 -15.71 17.19
N TRP B 200 0.66 -14.59 17.19
CA TRP B 200 1.14 -13.33 17.73
C TRP B 200 0.40 -13.02 19.02
N PHE B 201 1.14 -12.93 20.12
CA PHE B 201 0.58 -12.57 21.42
C PHE B 201 0.77 -11.07 21.66
N THR B 202 -0.31 -10.39 22.00
CA THR B 202 -0.28 -8.94 22.19
C THR B 202 -1.49 -8.54 23.02
N PRO B 203 -1.39 -7.49 23.82
CA PRO B 203 -2.57 -7.02 24.56
C PRO B 203 -3.67 -6.56 23.63
N THR B 204 -4.91 -6.68 24.11
CA THR B 204 -6.07 -6.33 23.30
C THR B 204 -6.08 -4.86 22.92
N ARG B 205 -5.45 -3.99 23.71
CA ARG B 205 -5.41 -2.57 23.40
C ARG B 205 -4.70 -2.29 22.09
N THR B 206 -3.79 -3.16 21.66
CA THR B 206 -3.10 -3.02 20.38
C THR B 206 -3.44 -4.16 19.43
N SER B 207 -4.48 -4.94 19.72
CA SER B 207 -4.80 -6.09 18.87
C SER B 207 -5.19 -5.65 17.46
N SER B 208 -6.00 -4.59 17.35
CA SER B 208 -6.47 -4.16 16.03
C SER B 208 -5.33 -3.61 15.18
N GLN B 209 -4.48 -2.76 15.76
CA GLN B 209 -3.37 -2.20 15.00
C GLN B 209 -2.37 -3.29 14.60
N TRP B 210 -2.12 -4.25 15.49
CA TRP B 210 -1.24 -5.36 15.13
C TRP B 210 -1.86 -6.21 14.02
N LEU B 211 -3.18 -6.44 14.08
CA LEU B 211 -3.84 -7.21 13.02
C LEU B 211 -3.72 -6.50 11.68
N ASP B 212 -3.97 -5.18 11.66
CA ASP B 212 -3.87 -4.42 10.42
C ASP B 212 -2.44 -4.42 9.88
N PHE B 213 -1.46 -4.23 10.77
CA PHE B 213 -0.06 -4.24 10.35
C PHE B 213 0.33 -5.59 9.79
N TRP B 214 -0.09 -6.68 10.44
CA TRP B 214 0.22 -8.01 9.93
C TRP B 214 -0.45 -8.27 8.59
N LEU B 215 -1.70 -7.81 8.44
CA LEU B 215 -2.38 -7.97 7.16
C LEU B 215 -1.64 -7.23 6.05
N ARG B 216 -1.23 -6.00 6.31
N ARG B 216 -1.23 -6.00 6.31
CA ARG B 216 -0.49 -5.23 5.32
CA ARG B 216 -0.49 -5.23 5.32
C ARG B 216 0.85 -5.87 4.99
C ARG B 216 0.85 -5.88 4.99
N HIS B 217 1.56 -6.35 6.02
CA HIS B 217 2.86 -6.98 5.80
C HIS B 217 2.72 -8.27 4.99
N ARG B 218 1.70 -9.08 5.28
CA ARG B 218 1.50 -10.29 4.51
C ARG B 218 1.12 -9.98 3.07
N LEU B 219 0.28 -8.96 2.86
CA LEU B 219 -0.06 -8.58 1.50
C LEU B 219 1.18 -8.12 0.73
N LEU B 220 2.02 -7.31 1.38
CA LEU B 220 3.25 -6.85 0.74
C LEU B 220 4.19 -7.99 0.44
N TRP B 221 4.32 -8.95 1.37
CA TRP B 221 5.19 -10.10 1.15
C TRP B 221 4.70 -10.95 -0.01
N TRP B 222 3.39 -11.17 -0.10
CA TRP B 222 2.85 -11.96 -1.20
C TRP B 222 2.98 -11.23 -2.53
N ARG B 223 2.87 -9.91 -2.54
CA ARG B 223 2.99 -9.13 -3.76
C ARG B 223 4.42 -8.80 -4.13
N LYS B 224 5.38 -9.07 -3.24
CA LYS B 224 6.78 -8.78 -3.54
C LYS B 224 7.29 -9.65 -4.69
N PHE B 225 6.95 -10.94 -4.69
CA PHE B 225 7.45 -11.88 -5.68
C PHE B 225 6.47 -12.07 -6.84
N ALA B 226 5.40 -11.29 -6.89
CA ALA B 226 4.36 -11.48 -7.89
C ALA B 226 4.60 -10.59 -9.09
N MET B 227 4.47 -11.16 -10.28
CA MET B 227 4.60 -10.38 -11.50
C MET B 227 3.31 -9.61 -11.72
N SER B 228 2.23 -10.05 -11.13
CA SER B 228 0.94 -9.37 -11.20
C SER B 228 0.42 -9.21 -9.78
N PRO B 229 0.90 -8.21 -9.04
CA PRO B 229 0.48 -8.05 -7.63
C PRO B 229 -1.01 -7.78 -7.47
N SER B 230 -1.69 -7.34 -8.53
CA SER B 230 -3.12 -7.05 -8.42
C SER B 230 -3.96 -8.30 -8.20
N ASN B 231 -3.40 -9.48 -8.47
CA ASN B 231 -4.15 -10.72 -8.30
C ASN B 231 -4.16 -11.22 -6.85
N PHE B 232 -3.42 -10.58 -5.96
CA PHE B 232 -3.43 -10.91 -4.54
C PHE B 232 -4.38 -9.94 -3.83
N SER B 233 -5.48 -10.46 -3.31
CA SER B 233 -6.54 -9.65 -2.73
C SER B 233 -6.55 -9.79 -1.22
N SER B 234 -7.52 -9.12 -0.60
CA SER B 234 -7.68 -9.14 0.85
C SER B 234 -9.12 -8.80 1.17
N ALA B 235 -9.68 -9.48 2.18
CA ALA B 235 -11.07 -9.26 2.56
C ALA B 235 -11.26 -9.65 4.02
N ASP B 236 -12.15 -8.94 4.69
CA ASP B 236 -12.46 -9.20 6.09
C ASP B 236 -13.53 -10.28 6.21
N CYS B 237 -13.35 -11.17 7.18
CA CYS B 237 -14.26 -12.28 7.40
C CYS B 237 -14.57 -12.41 8.89
N GLN B 238 -15.74 -12.98 9.17
CA GLN B 238 -16.18 -13.22 10.54
C GLN B 238 -16.51 -14.70 10.71
N ASP B 239 -16.12 -15.25 11.85
CA ASP B 239 -16.36 -16.66 12.13
C ASP B 239 -17.74 -16.84 12.75
N GLU B 240 -18.04 -18.06 13.20
CA GLU B 240 -19.33 -18.33 13.81
C GLU B 240 -19.46 -17.68 15.19
N LEU B 241 -18.34 -17.45 15.87
CA LEU B 241 -18.34 -16.87 17.20
C LEU B 241 -18.24 -15.35 17.19
N GLY B 242 -18.25 -14.73 16.00
CA GLY B 242 -18.26 -13.29 15.90
C GLY B 242 -16.91 -12.60 15.90
N ARG B 243 -15.81 -13.36 15.94
CA ARG B 243 -14.49 -12.75 15.91
C ARG B 243 -14.22 -12.13 14.54
N LYS B 244 -13.50 -11.01 14.56
CA LYS B 244 -13.13 -10.31 13.33
C LYS B 244 -11.78 -10.81 12.83
N GLY B 245 -11.58 -10.71 11.52
CA GLY B 245 -10.33 -11.11 10.92
C GLY B 245 -10.35 -10.86 9.42
N SER B 246 -9.18 -11.05 8.81
CA SER B 246 -9.01 -10.87 7.38
C SER B 246 -8.67 -12.21 6.71
N LYS B 247 -8.64 -12.20 5.38
CA LYS B 247 -8.35 -13.41 4.62
C LYS B 247 -7.81 -13.02 3.25
N LEU B 248 -6.54 -13.35 2.99
CA LEU B 248 -5.95 -13.06 1.70
C LEU B 248 -6.48 -14.00 0.63
N TYR B 249 -6.42 -13.55 -0.62
CA TYR B 249 -6.87 -14.32 -1.77
C TYR B 249 -5.87 -14.20 -2.90
N TYR B 250 -5.89 -15.18 -3.79
CA TYR B 250 -5.19 -15.13 -5.07
C TYR B 250 -6.17 -15.43 -6.18
N SER B 251 -6.09 -14.65 -7.26
CA SER B 251 -7.01 -14.79 -8.39
C SER B 251 -6.51 -15.89 -9.31
N PHE B 252 -6.86 -17.13 -8.99
CA PHE B 252 -6.57 -18.25 -9.88
C PHE B 252 -7.49 -18.16 -11.10
N PRO B 253 -7.09 -18.80 -12.21
CA PRO B 253 -7.95 -18.73 -13.42
C PRO B 253 -9.37 -19.20 -13.19
N TRP B 254 -9.56 -20.23 -12.36
CA TRP B 254 -10.92 -20.67 -12.05
C TRP B 254 -11.64 -19.75 -11.07
N GLY B 255 -10.89 -19.15 -10.14
CA GLY B 255 -11.48 -18.25 -9.18
C GLY B 255 -10.56 -18.02 -8.01
N LYS B 256 -11.01 -17.16 -7.11
CA LYS B 256 -10.23 -16.81 -5.94
C LYS B 256 -10.18 -17.98 -4.95
N GLU B 257 -9.03 -18.15 -4.30
CA GLU B 257 -8.85 -19.15 -3.27
C GLU B 257 -8.17 -18.54 -2.06
N PRO B 258 -8.57 -18.91 -0.85
CA PRO B 258 -7.94 -18.34 0.34
C PRO B 258 -6.53 -18.89 0.59
N ILE B 259 -5.52 -18.07 0.33
CA ILE B 259 -4.13 -18.51 0.53
C ILE B 259 -3.59 -18.15 1.91
N GLU B 260 -4.27 -17.28 2.65
CA GLU B 260 -3.82 -16.89 3.97
C GLU B 260 -4.99 -16.30 4.74
N THR B 261 -5.09 -16.65 6.03
CA THR B 261 -6.19 -16.22 6.88
C THR B 261 -5.64 -15.63 8.17
N LEU B 262 -6.23 -14.52 8.60
CA LEU B 262 -5.88 -13.87 9.86
C LEU B 262 -7.11 -13.83 10.75
N TRP B 263 -6.94 -14.23 12.01
CA TRP B 263 -8.02 -14.24 12.99
C TRP B 263 -7.62 -13.49 14.24
N ASN B 264 -8.53 -12.69 14.78
CA ASN B 264 -8.31 -11.94 16.01
C ASN B 264 -8.97 -12.72 17.14
N LEU B 265 -8.24 -13.69 17.70
CA LEU B 265 -8.75 -14.55 18.75
C LEU B 265 -8.54 -13.91 20.11
N GLY B 266 -9.54 -14.02 20.97
CA GLY B 266 -9.45 -13.45 22.30
C GLY B 266 -8.56 -14.26 23.23
N ASP B 267 -8.82 -14.15 24.53
CA ASP B 267 -8.06 -14.90 25.52
C ASP B 267 -8.64 -16.28 25.77
N GLN B 268 -9.70 -16.66 25.06
CA GLN B 268 -10.34 -17.95 25.29
C GLN B 268 -9.41 -19.11 24.97
N GLU B 269 -8.62 -18.99 23.89
CA GLU B 269 -7.74 -20.08 23.50
C GLU B 269 -6.71 -20.38 24.57
N LEU B 270 -6.05 -19.34 25.10
CA LEU B 270 -5.05 -19.54 26.13
C LEU B 270 -5.66 -20.11 27.40
N LEU B 271 -6.83 -19.61 27.79
CA LEU B 271 -7.51 -20.13 28.98
C LEU B 271 -7.87 -21.59 28.83
N HIS B 272 -8.37 -21.97 27.64
N HIS B 272 -8.37 -21.98 27.64
CA HIS B 272 -8.71 -23.37 27.40
CA HIS B 272 -8.70 -23.38 27.40
C HIS B 272 -7.46 -24.24 27.42
C HIS B 272 -7.45 -24.25 27.42
N THR B 273 -6.36 -23.78 26.81
CA THR B 273 -5.13 -24.56 26.79
C THR B 273 -4.47 -24.63 28.16
N TYR B 274 -4.75 -23.69 29.05
CA TYR B 274 -4.20 -23.67 30.41
C TYR B 274 -5.33 -23.47 31.41
N PRO B 275 -6.13 -24.51 31.66
CA PRO B 275 -7.22 -24.39 32.64
C PRO B 275 -6.69 -24.45 34.06
N GLY B 276 -6.71 -23.29 34.73
CA GLY B 276 -6.22 -23.23 36.09
C GLY B 276 -5.84 -21.82 36.53
N ASN B 277 -4.65 -21.68 37.11
CA ASN B 277 -4.18 -20.38 37.55
C ASN B 277 -3.94 -19.47 36.36
N VAL B 278 -4.32 -18.19 36.49
CA VAL B 278 -4.13 -17.25 35.38
C VAL B 278 -2.79 -16.54 35.47
N SER B 279 -2.13 -16.64 36.63
CA SER B 279 -0.88 -15.91 36.79
C SER B 279 0.15 -16.32 35.74
N THR B 280 0.22 -17.61 35.42
CA THR B 280 1.18 -18.08 34.43
C THR B 280 0.84 -17.64 33.03
N ILE B 281 -0.42 -17.29 32.77
CA ILE B 281 -0.83 -16.90 31.43
C ILE B 281 -0.61 -15.40 31.18
N GLN B 282 -0.63 -14.59 32.24
CA GLN B 282 -0.49 -13.15 32.07
C GLN B 282 0.91 -12.78 31.57
N GLY B 283 0.97 -11.81 30.67
CA GLY B 283 2.23 -11.30 30.17
C GLY B 283 2.39 -9.83 30.53
N ARG B 284 3.64 -9.41 30.66
CA ARG B 284 3.96 -8.05 31.07
C ARG B 284 3.72 -7.10 29.90
N ASP B 285 2.71 -6.25 30.03
CA ASP B 285 2.48 -5.16 29.07
C ASP B 285 3.10 -3.87 29.61
N GLY B 286 4.42 -3.89 29.73
CA GLY B 286 5.15 -2.78 30.30
C GLY B 286 5.25 -2.88 31.80
N ARG B 287 4.42 -2.12 32.52
CA ARG B 287 4.39 -2.14 33.97
C ARG B 287 3.19 -2.90 34.52
N LYS B 288 2.41 -3.55 33.66
CA LYS B 288 1.21 -4.28 34.07
C LYS B 288 1.20 -5.66 33.44
N ASN B 289 0.55 -6.60 34.12
CA ASN B 289 0.44 -7.98 33.67
C ASN B 289 -0.93 -8.18 33.04
N VAL B 290 -0.93 -8.53 31.74
CA VAL B 290 -2.16 -8.71 30.98
C VAL B 290 -2.09 -10.03 30.23
N VAL B 291 -3.22 -10.73 30.18
CA VAL B 291 -3.34 -11.94 29.37
C VAL B 291 -3.33 -11.53 27.90
N PRO B 292 -2.38 -12.01 27.09
CA PRO B 292 -2.27 -11.52 25.72
C PRO B 292 -3.42 -12.00 24.85
N CYS B 293 -3.71 -11.20 23.82
CA CYS B 293 -4.71 -11.53 22.81
C CYS B 293 -4.01 -12.20 21.64
N VAL B 294 -4.52 -13.36 21.24
CA VAL B 294 -3.83 -14.21 20.27
C VAL B 294 -4.28 -13.83 18.86
N LEU B 295 -3.31 -13.53 18.00
CA LEU B 295 -3.55 -13.30 16.58
C LEU B 295 -3.00 -14.48 15.80
N SER B 296 -3.84 -15.09 14.97
CA SER B 296 -3.48 -16.28 14.22
C SER B 296 -3.34 -15.93 12.75
N VAL B 297 -2.11 -15.94 12.25
CA VAL B 297 -1.81 -15.69 10.84
C VAL B 297 -1.39 -17.02 10.24
N SER B 298 -2.19 -17.53 9.30
CA SER B 298 -1.99 -18.87 8.75
C SER B 298 -1.94 -18.79 7.23
N GLY B 299 -0.78 -19.10 6.65
CA GLY B 299 -0.62 -19.14 5.21
C GLY B 299 -0.55 -20.55 4.67
N ASP B 300 -0.82 -20.71 3.38
CA ASP B 300 -0.77 -22.00 2.69
C ASP B 300 0.36 -21.91 1.66
N VAL B 301 1.49 -22.55 1.95
CA VAL B 301 2.64 -22.47 1.06
C VAL B 301 2.50 -23.38 -0.16
N ASP B 302 1.73 -24.47 -0.06
CA ASP B 302 1.46 -25.27 -1.24
C ASP B 302 0.60 -24.50 -2.23
N LEU B 303 -0.51 -23.94 -1.75
CA LEU B 303 -1.34 -23.10 -2.59
C LEU B 303 -0.63 -21.83 -2.99
N GLY B 304 0.27 -21.33 -2.14
CA GLY B 304 1.08 -20.19 -2.52
C GLY B 304 2.02 -20.49 -3.67
N THR B 305 2.66 -21.66 -3.64
CA THR B 305 3.52 -22.08 -4.75
C THR B 305 2.71 -22.28 -6.02
N LEU B 306 1.52 -22.87 -5.91
CA LEU B 306 0.65 -22.98 -7.09
C LEU B 306 0.29 -21.60 -7.63
N ALA B 307 -0.03 -20.66 -6.74
CA ALA B 307 -0.36 -19.30 -7.15
C ALA B 307 0.81 -18.62 -7.84
N TYR B 308 2.02 -18.82 -7.31
CA TYR B 308 3.20 -18.21 -7.92
C TYR B 308 3.57 -18.87 -9.24
N LEU B 309 3.29 -20.16 -9.40
CA LEU B 309 3.49 -20.80 -10.70
C LEU B 309 2.47 -20.32 -11.72
N TYR B 310 1.25 -20.02 -11.27
CA TYR B 310 0.26 -19.43 -12.19
C TYR B 310 0.58 -17.97 -12.51
N ASP B 311 1.14 -17.24 -11.55
CA ASP B 311 1.47 -15.83 -11.78
C ASP B 311 2.63 -15.66 -12.75
N SER B 312 3.58 -16.59 -12.67
CA SER B 312 4.74 -16.59 -13.56
C SER B 312 4.38 -16.77 -15.01
N PHE B 313 3.52 -17.72 -15.31
CA PHE B 313 3.14 -17.95 -16.67
C PHE B 313 2.27 -16.79 -17.04
N GLN B 314 2.37 -16.33 -18.28
CA GLN B 314 1.64 -15.14 -18.68
C GLN B 314 0.15 -15.35 -18.60
N LEU B 315 -0.33 -16.43 -19.19
CA LEU B 315 -1.76 -16.70 -19.21
C LEU B 315 -2.53 -15.39 -19.35
N GLN B 327 4.71 -16.46 -28.46
CA GLN B 327 5.53 -16.08 -27.31
C GLN B 327 6.37 -17.23 -26.83
N ARG B 328 7.46 -16.90 -26.15
CA ARG B 328 8.28 -17.94 -25.60
C ARG B 328 7.65 -18.42 -24.32
N LYS B 329 7.54 -19.72 -24.14
CA LYS B 329 7.00 -20.22 -22.92
C LYS B 329 8.09 -20.05 -21.89
N VAL B 330 7.83 -19.24 -20.89
CA VAL B 330 8.82 -18.97 -19.86
C VAL B 330 8.09 -18.74 -18.54
N LEU B 331 8.65 -19.30 -17.47
CA LEU B 331 8.13 -19.12 -16.12
C LEU B 331 8.94 -18.01 -15.45
N LYS B 332 8.33 -16.83 -15.31
CA LYS B 332 9.03 -15.66 -14.78
C LYS B 332 8.94 -15.60 -13.26
N LEU B 333 9.42 -16.67 -12.63
CA LEU B 333 9.51 -16.70 -11.18
C LEU B 333 10.50 -15.68 -10.68
N HIS B 334 10.26 -15.18 -9.46
CA HIS B 334 11.13 -14.19 -8.86
C HIS B 334 12.52 -14.82 -8.63
N PRO B 335 13.58 -14.03 -8.77
CA PRO B 335 14.93 -14.59 -8.55
C PRO B 335 15.13 -15.17 -7.17
N CYS B 336 14.41 -14.69 -6.16
CA CYS B 336 14.46 -15.27 -4.83
C CYS B 336 13.64 -16.55 -4.72
N LEU B 337 12.85 -16.88 -5.74
CA LEU B 337 12.01 -18.08 -5.71
C LEU B 337 12.38 -19.10 -6.79
N ALA B 338 13.16 -18.72 -7.78
CA ALA B 338 13.53 -19.65 -8.84
C ALA B 338 14.34 -20.81 -8.26
N PRO B 339 13.90 -22.06 -8.46
CA PRO B 339 14.67 -23.19 -7.92
C PRO B 339 16.09 -23.28 -8.47
N ILE B 340 16.28 -22.96 -9.74
CA ILE B 340 17.58 -23.02 -10.38
C ILE B 340 17.94 -21.63 -10.90
N LYS B 341 19.15 -21.19 -10.58
CA LYS B 341 19.60 -19.85 -10.96
C LYS B 341 20.69 -19.84 -12.01
N VAL B 342 21.55 -20.86 -12.05
CA VAL B 342 22.67 -20.93 -12.98
C VAL B 342 22.67 -22.29 -13.67
N ALA B 343 22.89 -22.28 -14.99
CA ALA B 343 22.96 -23.50 -15.79
C ALA B 343 24.27 -23.52 -16.55
N LEU B 344 25.03 -24.60 -16.40
CA LEU B 344 26.30 -24.78 -17.07
C LEU B 344 26.15 -25.68 -18.30
N ASP B 345 27.03 -25.49 -19.28
CA ASP B 345 27.01 -26.28 -20.51
C ASP B 345 28.41 -26.35 -21.09
N VAL B 346 28.65 -27.37 -21.90
CA VAL B 346 29.94 -27.61 -22.53
C VAL B 346 29.72 -28.02 -23.98
N GLY B 347 30.52 -27.47 -24.89
CA GLY B 347 30.46 -27.84 -26.29
C GLY B 347 31.78 -27.56 -26.97
N LYS B 348 31.95 -28.16 -28.15
CA LYS B 348 33.12 -28.01 -29.01
C LYS B 348 34.42 -28.13 -28.21
N GLY B 349 34.66 -29.36 -27.76
CA GLY B 349 35.77 -29.71 -26.91
C GLY B 349 37.15 -29.39 -27.50
N PRO B 350 38.24 -29.85 -26.84
CA PRO B 350 38.38 -30.96 -25.86
C PRO B 350 37.50 -30.94 -24.62
N THR B 351 36.81 -32.05 -24.37
CA THR B 351 35.82 -32.11 -23.30
C THR B 351 36.44 -32.23 -21.92
N VAL B 352 37.63 -32.80 -21.81
CA VAL B 352 38.23 -33.03 -20.50
C VAL B 352 38.52 -31.71 -19.80
N GLU B 353 39.21 -30.81 -20.50
CA GLU B 353 39.57 -29.53 -19.90
C GLU B 353 38.34 -28.68 -19.62
N LEU B 354 37.40 -28.65 -20.56
CA LEU B 354 36.18 -27.87 -20.38
C LEU B 354 35.37 -28.39 -19.20
N ARG B 355 35.27 -29.72 -19.08
CA ARG B 355 34.53 -30.30 -17.95
C ARG B 355 35.25 -30.05 -16.63
N GLN B 356 36.58 -30.07 -16.62
CA GLN B 356 37.32 -29.75 -15.40
C GLN B 356 37.07 -28.30 -14.99
N VAL B 357 37.09 -27.38 -15.95
CA VAL B 357 36.82 -25.97 -15.68
C VAL B 357 35.40 -25.79 -15.19
N CYS B 358 34.44 -26.47 -15.82
CA CYS B 358 33.05 -26.38 -15.40
C CYS B 358 32.85 -26.93 -14.00
N GLN B 359 33.56 -28.00 -13.66
CA GLN B 359 33.48 -28.56 -12.32
C GLN B 359 34.06 -27.61 -11.30
N GLY B 360 35.15 -26.94 -11.64
CA GLY B 360 35.70 -25.92 -10.75
C GLY B 360 34.74 -24.75 -10.55
N LEU B 361 34.12 -24.29 -11.64
CA LEU B 361 33.15 -23.19 -11.55
C LEU B 361 31.94 -23.61 -10.73
N LEU B 362 31.47 -24.84 -10.92
CA LEU B 362 30.34 -25.35 -10.13
C LEU B 362 30.68 -25.40 -8.65
N ASN B 363 31.88 -25.88 -8.32
CA ASN B 363 32.30 -25.90 -6.92
C ASN B 363 32.39 -24.49 -6.36
N GLU B 364 32.89 -23.55 -7.15
CA GLU B 364 32.98 -22.17 -6.69
C GLU B 364 31.61 -21.57 -6.45
N LEU B 365 30.65 -21.83 -7.34
CA LEU B 365 29.31 -21.27 -7.19
C LEU B 365 28.56 -21.87 -6.01
N LEU B 366 28.71 -23.19 -5.81
CA LEU B 366 27.96 -23.85 -4.74
C LEU B 366 28.41 -23.40 -3.35
N GLU B 367 29.69 -23.08 -3.19
CA GLU B 367 30.22 -22.65 -1.90
C GLU B 367 29.66 -21.30 -1.44
N ASN B 368 28.99 -20.60 -2.35
CA ASN B 368 28.47 -19.28 -2.04
C ASN B 368 26.96 -19.27 -1.91
N GLY B 369 26.32 -20.41 -2.05
CA GLY B 369 24.88 -20.52 -1.89
C GLY B 369 24.10 -20.19 -3.15
N ILE B 370 24.55 -20.71 -4.28
CA ILE B 370 23.90 -20.51 -5.56
C ILE B 370 23.53 -21.87 -6.15
N SER B 371 22.26 -22.04 -6.50
CA SER B 371 21.81 -23.30 -7.10
C SER B 371 22.22 -23.35 -8.56
N VAL B 372 22.92 -24.42 -8.94
CA VAL B 372 23.44 -24.58 -10.29
C VAL B 372 22.95 -25.92 -10.84
N TRP B 373 22.49 -25.90 -12.10
CA TRP B 373 22.04 -27.12 -12.76
C TRP B 373 23.14 -27.62 -13.68
N PRO B 374 23.77 -28.75 -13.38
CA PRO B 374 24.90 -29.25 -14.19
C PRO B 374 24.46 -29.92 -15.49
N GLY B 375 24.19 -29.09 -16.50
CA GLY B 375 23.77 -29.60 -17.79
C GLY B 375 24.89 -30.14 -18.66
N TYR B 376 26.14 -29.96 -18.24
CA TYR B 376 27.26 -30.47 -19.01
C TYR B 376 27.42 -31.98 -18.86
N SER B 377 27.05 -32.52 -17.70
CA SER B 377 27.19 -33.96 -17.45
C SER B 377 26.18 -34.80 -18.22
N GLU B 378 25.19 -34.18 -18.86
CA GLU B 378 24.18 -34.94 -19.58
C GLU B 378 24.79 -35.60 -20.80
N THR B 379 24.56 -36.90 -20.95
CA THR B 379 25.14 -37.63 -22.08
C THR B 379 24.45 -37.26 -23.39
N VAL B 380 23.13 -37.17 -23.38
CA VAL B 380 22.38 -36.83 -24.58
C VAL B 380 22.44 -35.31 -24.77
N HIS B 381 22.91 -34.89 -25.94
CA HIS B 381 23.07 -33.47 -26.26
C HIS B 381 21.97 -33.02 -27.20
N SER B 382 21.51 -31.79 -27.00
CA SER B 382 20.46 -31.19 -27.83
C SER B 382 20.93 -29.83 -28.32
N SER B 383 20.22 -29.31 -29.31
CA SER B 383 20.56 -28.02 -29.88
C SER B 383 20.38 -26.91 -28.84
N LEU B 384 21.12 -25.82 -29.02
CA LEU B 384 21.08 -24.72 -28.05
C LEU B 384 19.69 -24.10 -27.98
N GLU B 385 18.92 -24.15 -29.06
CA GLU B 385 17.56 -23.62 -29.03
C GLU B 385 16.69 -24.41 -28.06
N GLN B 386 16.73 -25.74 -28.17
CA GLN B 386 15.94 -26.58 -27.27
C GLN B 386 16.43 -26.45 -25.82
N LEU B 387 17.74 -26.37 -25.63
CA LEU B 387 18.28 -26.21 -24.27
C LEU B 387 17.85 -24.88 -23.66
N HIS B 388 17.88 -23.81 -24.45
CA HIS B 388 17.43 -22.52 -23.97
C HIS B 388 15.94 -22.54 -23.63
N SER B 389 15.13 -23.18 -24.48
CA SER B 389 13.71 -23.29 -24.19
C SER B 389 13.47 -24.09 -22.91
N LYS B 390 14.22 -25.17 -22.71
CA LYS B 390 14.09 -25.97 -21.50
C LYS B 390 14.46 -25.16 -20.27
N TYR B 391 15.56 -24.40 -20.34
CA TYR B 391 15.98 -23.60 -19.20
C TYR B 391 14.96 -22.50 -18.90
N ASP B 392 14.40 -21.88 -19.94
CA ASP B 392 13.38 -20.86 -19.73
C ASP B 392 12.12 -21.46 -19.10
N GLU B 393 11.71 -22.65 -19.55
CA GLU B 393 10.55 -23.31 -18.95
C GLU B 393 10.84 -23.81 -17.54
N MET B 394 12.10 -23.97 -17.17
CA MET B 394 12.49 -24.36 -15.81
C MET B 394 12.77 -23.15 -14.92
N SER B 395 12.54 -21.94 -15.41
CA SER B 395 12.78 -20.70 -14.65
C SER B 395 14.23 -20.61 -14.18
N VAL B 396 15.14 -20.89 -15.10
CA VAL B 396 16.57 -20.77 -14.83
C VAL B 396 16.98 -19.32 -15.09
N LEU B 397 17.56 -18.68 -14.08
CA LEU B 397 17.88 -17.25 -14.19
C LEU B 397 18.94 -17.00 -15.26
N PHE B 398 20.05 -17.73 -15.21
CA PHE B 398 21.16 -17.52 -16.12
C PHE B 398 21.64 -18.85 -16.68
N SER B 399 22.10 -18.82 -17.93
CA SER B 399 22.68 -19.97 -18.61
C SER B 399 24.13 -19.64 -18.96
N VAL B 400 25.05 -20.49 -18.52
CA VAL B 400 26.48 -20.30 -18.72
C VAL B 400 26.98 -21.38 -19.66
N LEU B 401 27.65 -20.97 -20.74
CA LEU B 401 28.24 -21.88 -21.71
C LEU B 401 29.74 -21.70 -21.71
N VAL B 402 30.47 -22.78 -21.43
CA VAL B 402 31.92 -22.76 -21.37
C VAL B 402 32.44 -23.45 -22.64
N THR B 403 32.96 -22.66 -23.57
CA THR B 403 33.46 -23.17 -24.84
C THR B 403 34.98 -23.34 -24.76
N GLU B 404 35.56 -23.88 -25.84
CA GLU B 404 37.00 -24.12 -25.87
C GLU B 404 37.79 -22.82 -25.77
N THR B 405 37.20 -21.70 -26.19
CA THR B 405 37.88 -20.42 -26.09
C THR B 405 38.06 -19.98 -24.64
N THR B 406 37.30 -20.56 -23.70
CA THR B 406 37.43 -20.18 -22.30
C THR B 406 38.79 -20.56 -21.73
N LEU B 407 39.41 -21.64 -22.23
CA LEU B 407 40.72 -22.04 -21.76
C LEU B 407 41.79 -21.00 -22.06
N GLU B 408 41.56 -20.14 -23.05
CA GLU B 408 42.54 -19.13 -23.45
C GLU B 408 42.38 -17.83 -22.68
N ASN B 409 41.19 -17.22 -22.74
CA ASN B 409 40.98 -15.91 -22.14
C ASN B 409 40.06 -15.94 -20.92
N GLY B 410 39.35 -17.03 -20.68
CA GLY B 410 38.46 -17.11 -19.53
C GLY B 410 37.08 -16.53 -19.74
N LEU B 411 36.73 -16.15 -20.96
CA LEU B 411 35.42 -15.57 -21.23
C LEU B 411 34.39 -16.67 -21.44
N ILE B 412 33.19 -16.46 -20.90
CA ILE B 412 32.08 -17.38 -21.03
C ILE B 412 30.85 -16.63 -21.54
N GLN B 413 29.95 -17.36 -22.18
CA GLN B 413 28.73 -16.79 -22.72
C GLN B 413 27.63 -16.88 -21.67
N LEU B 414 27.12 -15.74 -21.24
CA LEU B 414 26.09 -15.65 -20.20
C LEU B 414 24.79 -15.19 -20.84
N ARG B 415 23.74 -15.99 -20.68
CA ARG B 415 22.42 -15.69 -21.21
C ARG B 415 21.45 -15.45 -20.06
N SER B 416 20.64 -14.40 -20.19
CA SER B 416 19.70 -14.07 -19.15
C SER B 416 18.33 -14.50 -19.54
N ARG B 417 17.57 -14.94 -18.56
CA ARG B 417 16.20 -15.38 -18.84
C ARG B 417 15.30 -14.21 -19.22
N ASP B 418 15.46 -13.08 -18.55
CA ASP B 418 14.56 -11.95 -18.77
C ASP B 418 14.70 -11.36 -20.17
N THR B 419 15.93 -11.25 -20.67
CA THR B 419 16.18 -10.54 -21.92
C THR B 419 16.58 -11.46 -23.07
N THR B 420 16.92 -12.72 -22.81
CA THR B 420 17.37 -13.66 -23.83
C THR B 420 18.55 -13.10 -24.63
N MET B 421 19.47 -12.46 -23.93
CA MET B 421 20.65 -11.84 -24.53
C MET B 421 21.92 -12.49 -23.98
N LYS B 422 22.89 -12.71 -24.86
CA LYS B 422 24.14 -13.37 -24.51
C LYS B 422 25.21 -12.32 -24.26
N GLU B 423 25.81 -12.37 -23.08
CA GLU B 423 26.85 -11.42 -22.68
C GLU B 423 28.14 -12.17 -22.41
N MET B 424 29.23 -11.73 -23.05
CA MET B 424 30.54 -12.33 -22.83
C MET B 424 31.13 -11.79 -21.53
N MET B 425 31.27 -12.66 -20.54
CA MET B 425 31.77 -12.28 -19.22
C MET B 425 32.93 -13.19 -18.84
N HIS B 426 33.86 -12.67 -18.05
CA HIS B 426 35.00 -13.46 -17.65
C HIS B 426 34.65 -14.33 -16.47
N ILE B 427 35.25 -15.50 -16.38
CA ILE B 427 34.91 -16.45 -15.32
C ILE B 427 35.12 -15.92 -13.92
N SER B 428 36.19 -15.18 -13.69
CA SER B 428 36.48 -14.73 -12.35
C SER B 428 35.47 -13.71 -11.90
N LYS B 429 34.64 -13.23 -12.82
CA LYS B 429 33.69 -12.17 -12.49
C LYS B 429 32.27 -12.66 -12.50
N LEU B 430 32.06 -13.94 -12.76
CA LEU B 430 30.74 -14.53 -12.80
C LEU B 430 30.13 -14.65 -11.41
N ARG B 431 30.90 -15.18 -10.44
CA ARG B 431 30.37 -15.40 -9.11
C ARG B 431 29.97 -14.08 -8.45
N ASP B 432 30.81 -13.05 -8.58
CA ASP B 432 30.49 -11.76 -7.98
C ASP B 432 29.25 -11.15 -8.63
N PHE B 433 29.13 -11.28 -9.96
CA PHE B 433 27.95 -10.76 -10.64
C PHE B 433 26.69 -11.48 -10.17
N LEU B 434 26.75 -12.81 -10.04
CA LEU B 434 25.59 -13.56 -9.59
C LEU B 434 25.21 -13.17 -8.15
N VAL B 435 26.20 -13.04 -7.28
CA VAL B 435 25.92 -12.67 -5.89
C VAL B 435 25.30 -11.28 -5.83
N LYS B 436 25.85 -10.33 -6.58
CA LYS B 436 25.29 -8.98 -6.59
C LYS B 436 23.87 -8.98 -7.15
N TYR B 437 23.63 -9.75 -8.21
CA TYR B 437 22.29 -9.83 -8.79
C TYR B 437 21.29 -10.38 -7.79
N LEU B 438 21.65 -11.48 -7.10
CA LEU B 438 20.75 -12.06 -6.12
C LEU B 438 20.50 -11.12 -4.95
N ALA B 439 21.55 -10.44 -4.48
CA ALA B 439 21.38 -9.51 -3.36
C ALA B 439 20.50 -8.34 -3.74
N SER B 440 20.68 -7.80 -4.95
CA SER B 440 19.84 -6.69 -5.40
C SER B 440 18.39 -7.14 -5.59
N ALA B 441 18.19 -8.35 -6.13
CA ALA B 441 16.83 -8.86 -6.28
C ALA B 441 16.18 -9.17 -4.93
N SER B 442 16.97 -9.44 -3.90
CA SER B 442 16.40 -9.73 -2.59
C SER B 442 15.88 -8.45 -1.93
N ASN B 443 16.75 -7.47 -1.75
CA ASN B 443 16.36 -6.21 -1.11
C ASN B 443 15.52 -5.36 -2.07
N ALA C 27 23.84 -31.94 35.14
CA ALA C 27 23.00 -32.65 34.20
C ALA C 27 22.84 -31.86 32.90
N LEU C 28 23.15 -32.49 31.77
CA LEU C 28 22.98 -31.83 30.48
C LEU C 28 21.52 -31.57 30.17
N VAL C 29 20.63 -32.50 30.55
CA VAL C 29 19.22 -32.36 30.21
C VAL C 29 18.63 -31.12 30.86
N ASP C 30 18.92 -30.91 32.16
CA ASP C 30 18.43 -29.73 32.84
C ASP C 30 19.01 -28.45 32.24
N LEU C 31 20.30 -28.48 31.90
CA LEU C 31 20.93 -27.29 31.32
C LEU C 31 20.32 -26.94 29.97
N CYS C 32 19.97 -27.95 29.17
CA CYS C 32 19.33 -27.69 27.89
C CYS C 32 17.88 -27.29 28.05
N ARG C 33 17.21 -27.77 29.09
CA ARG C 33 15.83 -27.37 29.33
C ARG C 33 15.74 -25.93 29.81
N ARG C 34 16.66 -25.51 30.69
CA ARG C 34 16.65 -24.13 31.17
C ARG C 34 17.10 -23.15 30.10
N ARG C 35 17.79 -23.60 29.06
CA ARG C 35 18.25 -22.74 27.98
C ARG C 35 17.39 -22.89 26.72
N HIS C 36 16.28 -23.58 26.82
CA HIS C 36 15.36 -23.71 25.67
C HIS C 36 15.87 -24.56 24.54
N PHE C 37 16.75 -25.51 24.83
CA PHE C 37 17.18 -26.45 23.82
C PHE C 37 16.19 -27.58 23.93
N PHE C 38 15.93 -28.02 25.15
CA PHE C 38 14.96 -29.10 25.38
C PHE C 38 13.69 -28.57 26.01
N SER C 39 12.55 -29.15 25.65
CA SER C 39 11.27 -28.73 26.19
C SER C 39 10.57 -29.89 26.85
N GLY C 40 9.45 -29.64 27.50
CA GLY C 40 8.66 -30.70 28.08
C GLY C 40 8.75 -30.69 29.60
N THR C 41 7.88 -31.50 30.21
CA THR C 41 7.87 -31.64 31.64
C THR C 41 9.08 -32.45 32.11
N PRO C 42 9.45 -32.35 33.39
CA PRO C 42 10.54 -33.19 33.90
C PRO C 42 10.27 -34.67 33.76
N GLN C 43 9.00 -35.09 33.77
CA GLN C 43 8.66 -36.49 33.53
C GLN C 43 8.96 -36.88 32.08
N GLN C 44 8.92 -35.91 31.16
CA GLN C 44 9.22 -36.16 29.76
C GLN C 44 10.70 -35.96 29.44
N LEU C 45 11.53 -35.63 30.43
CA LEU C 45 12.96 -35.46 30.23
C LEU C 45 13.75 -36.73 30.51
N SER C 46 13.06 -37.85 30.75
CA SER C 46 13.74 -39.11 30.97
C SER C 46 14.38 -39.62 29.68
N THR C 47 15.36 -40.50 29.82
CA THR C 47 16.05 -41.05 28.66
C THR C 47 15.07 -41.79 27.75
N ALA C 48 14.18 -42.59 28.31
CA ALA C 48 13.19 -43.29 27.50
C ALA C 48 12.26 -42.32 26.79
N ALA C 49 11.81 -41.28 27.49
CA ALA C 49 10.95 -40.28 26.86
C ALA C 49 11.68 -39.53 25.77
N LEU C 50 12.94 -39.18 26.00
CA LEU C 50 13.72 -38.48 24.97
C LEU C 50 13.93 -39.35 23.74
N LEU C 51 14.24 -40.64 23.94
CA LEU C 51 14.50 -41.52 22.80
C LEU C 51 13.22 -42.00 22.12
N SER C 52 12.07 -41.90 22.78
CA SER C 52 10.83 -42.38 22.17
C SER C 52 10.30 -41.41 21.13
N GLY C 53 10.48 -40.10 21.34
CA GLY C 53 9.95 -39.13 20.41
C GLY C 53 8.44 -38.93 20.48
N CYS C 54 7.83 -39.28 21.61
CA CYS C 54 6.38 -39.12 21.76
C CYS C 54 5.97 -37.69 22.09
N HIS C 55 6.92 -36.80 22.35
CA HIS C 55 6.62 -35.41 22.64
C HIS C 55 7.63 -34.52 21.93
N ALA C 56 7.22 -33.27 21.67
CA ALA C 56 8.13 -32.28 21.10
C ALA C 56 9.24 -32.00 22.10
N ARG C 57 10.44 -32.48 21.81
CA ARG C 57 11.53 -32.52 22.77
C ARG C 57 12.50 -31.36 22.63
N PHE C 58 12.23 -30.41 21.73
CA PHE C 58 13.16 -29.34 21.39
C PHE C 58 12.53 -27.98 21.64
N GLY C 59 13.30 -27.08 22.26
CA GLY C 59 12.91 -25.70 22.35
C GLY C 59 13.35 -24.91 21.14
N PRO C 60 13.12 -23.60 21.19
CA PRO C 60 13.51 -22.75 20.04
C PRO C 60 14.98 -22.84 19.70
N LEU C 61 15.86 -22.87 20.71
CA LEU C 61 17.27 -23.08 20.42
C LEU C 61 17.53 -24.49 19.91
N GLY C 62 16.84 -25.48 20.49
CA GLY C 62 16.94 -26.83 19.98
C GLY C 62 16.41 -26.96 18.56
N VAL C 63 15.31 -26.26 18.26
CA VAL C 63 14.77 -26.27 16.91
C VAL C 63 15.75 -25.63 15.94
N GLU C 64 16.38 -24.52 16.34
CA GLU C 64 17.36 -23.88 15.47
C GLU C 64 18.58 -24.79 15.25
N LEU C 65 19.05 -25.47 16.29
CA LEU C 65 20.17 -26.38 16.13
C LEU C 65 19.80 -27.54 15.21
N ARG C 66 18.59 -28.09 15.36
CA ARG C 66 18.15 -29.16 14.48
C ARG C 66 18.03 -28.68 13.04
N LYS C 67 17.55 -27.45 12.84
CA LYS C 67 17.46 -26.90 11.49
C LYS C 67 18.85 -26.71 10.88
N ASN C 68 19.81 -26.25 11.68
CA ASN C 68 21.18 -26.11 11.18
C ASN C 68 21.75 -27.47 10.79
N LEU C 69 21.52 -28.50 11.62
CA LEU C 69 22.00 -29.83 11.29
C LEU C 69 21.34 -30.36 10.02
N ALA C 70 20.02 -30.12 9.87
CA ALA C 70 19.31 -30.56 8.68
C ALA C 70 19.84 -29.85 7.43
N SER C 71 20.14 -28.56 7.55
CA SER C 71 20.70 -27.82 6.42
C SER C 71 22.08 -28.35 6.05
N GLN C 72 22.92 -28.65 7.05
CA GLN C 72 24.23 -29.22 6.76
C GLN C 72 24.09 -30.57 6.05
N TRP C 73 23.18 -31.42 6.55
CA TRP C 73 22.96 -32.71 5.91
C TRP C 73 22.47 -32.55 4.49
N TRP C 74 21.51 -31.66 4.28
CA TRP C 74 20.96 -31.46 2.95
C TRP C 74 22.03 -30.95 1.98
N SER C 75 22.83 -29.98 2.41
CA SER C 75 23.90 -29.47 1.55
C SER C 75 24.89 -30.58 1.21
N SER C 76 25.41 -31.28 2.23
CA SER C 76 26.46 -32.26 2.00
C SER C 76 25.96 -33.45 1.20
N MET C 77 24.67 -33.77 1.26
CA MET C 77 24.15 -34.95 0.59
C MET C 77 23.44 -34.65 -0.72
N VAL C 78 23.13 -33.39 -1.03
CA VAL C 78 22.44 -33.07 -2.26
C VAL C 78 23.23 -32.04 -3.05
N VAL C 79 23.54 -30.91 -2.40
CA VAL C 79 24.15 -29.79 -3.12
C VAL C 79 25.55 -30.17 -3.60
N PHE C 80 26.36 -30.74 -2.70
CA PHE C 80 27.70 -31.18 -3.03
C PHE C 80 27.73 -32.62 -3.53
N ARG C 81 26.61 -33.13 -4.02
CA ARG C 81 26.53 -34.50 -4.52
C ARG C 81 25.93 -34.49 -5.92
N GLU C 82 26.29 -35.50 -6.70
CA GLU C 82 25.89 -35.59 -8.10
C GLU C 82 24.63 -36.43 -8.23
N GLN C 83 23.64 -35.90 -8.95
CA GLN C 83 22.40 -36.61 -9.27
C GLN C 83 21.65 -37.05 -8.01
N VAL C 84 21.54 -36.13 -7.05
CA VAL C 84 20.70 -36.31 -5.87
C VAL C 84 19.67 -35.19 -5.85
N PHE C 85 18.40 -35.55 -5.71
CA PHE C 85 17.31 -34.62 -5.89
C PHE C 85 16.34 -34.68 -4.70
N ALA C 86 15.61 -33.60 -4.52
CA ALA C 86 14.64 -33.50 -3.45
C ALA C 86 13.38 -34.32 -3.76
N VAL C 87 12.78 -34.86 -2.70
CA VAL C 87 11.54 -35.63 -2.80
C VAL C 87 10.62 -35.21 -1.67
N ASP C 88 9.36 -34.91 -2.00
CA ASP C 88 8.33 -34.62 -1.02
C ASP C 88 7.26 -35.70 -1.11
N SER C 89 6.99 -36.37 0.00
CA SER C 89 6.04 -37.47 0.04
C SER C 89 5.08 -37.28 1.20
N LEU C 90 3.92 -37.91 1.07
CA LEU C 90 2.87 -37.80 2.07
C LEU C 90 3.26 -38.54 3.35
N HIS C 91 2.61 -38.18 4.45
CA HIS C 91 2.78 -38.85 5.73
C HIS C 91 1.87 -40.07 5.85
N GLN C 92 1.06 -40.36 4.85
CA GLN C 92 0.11 -41.46 4.87
C GLN C 92 0.34 -42.37 3.67
N GLU C 93 0.04 -43.65 3.83
CA GLU C 93 0.26 -44.58 2.76
C GLU C 93 -1.06 -45.20 2.42
N PRO C 94 -1.18 -45.77 1.23
CA PRO C 94 -2.49 -46.29 0.83
C PRO C 94 -3.03 -47.26 1.88
N GLY C 95 -2.16 -47.95 2.60
CA GLY C 95 -2.62 -48.84 3.65
C GLY C 95 -3.14 -50.16 3.11
N SER C 96 -2.89 -51.24 3.82
CA SER C 96 -3.31 -52.55 3.33
C SER C 96 -3.52 -53.55 4.45
N SER C 97 -4.09 -54.71 4.12
CA SER C 97 -4.39 -55.71 5.14
C SER C 97 -3.17 -56.34 5.80
N GLN C 98 -2.04 -56.36 5.11
CA GLN C 98 -0.85 -57.01 5.64
C GLN C 98 -0.81 -56.85 7.15
N PRO C 99 -0.88 -57.97 7.89
CA PRO C 99 -0.95 -57.89 9.35
C PRO C 99 0.30 -57.35 10.02
N ARG C 100 1.47 -57.82 9.63
CA ARG C 100 2.70 -57.42 10.31
C ARG C 100 2.72 -55.91 10.54
N ASP C 101 1.99 -55.17 9.71
CA ASP C 101 1.95 -53.73 9.85
C ASP C 101 1.56 -53.34 11.27
N SER C 102 2.33 -52.44 11.87
CA SER C 102 1.97 -51.97 13.20
C SER C 102 1.79 -50.47 13.19
N ALA C 103 1.85 -49.86 12.01
CA ALA C 103 1.71 -48.42 11.90
C ALA C 103 0.32 -48.03 12.30
N PHE C 104 0.18 -46.94 13.05
CA PHE C 104 -1.18 -46.53 13.35
C PHE C 104 -1.95 -46.19 12.08
N ARG C 105 -3.26 -46.47 12.10
CA ARG C 105 -4.12 -46.29 10.95
C ARG C 105 -4.86 -44.95 11.03
N LEU C 106 -5.50 -44.59 9.92
CA LEU C 106 -6.30 -43.37 9.82
C LEU C 106 -7.75 -43.76 9.62
N VAL C 107 -8.59 -43.45 10.61
CA VAL C 107 -10.01 -43.75 10.58
C VAL C 107 -10.79 -42.46 10.77
N SER C 108 -11.79 -42.24 9.93
CA SER C 108 -12.63 -41.05 10.07
C SER C 108 -13.54 -41.19 11.29
N PRO C 109 -13.51 -40.24 12.22
CA PRO C 109 -14.42 -40.33 13.37
C PRO C 109 -15.88 -40.27 12.98
N GLU C 110 -16.21 -39.61 11.87
CA GLU C 110 -17.60 -39.48 11.45
C GLU C 110 -18.20 -40.84 11.15
N SER C 111 -17.42 -41.75 10.60
CA SER C 111 -17.92 -43.08 10.34
C SER C 111 -18.31 -43.75 11.63
N ILE C 112 -17.42 -43.71 12.61
CA ILE C 112 -17.70 -44.35 13.89
C ILE C 112 -18.93 -43.74 14.55
N ARG C 113 -19.06 -42.41 14.46
CA ARG C 113 -20.25 -41.75 15.00
C ARG C 113 -21.51 -42.22 14.29
N GLU C 114 -21.44 -42.38 12.96
CA GLU C 114 -22.57 -42.89 12.20
C GLU C 114 -22.90 -44.32 12.62
N ILE C 115 -21.87 -45.14 12.86
CA ILE C 115 -22.12 -46.51 13.29
C ILE C 115 -22.80 -46.53 14.66
N LEU C 116 -22.37 -45.67 15.57
CA LEU C 116 -22.81 -45.76 16.97
C LEU C 116 -24.06 -44.94 17.27
N GLN C 117 -24.46 -44.00 16.41
CA GLN C 117 -25.60 -43.13 16.69
C GLN C 117 -26.63 -43.12 15.57
N ASP C 118 -26.93 -44.27 14.97
CA ASP C 118 -27.86 -44.30 13.84
C ASP C 118 -28.65 -45.60 13.73
N ARG C 119 -28.43 -46.33 12.63
CA ARG C 119 -29.16 -47.58 12.41
C ARG C 119 -28.87 -48.63 13.48
N GLU C 120 -27.79 -48.43 14.22
CA GLU C 120 -27.44 -49.37 15.29
C GLU C 120 -27.30 -50.80 14.78
N PRO C 121 -26.23 -51.06 14.02
CA PRO C 121 -25.97 -52.42 13.52
C PRO C 121 -25.67 -53.42 14.64
N SER C 122 -25.35 -54.66 14.28
CA SER C 122 -25.24 -55.75 15.22
C SER C 122 -23.80 -56.25 15.28
N LYS C 123 -23.61 -57.37 15.99
CA LYS C 123 -22.28 -57.91 16.23
C LYS C 123 -21.55 -58.18 14.92
N GLU C 124 -22.22 -58.85 13.97
CA GLU C 124 -21.59 -59.17 12.70
C GLU C 124 -21.22 -57.92 11.92
N GLN C 125 -22.10 -56.91 11.93
CA GLN C 125 -21.83 -55.68 11.20
C GLN C 125 -20.69 -54.90 11.83
N LEU C 126 -20.62 -54.90 13.18
CA LEU C 126 -19.49 -54.29 13.86
C LEU C 126 -18.19 -55.00 13.51
N VAL C 127 -18.22 -56.33 13.45
CA VAL C 127 -17.05 -57.10 13.04
C VAL C 127 -16.62 -56.71 11.63
N ALA C 128 -17.58 -56.60 10.72
CA ALA C 128 -17.28 -56.22 9.35
C ALA C 128 -16.67 -54.83 9.29
N PHE C 129 -17.21 -53.89 10.07
CA PHE C 129 -16.68 -52.53 10.11
C PHE C 129 -15.25 -52.52 10.63
N LEU C 130 -14.98 -53.28 11.69
CA LEU C 130 -13.62 -53.34 12.22
C LEU C 130 -12.67 -53.98 11.23
N GLU C 131 -13.12 -55.00 10.50
CA GLU C 131 -12.29 -55.61 9.48
C GLU C 131 -11.97 -54.63 8.37
N ASN C 132 -12.95 -53.82 7.97
CA ASN C 132 -12.74 -52.86 6.90
C ASN C 132 -11.73 -51.80 7.28
N LEU C 133 -11.60 -51.50 8.57
CA LEU C 133 -10.60 -50.53 9.02
C LEU C 133 -9.19 -51.01 8.73
N LEU C 134 -8.91 -52.28 9.04
CA LEU C 134 -7.59 -52.83 8.74
C LEU C 134 -7.45 -53.14 7.25
N LYS C 135 -8.54 -53.49 6.59
CA LYS C 135 -8.44 -53.88 5.18
C LYS C 135 -8.22 -52.69 4.26
N THR C 136 -8.95 -51.62 4.49
CA THR C 136 -8.85 -50.44 3.64
C THR C 136 -8.90 -49.19 4.51
N SER C 137 -7.74 -48.55 4.71
CA SER C 137 -7.64 -47.31 5.46
C SER C 137 -6.21 -46.79 5.33
N GLY C 138 -6.02 -45.54 5.73
CA GLY C 138 -4.71 -44.94 5.69
C GLY C 138 -3.78 -45.53 6.73
N LYS C 139 -2.50 -45.20 6.56
CA LYS C 139 -1.50 -45.70 7.47
C LYS C 139 -0.39 -44.70 7.56
N LEU C 140 0.07 -44.42 8.75
CA LEU C 140 1.18 -43.51 8.97
C LEU C 140 2.48 -44.16 8.55
N ARG C 141 3.34 -43.38 7.90
CA ARG C 141 4.61 -43.91 7.42
C ARG C 141 5.55 -44.20 8.58
N ALA C 142 6.34 -45.27 8.43
CA ALA C 142 7.40 -45.58 9.38
C ALA C 142 8.78 -45.28 8.85
N THR C 143 8.98 -45.37 7.54
CA THR C 143 10.23 -45.02 6.89
C THR C 143 9.94 -44.21 5.64
N LEU C 144 10.92 -43.41 5.23
CA LEU C 144 10.79 -42.61 4.02
C LEU C 144 11.19 -43.36 2.76
N LEU C 145 11.52 -44.66 2.89
CA LEU C 145 11.94 -45.43 1.72
C LEU C 145 10.83 -45.51 0.68
N HIS C 146 9.60 -45.77 1.12
N HIS C 146 9.60 -45.76 1.13
CA HIS C 146 8.48 -45.91 0.19
CA HIS C 146 8.50 -45.90 0.19
C HIS C 146 8.08 -44.59 -0.46
C HIS C 146 8.13 -44.59 -0.49
N GLY C 147 8.43 -43.46 0.16
CA GLY C 147 8.12 -42.18 -0.46
C GLY C 147 8.91 -41.93 -1.73
N ALA C 148 10.20 -42.27 -1.71
CA ALA C 148 11.05 -42.06 -2.88
C ALA C 148 10.73 -43.07 -3.97
N LEU C 149 10.37 -44.29 -3.60
CA LEU C 149 10.09 -45.33 -4.59
C LEU C 149 8.90 -44.98 -5.46
N GLU C 150 7.94 -44.21 -4.93
CA GLU C 150 6.81 -43.78 -5.75
C GLU C 150 7.22 -42.71 -6.75
N HIS C 151 8.25 -41.94 -6.43
CA HIS C 151 8.79 -40.92 -7.32
C HIS C 151 9.98 -41.41 -8.13
N TYR C 152 10.22 -42.73 -8.14
CA TYR C 152 11.36 -43.27 -8.87
C TYR C 152 11.25 -43.03 -10.36
N VAL C 153 10.05 -43.21 -10.93
CA VAL C 153 9.88 -43.09 -12.38
C VAL C 153 10.07 -41.65 -12.83
N ASN C 154 9.48 -40.69 -12.11
CA ASN C 154 9.58 -39.28 -12.50
C ASN C 154 11.01 -38.80 -12.42
N CYS C 155 11.72 -39.15 -11.35
CA CYS C 155 13.12 -38.72 -11.22
C CYS C 155 14.03 -39.47 -12.18
N LEU C 156 13.68 -40.71 -12.53
CA LEU C 156 14.42 -41.42 -13.56
C LEU C 156 14.26 -40.74 -14.91
N ASP C 157 13.05 -40.28 -15.21
CA ASP C 157 12.83 -39.49 -16.43
C ASP C 157 13.54 -38.14 -16.35
N LEU C 158 13.70 -37.59 -15.14
CA LEU C 158 14.40 -36.32 -14.99
C LEU C 158 15.87 -36.45 -15.37
N VAL C 159 16.50 -37.57 -15.02
CA VAL C 159 17.92 -37.77 -15.26
C VAL C 159 18.16 -38.49 -16.59
N ASN C 160 17.13 -38.56 -17.45
CA ASN C 160 17.22 -39.27 -18.73
C ASN C 160 17.61 -40.73 -18.52
N ARG C 161 17.11 -41.32 -17.44
CA ARG C 161 17.33 -42.73 -17.10
C ARG C 161 18.81 -43.05 -16.90
N LYS C 162 19.59 -42.06 -16.52
CA LYS C 162 21.00 -42.30 -16.31
C LYS C 162 21.30 -42.70 -14.90
N LEU C 163 21.60 -43.96 -14.70
CA LEU C 163 22.02 -44.43 -13.39
C LEU C 163 23.48 -44.09 -13.13
N PRO C 164 23.89 -43.92 -11.87
CA PRO C 164 23.09 -43.93 -10.64
C PRO C 164 22.47 -42.58 -10.31
N PHE C 165 21.41 -42.55 -9.51
CA PHE C 165 20.86 -41.31 -8.99
C PHE C 165 20.15 -41.62 -7.67
N GLY C 166 20.02 -40.59 -6.84
CA GLY C 166 19.47 -40.76 -5.51
C GLY C 166 18.39 -39.74 -5.21
N LEU C 167 17.57 -40.09 -4.22
CA LEU C 167 16.47 -39.25 -3.76
C LEU C 167 16.63 -39.02 -2.27
N ALA C 168 16.65 -37.75 -1.86
CA ALA C 168 16.85 -37.37 -0.47
C ALA C 168 15.63 -36.64 0.06
N GLN C 169 15.32 -36.85 1.33
CA GLN C 169 14.18 -36.21 1.96
C GLN C 169 14.38 -36.20 3.47
N ILE C 170 14.06 -35.07 4.09
CA ILE C 170 14.11 -34.91 5.53
C ILE C 170 12.68 -34.71 6.02
N GLY C 171 12.17 -35.68 6.78
CA GLY C 171 10.79 -35.63 7.22
C GLY C 171 10.61 -36.41 8.51
N VAL C 172 9.38 -36.34 9.03
CA VAL C 172 9.02 -37.00 10.28
C VAL C 172 8.39 -38.35 9.98
N CYS C 173 8.82 -39.37 10.70
CA CYS C 173 8.28 -40.71 10.58
C CYS C 173 7.70 -41.14 11.92
N PHE C 174 6.65 -41.96 11.87
CA PHE C 174 5.93 -42.39 13.06
C PHE C 174 6.21 -43.87 13.33
N HIS C 175 6.56 -44.14 14.57
CA HIS C 175 6.84 -45.49 14.99
C HIS C 175 6.14 -45.74 16.30
N PRO C 176 5.46 -46.89 16.42
CA PRO C 176 4.81 -47.21 17.70
C PRO C 176 5.85 -47.48 18.78
N VAL C 177 5.52 -47.10 20.02
CA VAL C 177 6.41 -47.30 21.14
C VAL C 177 5.91 -48.44 22.01
N ARG C 189 0.04 -44.43 22.08
CA ARG C 189 1.18 -43.53 22.03
C ARG C 189 1.96 -43.69 20.73
N VAL C 190 2.23 -42.58 20.06
CA VAL C 190 2.96 -42.56 18.79
C VAL C 190 4.22 -41.73 18.98
N GLY C 191 5.36 -42.31 18.63
CA GLY C 191 6.63 -41.60 18.69
C GLY C 191 6.99 -41.01 17.34
N GLU C 192 7.47 -39.77 17.36
CA GLU C 192 7.81 -39.04 16.15
C GLU C 192 9.32 -38.82 16.11
N LYS C 193 9.91 -39.20 14.98
CA LYS C 193 11.32 -39.03 14.77
C LYS C 193 11.51 -38.40 13.40
N THR C 194 12.35 -37.39 13.31
CA THR C 194 12.63 -36.73 12.04
C THR C 194 13.81 -37.45 11.38
N GLU C 195 13.55 -38.07 10.24
CA GLU C 195 14.51 -38.94 9.57
C GLU C 195 14.98 -38.31 8.28
N ALA C 196 16.30 -38.23 8.10
CA ALA C 196 16.90 -37.82 6.84
C ALA C 196 17.32 -39.07 6.09
N SER C 197 16.70 -39.31 4.94
CA SER C 197 16.87 -40.57 4.20
C SER C 197 17.29 -40.28 2.78
N LEU C 198 18.25 -41.07 2.28
CA LEU C 198 18.68 -41.04 0.90
C LEU C 198 18.50 -42.42 0.28
N VAL C 199 17.78 -42.49 -0.83
CA VAL C 199 17.54 -43.73 -1.55
C VAL C 199 18.41 -43.69 -2.80
N TRP C 200 19.47 -44.49 -2.80
CA TRP C 200 20.51 -44.44 -3.84
C TRP C 200 20.31 -45.62 -4.79
N PHE C 201 19.82 -45.35 -5.99
CA PHE C 201 19.59 -46.38 -7.00
C PHE C 201 20.87 -46.62 -7.79
N THR C 202 21.28 -47.87 -7.87
CA THR C 202 22.52 -48.26 -8.53
C THR C 202 22.33 -49.57 -9.27
N PRO C 203 23.15 -49.85 -10.27
CA PRO C 203 23.20 -51.20 -10.83
C PRO C 203 23.71 -52.19 -9.80
N THR C 204 23.35 -53.46 -10.01
CA THR C 204 23.60 -54.49 -9.00
C THR C 204 25.10 -54.67 -8.74
N ARG C 205 25.92 -54.57 -9.79
CA ARG C 205 27.34 -54.90 -9.64
C ARG C 205 28.04 -53.93 -8.69
N THR C 206 27.71 -52.63 -8.75
CA THR C 206 28.40 -51.62 -7.98
C THR C 206 27.71 -51.30 -6.65
N SER C 207 26.94 -52.24 -6.10
CA SER C 207 26.22 -51.97 -4.87
C SER C 207 27.18 -51.84 -3.69
N SER C 208 28.12 -52.78 -3.56
CA SER C 208 29.00 -52.80 -2.39
C SER C 208 29.90 -51.57 -2.33
N GLN C 209 30.47 -51.17 -3.46
CA GLN C 209 31.37 -50.02 -3.47
C GLN C 209 30.61 -48.74 -3.11
N TRP C 210 29.42 -48.55 -3.66
CA TRP C 210 28.63 -47.38 -3.31
C TRP C 210 28.22 -47.41 -1.84
N LEU C 211 27.86 -48.59 -1.33
CA LEU C 211 27.50 -48.69 0.08
C LEU C 211 28.67 -48.31 0.98
N ASP C 212 29.88 -48.79 0.66
CA ASP C 212 31.05 -48.46 1.46
C ASP C 212 31.39 -46.97 1.35
N PHE C 213 31.28 -46.40 0.15
CA PHE C 213 31.54 -44.98 -0.04
C PHE C 213 30.56 -44.14 0.78
N TRP C 214 29.29 -44.49 0.75
CA TRP C 214 28.29 -43.77 1.54
C TRP C 214 28.55 -43.94 3.03
N LEU C 215 28.96 -45.14 3.45
CA LEU C 215 29.27 -45.35 4.87
C LEU C 215 30.41 -44.45 5.32
N ARG C 216 31.49 -44.40 4.53
CA ARG C 216 32.63 -43.58 4.93
C ARG C 216 32.28 -42.09 4.89
N HIS C 217 31.49 -41.69 3.90
CA HIS C 217 31.05 -40.29 3.81
C HIS C 217 30.17 -39.88 4.97
N ARG C 218 29.26 -40.74 5.36
CA ARG C 218 28.40 -40.46 6.51
C ARG C 218 29.20 -40.44 7.81
N LEU C 219 30.15 -41.35 7.96
CA LEU C 219 30.99 -41.34 9.16
C LEU C 219 31.80 -40.06 9.24
N LEU C 220 32.38 -39.62 8.12
CA LEU C 220 33.13 -38.37 8.12
C LEU C 220 32.23 -37.17 8.42
N TRP C 221 31.03 -37.16 7.85
CA TRP C 221 30.10 -36.05 8.11
C TRP C 221 29.68 -36.00 9.57
N TRP C 222 29.44 -37.17 10.18
CA TRP C 222 29.07 -37.19 11.59
C TRP C 222 30.23 -36.77 12.47
N ARG C 223 31.46 -37.19 12.13
CA ARG C 223 32.63 -36.84 12.92
C ARG C 223 33.08 -35.40 12.70
N LYS C 224 32.64 -34.76 11.62
CA LYS C 224 33.10 -33.41 11.31
C LYS C 224 32.64 -32.40 12.36
N PHE C 225 31.40 -32.50 12.81
CA PHE C 225 30.82 -31.53 13.72
C PHE C 225 31.04 -31.88 15.19
N ALA C 226 31.72 -32.99 15.49
CA ALA C 226 31.87 -33.46 16.86
C ALA C 226 33.29 -33.15 17.35
N MET C 227 33.38 -32.72 18.59
CA MET C 227 34.68 -32.46 19.21
C MET C 227 35.35 -33.76 19.55
N SER C 228 34.57 -34.82 19.66
CA SER C 228 35.08 -36.14 20.01
C SER C 228 34.65 -37.12 18.92
N PRO C 229 35.36 -37.15 17.80
CA PRO C 229 34.98 -38.06 16.70
C PRO C 229 35.11 -39.53 17.07
N SER C 230 35.88 -39.87 18.10
CA SER C 230 36.03 -41.27 18.49
C SER C 230 34.73 -41.84 19.06
N ASN C 231 33.85 -40.97 19.57
CA ASN C 231 32.58 -41.44 20.09
C ASN C 231 31.71 -42.05 19.01
N PHE C 232 31.79 -41.53 17.78
CA PHE C 232 31.06 -42.11 16.67
C PHE C 232 31.79 -43.35 16.16
N SER C 233 31.01 -44.37 15.81
CA SER C 233 31.57 -45.65 15.41
C SER C 233 30.64 -46.32 14.41
N SER C 234 31.15 -47.37 13.78
CA SER C 234 30.40 -48.14 12.80
C SER C 234 30.52 -49.63 13.11
N ALA C 235 29.47 -50.37 12.79
CA ALA C 235 29.45 -51.82 13.02
C ALA C 235 28.55 -52.47 11.99
N ASP C 236 29.06 -53.53 11.37
CA ASP C 236 28.29 -54.25 10.36
C ASP C 236 27.13 -55.00 11.00
N CYS C 237 26.06 -55.14 10.23
CA CYS C 237 24.86 -55.82 10.69
C CYS C 237 24.18 -56.52 9.51
N GLN C 238 23.38 -57.51 9.82
CA GLN C 238 22.70 -58.32 8.81
C GLN C 238 21.19 -58.25 9.04
N ASP C 239 20.45 -58.10 7.95
CA ASP C 239 18.99 -58.01 8.02
C ASP C 239 18.40 -59.41 8.23
N GLU C 240 17.08 -59.44 8.48
CA GLU C 240 16.40 -60.71 8.67
C GLU C 240 16.45 -61.56 7.40
N LEU C 241 16.30 -60.93 6.23
CA LEU C 241 16.35 -61.62 4.97
C LEU C 241 17.78 -61.85 4.47
N GLY C 242 18.78 -61.58 5.30
CA GLY C 242 20.17 -61.81 4.93
C GLY C 242 20.82 -60.69 4.15
N ARG C 243 20.13 -59.57 3.94
CA ARG C 243 20.70 -58.45 3.22
C ARG C 243 21.74 -57.75 4.09
N LYS C 244 22.91 -57.49 3.53
CA LYS C 244 24.01 -56.90 4.28
C LYS C 244 23.81 -55.39 4.43
N GLY C 245 24.30 -54.85 5.53
CA GLY C 245 24.19 -53.43 5.79
C GLY C 245 25.12 -53.00 6.90
N SER C 246 25.10 -51.71 7.19
CA SER C 246 25.95 -51.14 8.22
C SER C 246 25.14 -50.15 9.06
N LYS C 247 25.62 -49.92 10.28
CA LYS C 247 24.97 -48.99 11.21
C LYS C 247 26.00 -48.05 11.80
N LEU C 248 25.55 -46.85 12.16
CA LEU C 248 26.38 -45.84 12.81
C LEU C 248 25.85 -45.58 14.20
N TYR C 249 26.74 -45.61 15.19
CA TYR C 249 26.38 -45.45 16.59
C TYR C 249 27.11 -44.26 17.20
N TYR C 250 26.44 -43.59 18.12
CA TYR C 250 27.04 -42.57 18.97
C TYR C 250 27.07 -43.09 20.40
N SER C 251 28.23 -42.94 21.06
CA SER C 251 28.39 -43.46 22.41
C SER C 251 27.81 -42.45 23.40
N PHE C 252 26.51 -42.60 23.67
CA PHE C 252 25.87 -41.83 24.71
C PHE C 252 26.38 -42.27 26.08
N PRO C 253 26.23 -41.43 27.10
CA PRO C 253 26.72 -41.82 28.44
C PRO C 253 26.04 -43.06 29.01
N TRP C 254 24.90 -43.47 28.45
CA TRP C 254 24.25 -44.70 28.89
C TRP C 254 24.55 -45.88 27.98
N GLY C 255 25.02 -45.64 26.77
CA GLY C 255 25.30 -46.72 25.84
C GLY C 255 25.34 -46.19 24.41
N LYS C 256 25.37 -47.13 23.48
CA LYS C 256 25.42 -46.84 22.06
C LYS C 256 24.02 -46.93 21.47
N GLU C 257 23.61 -45.89 20.74
CA GLU C 257 22.32 -45.86 20.08
C GLU C 257 22.49 -45.69 18.58
N PRO C 258 21.72 -46.42 17.77
CA PRO C 258 21.88 -46.31 16.31
C PRO C 258 21.36 -44.98 15.76
N ILE C 259 22.27 -44.12 15.31
CA ILE C 259 21.88 -42.85 14.75
C ILE C 259 21.67 -42.90 13.24
N GLU C 260 22.24 -43.90 12.57
CA GLU C 260 22.09 -44.04 11.13
C GLU C 260 22.27 -45.50 10.75
N THR C 261 21.50 -45.94 9.75
CA THR C 261 21.51 -47.34 9.34
C THR C 261 21.52 -47.41 7.82
N LEU C 262 22.39 -48.25 7.28
CA LEU C 262 22.52 -48.45 5.84
C LEU C 262 22.10 -49.87 5.48
N TRP C 263 21.45 -50.02 4.33
CA TRP C 263 21.00 -51.33 3.87
C TRP C 263 21.26 -51.49 2.38
N ASN C 264 21.35 -52.74 1.95
CA ASN C 264 21.46 -53.11 0.55
C ASN C 264 20.20 -53.89 0.21
N LEU C 265 19.16 -53.18 -0.23
CA LEU C 265 17.83 -53.75 -0.37
C LEU C 265 17.62 -54.50 -1.68
N GLY C 266 18.51 -54.34 -2.65
CA GLY C 266 18.29 -55.03 -3.91
C GLY C 266 17.11 -54.46 -4.68
N ASP C 267 16.57 -55.30 -5.57
CA ASP C 267 15.45 -54.92 -6.42
C ASP C 267 14.11 -55.42 -5.89
N GLN C 268 14.08 -55.97 -4.68
CA GLN C 268 12.82 -56.48 -4.13
C GLN C 268 11.81 -55.35 -3.92
N GLU C 269 12.24 -54.26 -3.30
CA GLU C 269 11.33 -53.16 -3.00
C GLU C 269 10.81 -52.50 -4.27
N LEU C 270 11.68 -52.29 -5.25
CA LEU C 270 11.27 -51.63 -6.48
C LEU C 270 10.27 -52.48 -7.27
N LEU C 271 10.49 -53.80 -7.31
CA LEU C 271 9.54 -54.68 -7.98
C LEU C 271 8.23 -54.78 -7.20
N HIS C 272 8.30 -54.74 -5.87
CA HIS C 272 7.09 -54.75 -5.06
C HIS C 272 6.24 -53.51 -5.34
N THR C 273 6.88 -52.35 -5.40
CA THR C 273 6.15 -51.11 -5.66
C THR C 273 5.70 -50.98 -7.10
N TYR C 274 6.33 -51.69 -8.04
CA TYR C 274 5.99 -51.60 -9.46
C TYR C 274 5.78 -52.99 -10.04
N PRO C 275 4.63 -53.60 -9.78
CA PRO C 275 4.31 -54.88 -10.42
C PRO C 275 3.87 -54.68 -11.86
N GLY C 276 3.99 -55.77 -12.63
CA GLY C 276 3.56 -55.77 -14.02
C GLY C 276 4.75 -55.66 -14.97
N ASN C 277 4.70 -54.65 -15.85
CA ASN C 277 5.76 -54.46 -16.81
C ASN C 277 7.07 -54.09 -16.13
N VAL C 278 8.19 -54.45 -16.74
CA VAL C 278 9.48 -54.13 -16.15
C VAL C 278 10.20 -53.02 -16.90
N SER C 279 9.87 -52.84 -18.17
CA SER C 279 10.61 -51.86 -18.96
C SER C 279 10.46 -50.44 -18.42
N THR C 280 9.50 -50.20 -17.54
CA THR C 280 9.26 -48.86 -17.01
C THR C 280 10.05 -48.57 -15.74
N ILE C 281 10.85 -49.53 -15.26
CA ILE C 281 11.63 -49.33 -14.04
C ILE C 281 13.09 -49.67 -14.31
N GLN C 282 13.45 -49.79 -15.59
CA GLN C 282 14.81 -50.13 -15.98
C GLN C 282 15.60 -48.86 -16.26
N GLY C 283 16.68 -48.66 -15.50
CA GLY C 283 17.61 -47.59 -15.78
C GLY C 283 18.62 -48.00 -16.82
N ARG C 284 19.55 -47.09 -17.11
CA ARG C 284 20.59 -47.32 -18.10
C ARG C 284 21.94 -47.42 -17.40
N ASP C 285 22.63 -48.53 -17.62
CA ASP C 285 24.00 -48.74 -17.15
C ASP C 285 24.85 -48.93 -18.40
N GLY C 286 25.33 -47.82 -18.96
CA GLY C 286 26.00 -47.90 -20.24
C GLY C 286 25.02 -48.29 -21.34
N ARG C 287 25.40 -49.26 -22.15
CA ARG C 287 24.52 -49.74 -23.21
C ARG C 287 23.39 -50.61 -22.67
N LYS C 288 23.69 -51.43 -21.67
CA LYS C 288 22.73 -52.39 -21.15
C LYS C 288 21.78 -51.74 -20.14
N ASN C 289 20.52 -52.14 -20.18
CA ASN C 289 19.53 -51.71 -19.21
C ASN C 289 19.41 -52.74 -18.08
N VAL C 290 19.08 -52.24 -16.89
CA VAL C 290 18.98 -53.10 -15.71
C VAL C 290 18.07 -52.42 -14.71
N VAL C 291 17.33 -53.23 -13.95
CA VAL C 291 16.54 -52.72 -12.82
C VAL C 291 17.51 -52.36 -11.71
N PRO C 292 17.55 -51.11 -11.27
CA PRO C 292 18.59 -50.69 -10.32
C PRO C 292 18.39 -51.28 -8.93
N CYS C 293 19.50 -51.56 -8.27
CA CYS C 293 19.48 -51.92 -6.87
C CYS C 293 19.20 -50.69 -6.02
N VAL C 294 18.66 -50.92 -4.82
CA VAL C 294 18.23 -49.84 -3.93
C VAL C 294 19.07 -49.87 -2.67
N LEU C 295 19.71 -48.74 -2.35
CA LEU C 295 20.44 -48.55 -1.11
C LEU C 295 19.69 -47.56 -0.23
N SER C 296 19.54 -47.92 1.05
CA SER C 296 18.78 -47.10 1.99
C SER C 296 19.75 -46.46 2.97
N VAL C 297 19.94 -45.16 2.85
CA VAL C 297 20.77 -44.38 3.75
C VAL C 297 19.83 -43.49 4.57
N SER C 298 19.55 -43.90 5.80
CA SER C 298 18.58 -43.21 6.65
C SER C 298 19.22 -42.88 7.99
N GLY C 299 19.09 -41.63 8.40
CA GLY C 299 19.58 -41.19 9.69
C GLY C 299 18.54 -40.39 10.43
N ASP C 300 18.60 -40.47 11.76
CA ASP C 300 17.67 -39.77 12.65
C ASP C 300 18.32 -38.46 13.07
N VAL C 301 17.76 -37.34 12.62
CA VAL C 301 18.33 -36.04 12.94
C VAL C 301 17.95 -35.57 14.33
N ASP C 302 16.87 -36.07 14.91
CA ASP C 302 16.56 -35.78 16.31
C ASP C 302 17.58 -36.43 17.23
N LEU C 303 17.85 -37.71 17.02
CA LEU C 303 18.90 -38.39 17.79
C LEU C 303 20.27 -37.82 17.47
N GLY C 304 20.49 -37.36 16.23
CA GLY C 304 21.74 -36.70 15.91
C GLY C 304 21.91 -35.38 16.66
N THR C 305 20.84 -34.60 16.76
CA THR C 305 20.87 -33.37 17.54
C THR C 305 21.13 -33.66 19.02
N LEU C 306 20.48 -34.71 19.56
CA LEU C 306 20.73 -35.09 20.93
C LEU C 306 22.18 -35.51 21.14
N ALA C 307 22.73 -36.29 20.20
CA ALA C 307 24.12 -36.72 20.29
C ALA C 307 25.08 -35.54 20.23
N TYR C 308 24.80 -34.57 19.35
CA TYR C 308 25.66 -33.40 19.26
C TYR C 308 25.56 -32.52 20.50
N LEU C 309 24.36 -32.43 21.10
CA LEU C 309 24.23 -31.73 22.37
C LEU C 309 25.03 -32.42 23.47
N TYR C 310 25.00 -33.75 23.50
CA TYR C 310 25.79 -34.48 24.49
C TYR C 310 27.28 -34.29 24.24
N ASP C 311 27.70 -34.28 22.97
CA ASP C 311 29.11 -34.10 22.65
C ASP C 311 29.59 -32.69 22.99
N SER C 312 28.72 -31.69 22.85
CA SER C 312 29.10 -30.31 23.13
C SER C 312 29.42 -30.08 24.60
N PHE C 313 28.94 -30.94 25.48
CA PHE C 313 29.18 -30.77 26.91
C PHE C 313 30.53 -31.38 27.31
N ARG C 328 33.08 -24.57 34.96
CA ARG C 328 32.11 -23.74 34.25
C ARG C 328 31.33 -24.56 33.23
N LYS C 329 30.03 -24.31 33.15
CA LYS C 329 29.17 -24.99 32.17
C LYS C 329 29.27 -24.26 30.84
N VAL C 330 29.84 -24.93 29.85
CA VAL C 330 30.01 -24.37 28.51
C VAL C 330 29.61 -25.41 27.48
N LEU C 331 28.81 -24.99 26.51
CA LEU C 331 28.39 -25.86 25.40
C LEU C 331 29.15 -25.42 24.15
N LYS C 332 30.14 -26.21 23.75
CA LYS C 332 30.99 -25.87 22.62
C LYS C 332 30.46 -26.54 21.35
N LEU C 333 29.27 -26.09 20.94
CA LEU C 333 28.70 -26.54 19.68
C LEU C 333 29.56 -26.09 18.51
N HIS C 334 29.52 -26.87 17.43
CA HIS C 334 30.27 -26.52 16.24
C HIS C 334 29.78 -25.18 15.69
N PRO C 335 30.67 -24.31 15.21
CA PRO C 335 30.22 -22.99 14.73
C PRO C 335 29.20 -23.06 13.62
N CYS C 336 29.27 -24.07 12.74
CA CYS C 336 28.27 -24.21 11.70
C CYS C 336 26.93 -24.72 12.23
N LEU C 337 26.91 -25.27 13.44
CA LEU C 337 25.69 -25.78 14.04
C LEU C 337 25.12 -24.90 15.15
N ALA C 338 25.91 -23.99 15.70
CA ALA C 338 25.46 -23.17 16.81
C ALA C 338 24.23 -22.36 16.39
N PRO C 339 23.16 -22.35 17.19
CA PRO C 339 21.96 -21.59 16.81
C PRO C 339 22.16 -20.08 16.92
N ILE C 340 22.91 -19.66 17.93
CA ILE C 340 23.20 -18.24 18.16
C ILE C 340 24.70 -18.03 17.98
N LYS C 341 25.06 -17.14 17.06
CA LYS C 341 26.46 -16.84 16.79
C LYS C 341 26.92 -15.50 17.34
N VAL C 342 26.07 -14.48 17.26
CA VAL C 342 26.45 -13.13 17.63
C VAL C 342 25.55 -12.65 18.77
N ALA C 343 26.16 -12.12 19.82
CA ALA C 343 25.45 -11.54 20.95
C ALA C 343 25.82 -10.07 21.06
N LEU C 344 24.82 -9.19 21.08
CA LEU C 344 25.02 -7.75 21.15
C LEU C 344 24.68 -7.25 22.55
N ASP C 345 25.58 -6.48 23.13
CA ASP C 345 25.40 -5.93 24.48
C ASP C 345 25.79 -4.46 24.49
N VAL C 346 25.22 -3.73 25.44
CA VAL C 346 25.52 -2.32 25.66
C VAL C 346 26.11 -2.15 27.04
N GLY C 347 26.54 -0.92 27.35
CA GLY C 347 27.12 -0.65 28.64
C GLY C 347 27.39 0.81 28.91
N LYS C 348 27.11 1.25 30.15
CA LYS C 348 27.43 2.58 30.68
C LYS C 348 26.67 3.71 29.98
N GLY C 349 25.78 3.39 29.05
CA GLY C 349 25.01 4.42 28.37
C GLY C 349 25.84 5.16 27.34
N PRO C 350 25.20 6.09 26.61
CA PRO C 350 23.77 6.46 26.65
C PRO C 350 22.89 5.41 26.00
N THR C 351 21.57 5.53 26.12
CA THR C 351 20.67 4.47 25.67
C THR C 351 20.36 4.58 24.18
N VAL C 352 19.90 5.74 23.73
CA VAL C 352 19.38 5.87 22.37
C VAL C 352 20.47 5.65 21.33
N GLU C 353 21.63 6.28 21.53
CA GLU C 353 22.70 6.19 20.53
C GLU C 353 23.27 4.78 20.45
N LEU C 354 23.56 4.18 21.60
CA LEU C 354 24.09 2.81 21.60
C LEU C 354 23.06 1.84 21.02
N ARG C 355 21.80 2.02 21.34
CA ARG C 355 20.80 1.14 20.77
C ARG C 355 20.68 1.32 19.26
N GLN C 356 20.96 2.52 18.77
CA GLN C 356 20.97 2.70 17.33
C GLN C 356 22.23 2.05 16.76
N VAL C 357 23.31 2.03 17.56
CA VAL C 357 24.53 1.37 17.12
C VAL C 357 24.30 -0.12 17.04
N CYS C 358 23.83 -0.71 18.14
CA CYS C 358 23.60 -2.14 18.19
C CYS C 358 22.53 -2.54 17.23
N GLN C 359 21.56 -1.66 17.02
CA GLN C 359 20.47 -1.95 16.09
C GLN C 359 20.99 -2.05 14.66
N GLY C 360 21.90 -1.18 14.29
CA GLY C 360 22.48 -1.24 12.96
C GLY C 360 23.41 -2.43 12.79
N LEU C 361 24.20 -2.74 13.81
CA LEU C 361 25.07 -3.89 13.76
C LEU C 361 24.24 -5.14 13.62
N LEU C 362 22.96 -5.06 13.97
CA LEU C 362 22.08 -6.21 13.88
C LEU C 362 21.45 -6.33 12.50
N ASN C 363 21.00 -5.24 11.91
CA ASN C 363 20.46 -5.38 10.59
C ASN C 363 21.61 -5.78 9.69
N GLU C 364 22.83 -5.42 10.09
CA GLU C 364 23.99 -5.72 9.27
C GLU C 364 24.22 -7.19 9.22
N LEU C 365 24.24 -7.81 10.40
CA LEU C 365 24.46 -9.23 10.48
C LEU C 365 23.24 -10.04 10.04
N LEU C 366 22.05 -9.44 10.00
CA LEU C 366 20.90 -10.21 9.51
C LEU C 366 20.83 -10.21 7.99
N GLU C 367 21.15 -9.06 7.37
CA GLU C 367 21.22 -9.01 5.92
C GLU C 367 22.31 -9.93 5.39
N ASN C 368 23.41 -10.05 6.14
CA ASN C 368 24.52 -10.92 5.73
C ASN C 368 24.12 -12.36 5.85
N GLY C 369 23.14 -12.63 6.69
CA GLY C 369 22.71 -14.00 6.93
C GLY C 369 23.21 -14.63 8.22
N ILE C 370 23.68 -13.84 9.17
CA ILE C 370 24.23 -14.35 10.42
C ILE C 370 23.19 -14.14 11.52
N SER C 371 22.83 -15.23 12.21
CA SER C 371 21.88 -15.14 13.30
C SER C 371 22.49 -14.39 14.48
N VAL C 372 21.72 -13.47 15.06
CA VAL C 372 22.18 -12.63 16.16
C VAL C 372 21.14 -12.64 17.27
N TRP C 373 21.61 -12.76 18.51
CA TRP C 373 20.73 -12.69 19.68
C TRP C 373 20.69 -11.26 20.18
N PRO C 374 19.54 -10.57 20.13
CA PRO C 374 19.49 -9.17 20.57
C PRO C 374 19.52 -9.04 22.08
N GLY C 375 20.71 -9.12 22.68
CA GLY C 375 20.85 -8.99 24.11
C GLY C 375 20.84 -7.58 24.64
N TYR C 376 20.72 -6.58 23.77
CA TYR C 376 20.68 -5.19 24.20
C TYR C 376 19.28 -4.73 24.55
N SER C 377 18.25 -5.33 23.94
CA SER C 377 16.87 -4.95 24.21
C SER C 377 16.37 -5.47 25.56
N GLU C 378 17.14 -6.31 26.25
CA GLU C 378 16.70 -6.86 27.53
C GLU C 378 16.56 -5.73 28.55
N THR C 379 15.41 -5.71 29.24
CA THR C 379 15.18 -4.71 30.26
C THR C 379 16.03 -4.98 31.50
N VAL C 380 16.25 -6.25 31.83
CA VAL C 380 17.03 -6.60 33.01
C VAL C 380 18.49 -6.29 32.76
N HIS C 381 19.12 -5.56 33.69
CA HIS C 381 20.52 -5.18 33.58
C HIS C 381 21.35 -6.18 34.37
N SER C 382 21.53 -7.37 33.79
CA SER C 382 22.30 -8.42 34.42
C SER C 382 23.80 -8.08 34.39
N SER C 383 24.55 -8.73 35.29
CA SER C 383 25.97 -8.49 35.38
C SER C 383 26.70 -9.02 34.15
N LEU C 384 27.91 -8.47 33.93
CA LEU C 384 28.70 -8.88 32.77
C LEU C 384 29.09 -10.35 32.85
N GLU C 385 29.53 -10.81 34.03
CA GLU C 385 29.88 -12.21 34.18
C GLU C 385 28.65 -13.11 34.02
N GLN C 386 27.50 -12.67 34.52
CA GLN C 386 26.27 -13.44 34.33
C GLN C 386 25.90 -13.53 32.86
N LEU C 387 26.04 -12.43 32.12
CA LEU C 387 25.78 -12.46 30.69
C LEU C 387 26.75 -13.38 29.96
N HIS C 388 28.02 -13.35 30.34
CA HIS C 388 29.01 -14.24 29.71
C HIS C 388 28.68 -15.69 29.99
N SER C 389 28.33 -16.02 31.23
CA SER C 389 27.96 -17.40 31.56
C SER C 389 26.73 -17.85 30.80
N LYS C 390 25.72 -16.97 30.72
CA LYS C 390 24.49 -17.32 29.99
C LYS C 390 24.77 -17.55 28.51
N TYR C 391 25.62 -16.71 27.91
CA TYR C 391 25.95 -16.88 26.51
C TYR C 391 26.79 -18.13 26.28
N ASP C 392 27.63 -18.48 27.26
CA ASP C 392 28.39 -19.72 27.16
C ASP C 392 27.40 -20.87 27.15
N GLU C 393 26.46 -20.87 28.09
CA GLU C 393 25.50 -21.95 28.18
C GLU C 393 24.69 -22.09 26.89
N MET C 394 24.34 -20.95 26.28
CA MET C 394 23.53 -20.95 25.05
C MET C 394 24.35 -21.18 23.79
N SER C 395 25.62 -21.54 23.93
CA SER C 395 26.50 -21.85 22.80
C SER C 395 26.59 -20.67 21.82
N VAL C 396 26.83 -19.48 22.37
CA VAL C 396 27.00 -18.29 21.55
C VAL C 396 28.44 -18.24 21.06
N LEU C 397 28.61 -18.08 19.75
CA LEU C 397 29.95 -18.08 19.17
C LEU C 397 30.76 -16.88 19.63
N PHE C 398 30.29 -15.66 19.34
CA PHE C 398 31.00 -14.45 19.68
C PHE C 398 30.06 -13.44 20.33
N SER C 399 30.54 -12.81 21.41
CA SER C 399 29.80 -11.76 22.09
C SER C 399 30.36 -10.41 21.72
N VAL C 400 29.46 -9.44 21.50
CA VAL C 400 29.83 -8.09 21.10
C VAL C 400 29.39 -7.14 22.20
N LEU C 401 30.31 -6.31 22.68
CA LEU C 401 30.04 -5.32 23.72
C LEU C 401 30.22 -3.93 23.13
N VAL C 402 29.20 -3.09 23.29
CA VAL C 402 29.19 -1.73 22.77
C VAL C 402 29.19 -0.77 23.95
N THR C 403 30.22 0.07 24.03
CA THR C 403 30.37 0.99 25.15
C THR C 403 30.56 2.42 24.66
N GLU C 404 30.91 3.33 25.58
CA GLU C 404 31.16 4.72 25.20
C GLU C 404 32.33 4.84 24.24
N THR C 405 33.32 3.95 24.35
CA THR C 405 34.44 3.95 23.43
C THR C 405 33.98 3.69 22.00
N THR C 406 32.94 2.88 21.83
CA THR C 406 32.40 2.63 20.49
C THR C 406 31.84 3.91 19.88
N LEU C 407 31.14 4.73 20.68
CA LEU C 407 30.69 6.02 20.21
C LEU C 407 31.88 6.93 19.93
N GLU C 408 32.92 6.85 20.77
CA GLU C 408 34.08 7.72 20.60
C GLU C 408 34.90 7.31 19.38
N ASN C 409 35.39 6.07 19.36
CA ASN C 409 36.27 5.60 18.30
C ASN C 409 35.58 4.73 17.25
N GLY C 410 34.71 3.81 17.68
CA GLY C 410 34.09 2.86 16.78
C GLY C 410 34.47 1.42 17.01
N LEU C 411 35.21 1.12 18.06
CA LEU C 411 35.63 -0.25 18.36
C LEU C 411 34.59 -0.95 19.22
N ILE C 412 34.33 -2.22 18.89
CA ILE C 412 33.41 -3.06 19.65
C ILE C 412 34.19 -4.25 20.19
N GLN C 413 34.06 -4.49 21.49
CA GLN C 413 34.79 -5.59 22.11
C GLN C 413 34.17 -6.92 21.72
N LEU C 414 35.01 -7.83 21.24
CA LEU C 414 34.57 -9.14 20.76
C LEU C 414 35.15 -10.22 21.67
N ARG C 415 34.27 -11.09 22.19
CA ARG C 415 34.66 -12.17 23.08
C ARG C 415 34.44 -13.51 22.37
N SER C 416 35.46 -14.35 22.39
CA SER C 416 35.41 -15.67 21.78
C SER C 416 35.03 -16.71 22.83
N ARG C 417 34.01 -17.52 22.52
CA ARG C 417 33.57 -18.54 23.47
C ARG C 417 34.63 -19.60 23.72
N ASP C 418 35.33 -20.02 22.66
CA ASP C 418 36.31 -21.10 22.79
C ASP C 418 37.49 -20.69 23.66
N THR C 419 38.07 -19.53 23.38
CA THR C 419 39.28 -19.11 24.11
C THR C 419 38.98 -18.27 25.33
N THR C 420 37.77 -17.76 25.44
CA THR C 420 37.37 -16.93 26.59
C THR C 420 38.29 -15.73 26.77
N MET C 421 38.54 -15.03 25.66
CA MET C 421 39.40 -13.86 25.65
C MET C 421 38.66 -12.67 25.04
N LYS C 422 38.98 -11.48 25.54
CA LYS C 422 38.31 -10.26 25.12
C LYS C 422 39.24 -9.46 24.21
N GLU C 423 38.75 -9.12 23.02
CA GLU C 423 39.53 -8.41 22.02
C GLU C 423 38.70 -7.28 21.42
N MET C 424 39.39 -6.21 21.04
CA MET C 424 38.74 -5.06 20.41
C MET C 424 38.81 -5.18 18.89
N MET C 425 37.77 -4.68 18.23
CA MET C 425 37.68 -4.76 16.79
C MET C 425 36.75 -3.65 16.30
N HIS C 426 37.04 -3.12 15.11
CA HIS C 426 36.21 -2.09 14.52
C HIS C 426 34.89 -2.67 14.02
N ILE C 427 33.88 -1.80 13.93
CA ILE C 427 32.55 -2.25 13.51
C ILE C 427 32.58 -2.74 12.07
N SER C 428 33.27 -2.01 11.19
CA SER C 428 33.25 -2.35 9.77
C SER C 428 33.86 -3.72 9.49
N LYS C 429 34.77 -4.19 10.35
CA LYS C 429 35.45 -5.45 10.14
C LYS C 429 34.78 -6.62 10.87
N LEU C 430 33.68 -6.38 11.59
CA LEU C 430 33.03 -7.46 12.32
C LEU C 430 32.35 -8.42 11.37
N ARG C 431 31.60 -7.91 10.39
CA ARG C 431 30.89 -8.77 9.45
C ARG C 431 31.85 -9.66 8.68
N ASP C 432 32.93 -9.08 8.15
CA ASP C 432 33.89 -9.86 7.38
C ASP C 432 34.56 -10.92 8.25
N PHE C 433 34.91 -10.56 9.50
CA PHE C 433 35.52 -11.53 10.41
C PHE C 433 34.57 -12.68 10.69
N LEU C 434 33.30 -12.38 10.95
CA LEU C 434 32.33 -13.43 11.22
C LEU C 434 32.15 -14.34 10.01
N VAL C 435 32.05 -13.75 8.81
CA VAL C 435 31.87 -14.55 7.60
C VAL C 435 33.08 -15.44 7.36
N LYS C 436 34.27 -14.91 7.61
CA LYS C 436 35.46 -15.68 7.39
C LYS C 436 35.50 -16.82 8.37
N TYR C 437 35.23 -16.53 9.63
CA TYR C 437 35.25 -17.57 10.65
C TYR C 437 34.27 -18.69 10.32
N LEU C 438 33.06 -18.33 9.88
CA LEU C 438 32.08 -19.36 9.51
C LEU C 438 32.57 -20.16 8.31
N ALA C 439 33.16 -19.50 7.32
CA ALA C 439 33.67 -20.20 6.14
C ALA C 439 34.79 -21.17 6.52
N SER C 440 35.66 -20.71 7.42
CA SER C 440 36.77 -21.54 7.85
C SER C 440 36.27 -22.80 8.51
N ALA C 441 35.34 -22.66 9.45
CA ALA C 441 34.81 -23.82 10.15
C ALA C 441 34.18 -24.79 9.18
N SER C 442 33.50 -24.27 8.17
CA SER C 442 32.81 -25.13 7.22
C SER C 442 33.78 -25.87 6.33
N ASN C 443 35.07 -25.76 6.63
CA ASN C 443 36.10 -26.43 5.83
C ASN C 443 37.42 -26.48 6.58
CA CA F . -25.38 21.56 -5.41
N1 DCP G . -19.96 25.16 -11.17
C2 DCP G . -19.26 25.74 -12.24
N3 DCP G . -19.20 25.13 -13.43
C4 DCP G . -19.81 23.93 -13.62
C5 DCP G . -20.50 23.34 -12.57
C6 DCP G . -20.57 23.97 -11.34
O2 DCP G . -18.69 26.84 -12.07
N4 DCP G . -19.75 23.32 -14.82
C1' DCP G . -20.02 25.83 -9.87
C2' DCP G . -21.35 26.53 -9.70
C3' DCP G . -22.03 25.81 -8.56
C4' DCP G . -20.97 24.95 -7.91
O4' DCP G . -19.88 24.86 -8.82
O3' DCP G . -22.56 26.75 -7.62
C5' DCP G . -21.50 23.56 -7.61
O5' DCP G . -22.05 23.02 -8.81
PA DCP G . -22.13 21.42 -9.03
O1A DCP G . -21.57 20.76 -7.79
O2A DCP G . -21.55 21.10 -10.38
O3A DCP G . -23.71 21.17 -9.08
PB DCP G . -24.64 21.96 -10.12
O1B DCP G . -25.04 23.26 -9.47
O2B DCP G . -23.97 21.96 -11.47
O3B DCP G . -25.94 21.01 -10.20
PG DCP G . -25.90 19.64 -11.04
O1G DCP G . -24.63 18.97 -10.59
O2G DCP G . -27.17 18.93 -10.63
O3G DCP G . -25.89 20.10 -12.48
CA CA H . 0.86 37.86 6.74
#